data_9EYM
#
_entry.id   9EYM
#
_cell.length_a   1.00
_cell.length_b   1.00
_cell.length_c   1.00
_cell.angle_alpha   90.00
_cell.angle_beta   90.00
_cell.angle_gamma   90.00
#
_symmetry.space_group_name_H-M   'P 1'
#
loop_
_entity.id
_entity.type
_entity.pdbx_description
1 polymer Actinoporin
2 non-polymer 'Sphingomyelin C18'
#
_entity_poly.entity_id   1
_entity_poly.type   'polypeptide(L)'
_entity_poly.pdbx_seq_one_letter_code
;GHMSAPIKANDPNGEVLEEMPKTKRGAEALLADVGLAHFPEMVPNRQELRALLKRSHNAEAIPQEPMDLENLDSEKRAAR
IAAGTIIAGAELTIGLLQNLLDVLANVNRKCAVGVDNESGFRWQEGSTYFFSGTADENLPYSVSDGYAVLYGPRKTNGPV
ATGVVGVLAYYIPSIGKTLAVMWSVPFDYNFYQNWWNAKLYSGNQDADYDHYVDLYYDANPFKANGWHERSLGSGLKFCG
SMSSSGQATLEIHVLKESETCM
;
_entity_poly.pdbx_strand_id   A,B,C,D,E,F,G,H
#
loop_
_chem_comp.id
_chem_comp.type
_chem_comp.name
_chem_comp.formula
A1H8M non-polymer 'Sphingomyelin C18' 'C41 H84 N2 O6 P 1'
#
# COMPACT_ATOMS: atom_id res chain seq x y z
N ALA A 82 1.52 -48.25 14.29
CA ALA A 82 1.75 -48.92 13.02
C ALA A 82 1.36 -48.06 11.85
N ALA A 83 0.04 -47.90 11.66
CA ALA A 83 -0.49 -47.09 10.57
C ALA A 83 -0.14 -45.63 10.70
N GLY A 84 0.31 -45.22 11.87
CA GLY A 84 0.68 -43.82 12.10
C GLY A 84 1.68 -43.28 11.10
N THR A 85 2.76 -44.01 10.88
CA THR A 85 3.79 -43.57 9.96
C THR A 85 3.33 -43.77 8.53
N ILE A 86 2.23 -44.49 8.36
CA ILE A 86 1.69 -44.67 7.04
C ILE A 86 0.93 -43.40 6.76
N ILE A 87 0.52 -42.70 7.81
CA ILE A 87 -0.09 -41.42 7.62
C ILE A 87 1.07 -40.50 7.33
N ALA A 88 2.16 -40.63 8.09
CA ALA A 88 3.38 -39.88 7.76
C ALA A 88 3.78 -39.99 6.28
N GLY A 89 3.62 -41.16 5.65
CA GLY A 89 3.85 -41.35 4.21
C GLY A 89 2.81 -40.62 3.34
N ALA A 90 1.56 -40.59 3.77
CA ALA A 90 0.51 -39.79 3.15
C ALA A 90 0.81 -38.29 3.26
N GLU A 91 1.28 -37.82 4.42
CA GLU A 91 1.68 -36.43 4.60
C GLU A 91 2.84 -36.01 3.69
N LEU A 92 3.90 -36.82 3.56
CA LEU A 92 4.98 -36.54 2.62
C LEU A 92 4.48 -36.53 1.16
N THR A 93 3.60 -37.45 0.79
CA THR A 93 3.01 -37.52 -0.55
C THR A 93 2.15 -36.28 -0.86
N ILE A 94 1.23 -35.92 0.03
CA ILE A 94 0.34 -34.76 -0.14
C ILE A 94 1.14 -33.45 -0.12
N GLY A 95 2.17 -33.33 0.70
CA GLY A 95 3.07 -32.17 0.69
C GLY A 95 3.77 -31.98 -0.65
N LEU A 96 4.32 -33.04 -1.22
CA LEU A 96 4.92 -32.99 -2.56
C LEU A 96 3.89 -32.70 -3.66
N LEU A 97 2.69 -33.28 -3.57
CA LEU A 97 1.63 -33.03 -4.55
C LEU A 97 1.05 -31.61 -4.49
N GLN A 98 0.74 -31.05 -3.35
CA GLN A 98 0.28 -29.66 -3.25
C GLN A 98 1.36 -28.72 -3.76
N ASN A 99 2.65 -28.96 -3.50
CA ASN A 99 3.70 -28.14 -4.11
C ASN A 99 3.69 -28.26 -5.64
N LEU A 100 3.51 -29.46 -6.21
CA LEU A 100 3.38 -29.61 -7.66
C LEU A 100 2.20 -28.80 -8.21
N LEU A 101 1.01 -28.95 -7.62
CA LEU A 101 -0.17 -28.26 -8.13
C LEU A 101 -0.08 -26.74 -7.93
N ASP A 102 0.51 -26.24 -6.86
CA ASP A 102 0.77 -24.79 -6.75
C ASP A 102 1.82 -24.30 -7.77
N VAL A 103 2.83 -25.08 -8.16
CA VAL A 103 3.73 -24.68 -9.25
C VAL A 103 3.01 -24.65 -10.61
N LEU A 104 2.33 -25.73 -11.01
CA LEU A 104 1.61 -25.78 -12.28
C LEU A 104 0.48 -24.74 -12.35
N ALA A 105 -0.10 -24.34 -11.21
CA ALA A 105 -1.06 -23.25 -11.16
C ALA A 105 -0.40 -21.88 -11.37
N ASN A 106 0.72 -21.59 -10.69
CA ASN A 106 1.36 -20.27 -10.72
C ASN A 106 2.18 -20.00 -11.99
N VAL A 107 2.63 -21.02 -12.72
CA VAL A 107 3.25 -20.85 -14.04
C VAL A 107 2.26 -20.16 -14.99
N ASN A 108 2.64 -18.98 -15.49
CA ASN A 108 1.79 -18.13 -16.32
C ASN A 108 2.30 -18.10 -17.77
N ARG A 109 1.40 -18.30 -18.73
CA ARG A 109 1.68 -18.26 -20.14
C ARG A 109 0.64 -17.35 -20.70
N LYS A 110 0.99 -16.48 -21.59
CA LYS A 110 0.08 -15.57 -22.29
C LYS A 110 0.69 -15.08 -23.59
N CYS A 111 -0.16 -14.61 -24.49
CA CYS A 111 0.26 -13.85 -25.65
C CYS A 111 -0.47 -12.51 -25.62
N ALA A 112 0.20 -11.39 -25.82
CA ALA A 112 -0.43 -10.16 -26.27
C ALA A 112 -0.39 -10.20 -27.79
N VAL A 113 -1.53 -10.23 -28.46
CA VAL A 113 -1.64 -10.39 -29.91
C VAL A 113 -2.11 -9.09 -30.54
N GLY A 114 -1.16 -8.27 -30.98
CA GLY A 114 -1.43 -7.04 -31.71
C GLY A 114 -1.41 -7.28 -33.21
N VAL A 115 -2.53 -7.11 -33.90
CA VAL A 115 -2.63 -7.23 -35.36
C VAL A 115 -3.13 -5.92 -35.94
N ASP A 116 -2.29 -5.22 -36.70
CA ASP A 116 -2.51 -3.84 -37.13
C ASP A 116 -2.92 -3.80 -38.60
N ASN A 117 -4.08 -3.21 -38.89
CA ASN A 117 -4.66 -3.18 -40.22
C ASN A 117 -4.25 -1.91 -40.98
N GLU A 118 -3.15 -1.96 -41.71
CA GLU A 118 -2.77 -0.94 -42.69
C GLU A 118 -3.13 -1.37 -44.13
N SER A 119 -4.02 -2.35 -44.30
CA SER A 119 -4.28 -3.02 -45.58
C SER A 119 -5.15 -2.23 -46.57
N GLY A 120 -5.74 -1.11 -46.15
CA GLY A 120 -6.71 -0.36 -46.95
C GLY A 120 -8.12 -0.95 -46.99
N PHE A 121 -8.35 -2.12 -46.38
CA PHE A 121 -9.64 -2.81 -46.37
C PHE A 121 -10.15 -3.05 -44.95
N ARG A 122 -11.45 -2.88 -44.72
CA ARG A 122 -12.10 -3.14 -43.42
C ARG A 122 -12.27 -4.65 -43.19
N TRP A 123 -11.90 -5.11 -42.01
CA TRP A 123 -12.06 -6.50 -41.56
C TRP A 123 -13.32 -6.64 -40.71
N GLN A 124 -14.01 -7.78 -40.71
CA GLN A 124 -15.24 -7.97 -39.93
C GLN A 124 -15.46 -9.41 -39.48
N GLU A 125 -16.39 -9.61 -38.54
CA GLU A 125 -16.82 -10.91 -38.02
C GLU A 125 -15.70 -11.67 -37.31
N GLY A 126 -15.03 -11.01 -36.38
CA GLY A 126 -13.92 -11.56 -35.62
C GLY A 126 -14.25 -12.91 -34.98
N SER A 127 -13.55 -13.95 -35.40
CA SER A 127 -13.73 -15.35 -35.01
C SER A 127 -12.49 -15.85 -34.28
N THR A 128 -12.62 -16.74 -33.30
CA THR A 128 -11.46 -17.27 -32.56
C THR A 128 -11.57 -18.76 -32.28
N TYR A 129 -10.45 -19.45 -32.27
CA TYR A 129 -10.35 -20.83 -31.86
C TYR A 129 -9.20 -21.00 -30.87
N PHE A 130 -9.40 -21.79 -29.81
CA PHE A 130 -8.34 -22.16 -28.89
C PHE A 130 -8.13 -23.67 -28.89
N PHE A 131 -6.92 -24.10 -29.24
CA PHE A 131 -6.46 -25.46 -28.97
C PHE A 131 -6.06 -25.58 -27.49
N SER A 132 -5.47 -24.53 -26.93
CA SER A 132 -5.15 -24.41 -25.51
C SER A 132 -5.35 -22.97 -25.06
N GLY A 133 -5.82 -22.76 -23.83
CA GLY A 133 -6.01 -21.42 -23.28
C GLY A 133 -7.37 -20.80 -23.61
N THR A 134 -7.52 -19.53 -23.25
CA THR A 134 -8.75 -18.73 -23.34
C THR A 134 -8.40 -17.24 -23.40
N ALA A 135 -9.37 -16.34 -23.59
CA ALA A 135 -9.18 -14.90 -23.37
C ALA A 135 -10.35 -14.29 -22.59
N ASP A 136 -10.08 -13.34 -21.70
CA ASP A 136 -11.09 -12.65 -20.85
C ASP A 136 -11.82 -11.49 -21.55
N GLU A 137 -11.68 -11.36 -22.87
CA GLU A 137 -12.21 -10.25 -23.67
C GLU A 137 -12.65 -10.73 -25.05
N ASN A 138 -13.49 -9.96 -25.72
CA ASN A 138 -13.90 -10.25 -27.10
C ASN A 138 -12.92 -9.62 -28.09
N LEU A 139 -12.84 -10.14 -29.30
CA LEU A 139 -12.31 -9.39 -30.43
C LEU A 139 -13.17 -8.16 -30.72
N PRO A 140 -12.65 -7.09 -31.33
CA PRO A 140 -13.48 -6.13 -32.03
C PRO A 140 -14.35 -6.82 -33.08
N TYR A 141 -15.59 -6.38 -33.30
CA TYR A 141 -16.40 -6.95 -34.39
C TYR A 141 -15.74 -6.72 -35.75
N SER A 142 -15.17 -5.54 -35.93
CA SER A 142 -14.54 -5.11 -37.17
C SER A 142 -13.29 -4.28 -36.92
N VAL A 143 -12.43 -4.19 -37.93
CA VAL A 143 -11.18 -3.43 -37.87
C VAL A 143 -11.08 -2.59 -39.14
N SER A 144 -11.38 -1.31 -39.04
CA SER A 144 -11.21 -0.35 -40.13
C SER A 144 -9.74 -0.04 -40.40
N ASP A 145 -9.42 0.51 -41.57
CA ASP A 145 -8.04 0.82 -41.97
C ASP A 145 -7.40 1.85 -41.03
N GLY A 146 -6.20 1.57 -40.52
CA GLY A 146 -5.47 2.42 -39.58
C GLY A 146 -5.76 2.13 -38.10
N TYR A 147 -6.32 0.96 -37.78
CA TYR A 147 -6.62 0.52 -36.41
C TYR A 147 -6.16 -0.92 -36.17
N ALA A 148 -5.94 -1.29 -34.91
CA ALA A 148 -5.35 -2.57 -34.53
C ALA A 148 -6.29 -3.42 -33.65
N VAL A 149 -6.30 -4.73 -33.88
CA VAL A 149 -6.76 -5.72 -32.92
C VAL A 149 -5.74 -5.80 -31.80
N LEU A 150 -6.14 -5.51 -30.57
CA LEU A 150 -5.37 -5.88 -29.38
C LEU A 150 -6.16 -6.98 -28.67
N TYR A 151 -5.53 -8.13 -28.50
CA TYR A 151 -6.17 -9.31 -27.92
C TYR A 151 -5.22 -10.00 -26.95
N GLY A 152 -5.70 -10.45 -25.79
CA GLY A 152 -4.88 -10.95 -24.70
C GLY A 152 -5.18 -12.40 -24.30
N PRO A 153 -4.96 -13.38 -25.17
CA PRO A 153 -5.14 -14.78 -24.85
C PRO A 153 -4.12 -15.30 -23.82
N ARG A 154 -4.57 -16.19 -22.94
CA ARG A 154 -3.83 -16.67 -21.76
C ARG A 154 -4.06 -18.15 -21.49
N LYS A 155 -3.18 -18.77 -20.70
CA LYS A 155 -3.33 -20.13 -20.18
C LYS A 155 -4.57 -20.27 -19.31
N THR A 156 -5.20 -21.45 -19.30
CA THR A 156 -6.33 -21.76 -18.41
C THR A 156 -5.90 -21.73 -16.94
N ASN A 157 -6.70 -21.15 -16.04
CA ASN A 157 -6.36 -21.08 -14.62
C ASN A 157 -6.43 -22.46 -13.95
N GLY A 158 -5.70 -22.61 -12.84
CA GLY A 158 -5.48 -23.90 -12.19
C GLY A 158 -4.30 -24.68 -12.78
N PRO A 159 -3.97 -25.86 -12.23
CA PRO A 159 -2.81 -26.65 -12.61
C PRO A 159 -3.00 -27.45 -13.92
N VAL A 160 -3.31 -26.76 -15.02
CA VAL A 160 -3.72 -27.40 -16.28
C VAL A 160 -2.56 -27.95 -17.13
N ALA A 161 -1.35 -27.42 -16.99
CA ALA A 161 -0.15 -27.85 -17.72
C ALA A 161 -0.25 -27.79 -19.27
N THR A 162 -1.03 -26.85 -19.80
CA THR A 162 -1.13 -26.52 -21.23
C THR A 162 -0.87 -25.03 -21.45
N GLY A 163 -0.31 -24.66 -22.60
CA GLY A 163 0.02 -23.27 -22.92
C GLY A 163 -1.14 -22.47 -23.51
N VAL A 164 -0.83 -21.48 -24.34
CA VAL A 164 -1.80 -20.75 -25.15
C VAL A 164 -1.58 -21.10 -26.61
N VAL A 165 -2.61 -21.57 -27.30
CA VAL A 165 -2.49 -21.99 -28.70
C VAL A 165 -3.82 -21.72 -29.35
N GLY A 166 -3.85 -20.92 -30.39
CA GLY A 166 -5.10 -20.53 -30.98
C GLY A 166 -4.96 -19.81 -32.29
N VAL A 167 -6.12 -19.55 -32.90
CA VAL A 167 -6.28 -18.84 -34.15
C VAL A 167 -7.25 -17.69 -33.91
N LEU A 168 -7.03 -16.53 -34.53
CA LEU A 168 -8.06 -15.51 -34.70
C LEU A 168 -8.21 -15.26 -36.18
N ALA A 169 -9.44 -15.05 -36.66
CA ALA A 169 -9.71 -14.82 -38.07
C ALA A 169 -10.78 -13.75 -38.29
N TYR A 170 -10.64 -13.00 -39.37
CA TYR A 170 -11.57 -11.96 -39.79
C TYR A 170 -11.91 -12.12 -41.26
N TYR A 171 -13.14 -11.87 -41.66
CA TYR A 171 -13.51 -11.76 -43.05
C TYR A 171 -13.11 -10.40 -43.61
N ILE A 172 -12.60 -10.36 -44.84
CA ILE A 172 -12.24 -9.15 -45.58
C ILE A 172 -13.14 -9.08 -46.83
N PRO A 173 -14.33 -8.46 -46.74
CA PRO A 173 -15.31 -8.47 -47.83
C PRO A 173 -14.82 -7.78 -49.11
N SER A 174 -13.92 -6.81 -49.02
CA SER A 174 -13.34 -6.12 -50.18
C SER A 174 -12.49 -7.00 -51.10
N ILE A 175 -12.08 -8.20 -50.64
CA ILE A 175 -11.34 -9.19 -51.44
C ILE A 175 -11.97 -10.58 -51.44
N GLY A 176 -13.02 -10.82 -50.64
CA GLY A 176 -13.74 -12.10 -50.59
C GLY A 176 -12.98 -13.24 -49.91
N LYS A 177 -12.10 -12.91 -48.96
CA LYS A 177 -11.20 -13.86 -48.27
C LYS A 177 -11.18 -13.58 -46.77
N THR A 178 -10.73 -14.53 -45.96
CA THR A 178 -10.57 -14.35 -44.52
C THR A 178 -9.11 -14.42 -44.09
N LEU A 179 -8.64 -13.38 -43.41
CA LEU A 179 -7.32 -13.37 -42.78
C LEU A 179 -7.39 -14.16 -41.49
N ALA A 180 -6.53 -15.16 -41.33
CA ALA A 180 -6.32 -15.85 -40.07
C ALA A 180 -4.91 -15.63 -39.56
N VAL A 181 -4.75 -15.55 -38.24
CA VAL A 181 -3.50 -15.42 -37.52
C VAL A 181 -3.46 -16.51 -36.47
N MET A 182 -2.33 -17.21 -36.34
CA MET A 182 -2.13 -18.28 -35.37
C MET A 182 -0.97 -17.93 -34.46
N TRP A 183 -1.08 -18.30 -33.19
CA TRP A 183 0.04 -18.25 -32.27
C TRP A 183 0.07 -19.53 -31.45
N SER A 184 1.26 -19.93 -31.05
CA SER A 184 1.49 -20.99 -30.10
C SER A 184 2.51 -20.51 -29.09
N VAL A 185 2.16 -20.59 -27.80
CA VAL A 185 2.97 -20.23 -26.66
C VAL A 185 2.90 -21.40 -25.67
N PRO A 186 3.75 -22.43 -25.82
CA PRO A 186 3.65 -23.69 -25.10
C PRO A 186 3.72 -23.59 -23.57
N PHE A 187 3.27 -24.64 -22.89
CA PHE A 187 3.71 -24.88 -21.52
C PHE A 187 5.14 -25.41 -21.48
N ASP A 188 5.49 -26.41 -22.30
CA ASP A 188 6.73 -27.17 -22.13
C ASP A 188 7.82 -26.85 -23.15
N TYR A 189 8.68 -25.88 -22.82
CA TYR A 189 9.79 -25.46 -23.67
C TYR A 189 10.91 -26.49 -23.86
N ASN A 190 10.87 -27.63 -23.18
CA ASN A 190 11.79 -28.73 -23.46
C ASN A 190 11.48 -29.40 -24.81
N PHE A 191 10.22 -29.34 -25.27
CA PHE A 191 9.74 -30.06 -26.45
C PHE A 191 9.16 -29.13 -27.52
N TYR A 192 8.84 -27.90 -27.17
CA TYR A 192 8.17 -26.92 -28.02
C TYR A 192 8.82 -25.53 -27.90
N GLN A 193 8.46 -24.63 -28.79
CA GLN A 193 8.87 -23.22 -28.77
C GLN A 193 7.72 -22.35 -29.27
N ASN A 194 7.85 -21.04 -29.16
CA ASN A 194 6.84 -20.12 -29.67
C ASN A 194 6.82 -20.14 -31.21
N TRP A 195 5.64 -20.25 -31.79
CA TRP A 195 5.42 -20.17 -33.23
C TRP A 195 4.28 -19.23 -33.53
N TRP A 196 4.29 -18.60 -34.69
CA TRP A 196 3.15 -17.83 -35.21
C TRP A 196 3.07 -17.97 -36.73
N ASN A 197 1.93 -17.65 -37.31
CA ASN A 197 1.72 -17.63 -38.75
C ASN A 197 0.53 -16.74 -39.09
N ALA A 198 0.40 -16.35 -40.35
CA ALA A 198 -0.77 -15.69 -40.89
C ALA A 198 -1.00 -16.09 -42.35
N LYS A 199 -2.25 -16.17 -42.78
CA LYS A 199 -2.61 -16.49 -44.18
C LYS A 199 -4.02 -16.02 -44.52
N LEU A 200 -4.31 -15.83 -45.81
CA LEU A 200 -5.67 -15.64 -46.33
C LEU A 200 -6.28 -16.98 -46.79
N TYR A 201 -7.55 -17.22 -46.47
CA TYR A 201 -8.35 -18.33 -46.98
C TYR A 201 -9.53 -17.83 -47.82
N SER A 202 -9.95 -18.59 -48.82
CA SER A 202 -11.04 -18.19 -49.72
C SER A 202 -12.41 -18.19 -49.02
N GLY A 203 -13.21 -17.14 -49.23
CA GLY A 203 -14.53 -16.99 -48.64
C GLY A 203 -14.52 -16.69 -47.14
N ASN A 204 -15.72 -16.47 -46.58
CA ASN A 204 -15.91 -16.34 -45.13
C ASN A 204 -15.80 -17.72 -44.45
N GLN A 205 -14.94 -17.85 -43.46
CA GLN A 205 -14.75 -19.07 -42.68
C GLN A 205 -14.60 -18.75 -41.18
N ASP A 206 -15.23 -19.53 -40.31
CA ASP A 206 -14.95 -19.49 -38.87
C ASP A 206 -13.53 -20.01 -38.59
N ALA A 207 -12.85 -19.47 -37.59
CA ALA A 207 -11.63 -20.10 -37.07
C ALA A 207 -11.97 -21.42 -36.38
N ASP A 208 -11.29 -22.51 -36.73
CA ASP A 208 -11.42 -23.80 -36.07
C ASP A 208 -10.14 -24.64 -36.20
N TYR A 209 -10.19 -25.90 -35.75
CA TYR A 209 -9.03 -26.78 -35.70
C TYR A 209 -8.34 -26.97 -37.06
N ASP A 210 -9.08 -26.92 -38.18
CA ASP A 210 -8.47 -27.16 -39.49
C ASP A 210 -7.64 -25.97 -39.96
N HIS A 211 -7.94 -24.74 -39.50
CA HIS A 211 -7.04 -23.59 -39.67
C HIS A 211 -5.83 -23.72 -38.76
N TYR A 212 -5.98 -24.19 -37.53
CA TYR A 212 -4.84 -24.41 -36.65
C TYR A 212 -3.86 -25.41 -37.27
N VAL A 213 -4.34 -26.55 -37.76
CA VAL A 213 -3.50 -27.55 -38.42
C VAL A 213 -2.81 -26.99 -39.66
N ASP A 214 -3.54 -26.28 -40.52
CA ASP A 214 -2.94 -25.67 -41.71
C ASP A 214 -1.89 -24.61 -41.35
N LEU A 215 -2.18 -23.68 -40.44
CA LEU A 215 -1.23 -22.63 -40.03
C LEU A 215 -0.04 -23.16 -39.24
N TYR A 216 -0.20 -24.21 -38.44
CA TYR A 216 0.87 -24.73 -37.58
C TYR A 216 1.72 -25.84 -38.19
N TYR A 217 1.19 -26.64 -39.11
CA TYR A 217 1.96 -27.73 -39.75
C TYR A 217 2.19 -27.53 -41.24
N ASP A 218 1.16 -27.17 -41.99
CA ASP A 218 1.20 -27.23 -43.46
C ASP A 218 1.69 -25.94 -44.13
N ALA A 219 1.54 -24.79 -43.48
CA ALA A 219 1.81 -23.46 -44.04
C ALA A 219 3.08 -22.77 -43.50
N ASN A 220 4.02 -23.54 -42.97
CA ASN A 220 5.36 -23.09 -42.56
C ASN A 220 5.35 -21.87 -41.61
N PRO A 221 5.05 -22.06 -40.32
CA PRO A 221 5.04 -20.98 -39.34
C PRO A 221 6.44 -20.41 -39.06
N PHE A 222 6.51 -19.26 -38.40
CA PHE A 222 7.73 -18.58 -38.01
C PHE A 222 8.09 -18.83 -36.55
N LYS A 223 9.38 -18.93 -36.26
CA LYS A 223 9.92 -18.93 -34.90
C LYS A 223 9.87 -17.53 -34.29
N ALA A 224 9.92 -17.45 -32.97
CA ALA A 224 9.97 -16.20 -32.23
C ALA A 224 11.40 -15.65 -32.12
N ASN A 225 12.01 -15.29 -33.25
CA ASN A 225 13.42 -14.92 -33.37
C ASN A 225 13.64 -13.62 -34.16
N GLY A 226 12.78 -12.63 -33.94
CA GLY A 226 12.82 -11.33 -34.62
C GLY A 226 11.79 -11.19 -35.74
N TRP A 227 11.89 -10.12 -36.52
CA TRP A 227 10.91 -9.75 -37.55
C TRP A 227 11.00 -10.60 -38.80
N HIS A 228 9.85 -11.02 -39.31
CA HIS A 228 9.67 -11.73 -40.58
C HIS A 228 8.63 -11.06 -41.43
N GLU A 229 8.71 -11.18 -42.75
CA GLU A 229 7.77 -10.60 -43.71
C GLU A 229 7.35 -11.65 -44.75
N ARG A 230 6.10 -11.65 -45.20
CA ARG A 230 5.59 -12.57 -46.23
C ARG A 230 4.39 -11.95 -46.97
N SER A 231 4.20 -12.31 -48.23
CA SER A 231 2.99 -11.97 -48.99
C SER A 231 1.79 -12.82 -48.56
N LEU A 232 0.60 -12.23 -48.58
CA LEU A 232 -0.67 -12.95 -48.39
C LEU A 232 -1.32 -13.38 -49.71
N GLY A 233 -0.87 -12.83 -50.84
CA GLY A 233 -1.65 -12.78 -52.07
C GLY A 233 -2.68 -11.65 -52.05
N SER A 234 -3.50 -11.54 -53.10
CA SER A 234 -4.59 -10.54 -53.19
C SER A 234 -4.15 -9.07 -52.99
N GLY A 235 -2.90 -8.77 -53.30
CA GLY A 235 -2.28 -7.44 -53.12
C GLY A 235 -1.84 -7.11 -51.69
N LEU A 236 -1.96 -8.03 -50.74
CA LEU A 236 -1.62 -7.81 -49.33
C LEU A 236 -0.36 -8.56 -48.90
N LYS A 237 0.21 -8.07 -47.81
CA LYS A 237 1.49 -8.49 -47.24
C LYS A 237 1.41 -8.37 -45.72
N PHE A 238 2.20 -9.10 -44.97
CA PHE A 238 2.38 -8.82 -43.55
C PHE A 238 3.85 -8.86 -43.16
N CYS A 239 4.21 -8.08 -42.15
CA CYS A 239 5.42 -8.26 -41.38
C CYS A 239 5.03 -8.44 -39.92
N GLY A 240 5.74 -9.28 -39.18
CA GLY A 240 5.45 -9.45 -37.77
C GLY A 240 6.62 -10.04 -37.00
N SER A 241 6.53 -10.03 -35.69
CA SER A 241 7.49 -10.69 -34.82
C SER A 241 6.81 -11.19 -33.56
N MET A 242 7.44 -12.15 -32.90
CA MET A 242 6.98 -12.71 -31.66
C MET A 242 8.13 -12.79 -30.65
N SER A 243 7.86 -12.47 -29.41
CA SER A 243 8.81 -12.61 -28.37
C SER A 243 8.93 -14.04 -28.12
N SER A 244 10.07 -14.46 -27.64
CA SER A 244 10.31 -15.84 -27.43
C SER A 244 10.06 -16.30 -26.07
N SER A 245 9.63 -15.43 -25.19
CA SER A 245 9.35 -15.74 -23.86
C SER A 245 8.11 -16.47 -23.80
N GLY A 246 7.59 -16.64 -22.62
CA GLY A 246 6.41 -17.41 -22.42
C GLY A 246 5.34 -16.52 -21.98
N GLN A 247 5.53 -15.25 -22.12
CA GLN A 247 4.57 -14.25 -21.84
C GLN A 247 4.93 -13.44 -23.00
N ALA A 248 4.49 -13.82 -24.17
CA ALA A 248 4.93 -13.26 -25.38
C ALA A 248 4.16 -12.19 -26.01
N THR A 249 4.83 -11.21 -26.62
CA THR A 249 4.16 -10.23 -27.46
C THR A 249 4.25 -10.73 -28.90
N LEU A 250 3.13 -10.84 -29.58
CA LEU A 250 3.03 -11.06 -31.02
C LEU A 250 2.55 -9.75 -31.63
N GLU A 251 3.33 -9.18 -32.52
CA GLU A 251 2.98 -7.99 -33.29
C GLU A 251 2.99 -8.30 -34.77
N ILE A 252 1.91 -7.99 -35.47
CA ILE A 252 1.77 -8.17 -36.91
C ILE A 252 1.24 -6.87 -37.50
N HIS A 253 1.85 -6.39 -38.57
CA HIS A 253 1.34 -5.32 -39.41
C HIS A 253 0.91 -5.93 -40.73
N VAL A 254 -0.36 -5.78 -41.10
CA VAL A 254 -0.87 -6.21 -42.40
C VAL A 254 -0.97 -4.98 -43.29
N LEU A 255 -0.35 -5.07 -44.46
CA LEU A 255 0.01 -3.96 -45.32
C LEU A 255 -0.41 -4.29 -46.77
N LYS A 256 -0.50 -3.28 -47.64
CA LYS A 256 -0.51 -3.53 -49.08
C LYS A 256 0.90 -3.85 -49.57
N GLU A 257 1.05 -4.62 -50.64
CA GLU A 257 2.35 -5.00 -51.20
C GLU A 257 3.24 -3.79 -51.57
N SER A 258 2.64 -2.67 -51.95
CA SER A 258 3.32 -1.40 -52.26
C SER A 258 3.95 -0.68 -51.06
N GLU A 259 3.63 -1.04 -49.82
CA GLU A 259 4.02 -0.28 -48.62
C GLU A 259 5.29 -0.85 -47.94
N THR A 260 6.12 0.02 -47.38
CA THR A 260 7.24 -0.38 -46.50
C THR A 260 6.74 -0.67 -45.08
N CYS A 261 7.20 -1.82 -44.60
CA CYS A 261 6.77 -2.28 -43.34
C CYS A 261 7.05 -1.19 -42.39
N MET A 262 6.12 -1.01 -41.44
CA MET A 262 6.22 0.11 -40.53
C MET A 262 7.69 0.41 -40.21
N ALA B 82 11.00 -47.54 12.39
CA ALA B 82 12.16 -47.80 11.56
C ALA B 82 12.23 -46.84 10.40
N ALA B 83 11.35 -47.04 9.42
CA ALA B 83 11.30 -46.20 8.23
C ALA B 83 10.92 -44.77 8.54
N GLY B 84 10.39 -44.53 9.73
CA GLY B 84 9.99 -43.18 10.12
C GLY B 84 11.09 -42.14 9.99
N THR B 85 12.27 -42.45 10.50
CA THR B 85 13.38 -41.52 10.44
C THR B 85 13.97 -41.51 9.05
N ILE B 86 13.56 -42.46 8.22
CA ILE B 86 14.01 -42.48 6.85
C ILE B 86 13.14 -41.47 6.15
N ILE B 87 11.98 -41.19 6.69
CA ILE B 87 11.16 -40.14 6.15
C ILE B 87 11.82 -38.87 6.66
N ALA B 88 12.20 -38.85 7.94
CA ALA B 88 12.98 -37.72 8.44
C ALA B 88 14.18 -37.35 7.55
N GLY B 89 14.88 -38.33 6.98
CA GLY B 89 15.96 -38.10 6.01
C GLY B 89 15.46 -37.53 4.68
N ALA B 90 14.29 -37.98 4.21
CA ALA B 90 13.61 -37.41 3.05
C ALA B 90 13.20 -35.95 3.33
N GLU B 91 12.66 -35.65 4.52
CA GLU B 91 12.32 -34.28 4.90
C GLU B 91 13.52 -33.34 4.92
N LEU B 92 14.65 -33.74 5.50
CA LEU B 92 15.89 -32.93 5.46
C LEU B 92 16.38 -32.73 4.02
N THR B 93 16.31 -33.76 3.18
CA THR B 93 16.70 -33.69 1.76
C THR B 93 15.80 -32.73 0.97
N ILE B 94 14.49 -32.87 1.07
CA ILE B 94 13.51 -32.03 0.38
C ILE B 94 13.57 -30.58 0.87
N GLY B 95 13.78 -30.35 2.17
CA GLY B 95 13.99 -29.02 2.72
C GLY B 95 15.20 -28.31 2.12
N LEU B 96 16.34 -28.99 2.04
CA LEU B 96 17.54 -28.46 1.39
C LEU B 96 17.33 -28.24 -0.13
N LEU B 97 16.64 -29.15 -0.82
CA LEU B 97 16.37 -29.01 -2.25
C LEU B 97 15.39 -27.88 -2.58
N GLN B 98 14.27 -27.72 -1.89
CA GLN B 98 13.37 -26.60 -2.12
C GLN B 98 14.07 -25.29 -1.83
N ASN B 99 14.93 -25.19 -0.82
CA ASN B 99 15.73 -23.97 -0.63
C ASN B 99 16.68 -23.72 -1.81
N LEU B 100 17.34 -24.74 -2.36
CA LEU B 100 18.15 -24.59 -3.56
C LEU B 100 17.32 -24.07 -4.75
N LEU B 101 16.19 -24.70 -5.04
CA LEU B 101 15.37 -24.29 -6.19
C LEU B 101 14.75 -22.91 -5.99
N ASP B 102 14.35 -22.51 -4.78
CA ASP B 102 13.93 -21.12 -4.54
C ASP B 102 15.08 -20.12 -4.68
N VAL B 103 16.33 -20.45 -4.35
CA VAL B 103 17.47 -19.56 -4.62
C VAL B 103 17.74 -19.42 -6.12
N LEU B 104 17.90 -20.53 -6.86
CA LEU B 104 18.14 -20.49 -8.30
C LEU B 104 16.98 -19.85 -9.07
N ALA B 105 15.75 -19.93 -8.57
CA ALA B 105 14.62 -19.21 -9.13
C ALA B 105 14.70 -17.69 -8.89
N ASN B 106 14.98 -17.25 -7.66
CA ASN B 106 14.97 -15.84 -7.29
C ASN B 106 16.19 -15.04 -7.75
N VAL B 107 17.33 -15.68 -8.03
CA VAL B 107 18.49 -15.03 -8.66
C VAL B 107 18.07 -14.46 -10.02
N ASN B 108 18.19 -13.15 -10.18
CA ASN B 108 17.75 -12.42 -11.37
C ASN B 108 18.95 -11.89 -12.17
N ARG B 109 18.94 -12.12 -13.48
CA ARG B 109 19.96 -11.67 -14.40
C ARG B 109 19.21 -11.00 -15.49
N LYS B 110 19.65 -9.89 -15.97
CA LYS B 110 19.06 -9.15 -17.09
C LYS B 110 20.07 -8.22 -17.72
N CYS B 111 19.82 -7.81 -18.95
CA CYS B 111 20.52 -6.72 -19.59
C CYS B 111 19.47 -5.71 -20.05
N ALA B 112 19.64 -4.42 -19.78
CA ALA B 112 18.99 -3.37 -20.54
C ALA B 112 19.93 -3.03 -21.69
N VAL B 113 19.51 -3.24 -22.93
CA VAL B 113 20.35 -3.09 -24.12
C VAL B 113 19.90 -1.87 -24.91
N GLY B 114 20.52 -0.73 -24.67
CA GLY B 114 20.29 0.50 -25.40
C GLY B 114 21.27 0.64 -26.55
N VAL B 115 20.82 0.62 -27.80
CA VAL B 115 21.65 0.82 -28.99
C VAL B 115 21.13 2.02 -29.76
N ASP B 116 21.91 3.10 -29.83
CA ASP B 116 21.49 4.40 -30.31
C ASP B 116 22.04 4.67 -31.71
N ASN B 117 21.15 4.94 -32.66
CA ASN B 117 21.51 5.10 -34.07
C ASN B 117 21.77 6.57 -34.41
N GLU B 118 23.00 7.03 -34.28
CA GLU B 118 23.46 8.32 -34.80
C GLU B 118 24.21 8.15 -36.14
N SER B 119 24.06 7.02 -36.84
CA SER B 119 24.88 6.62 -37.98
C SER B 119 24.53 7.33 -39.29
N GLY B 120 23.44 8.09 -39.36
CA GLY B 120 22.94 8.69 -40.60
C GLY B 120 22.17 7.72 -41.51
N PHE B 121 22.09 6.43 -41.18
CA PHE B 121 21.43 5.40 -41.98
C PHE B 121 20.31 4.70 -41.21
N ARG B 122 19.19 4.41 -41.85
CA ARG B 122 18.07 3.67 -41.26
C ARG B 122 18.38 2.17 -41.18
N TRP B 123 18.13 1.57 -40.03
CA TRP B 123 18.27 0.15 -39.76
C TRP B 123 16.92 -0.57 -39.91
N GLN B 124 16.87 -1.82 -40.33
CA GLN B 124 15.60 -2.55 -40.51
C GLN B 124 15.72 -4.05 -40.27
N GLU B 125 14.58 -4.73 -40.13
CA GLU B 125 14.46 -6.19 -40.01
C GLU B 125 15.14 -6.73 -38.74
N GLY B 126 14.81 -6.13 -37.60
CA GLY B 126 15.37 -6.49 -36.31
C GLY B 126 15.28 -7.99 -36.01
N SER B 127 16.42 -8.65 -35.89
CA SER B 127 16.58 -10.08 -35.68
C SER B 127 17.23 -10.35 -34.34
N THR B 128 16.90 -11.44 -33.64
CA THR B 128 17.49 -11.76 -32.33
C THR B 128 17.81 -13.24 -32.18
N TYR B 129 18.87 -13.54 -31.45
CA TYR B 129 19.24 -14.89 -31.06
C TYR B 129 19.53 -14.93 -29.57
N PHE B 130 19.07 -15.97 -28.86
CA PHE B 130 19.42 -16.22 -27.48
C PHE B 130 20.14 -17.54 -27.34
N PHE B 131 21.38 -17.50 -26.85
CA PHE B 131 22.06 -18.69 -26.32
C PHE B 131 21.52 -19.03 -24.93
N SER B 132 21.22 -18.01 -24.13
CA SER B 132 20.58 -18.13 -22.82
C SER B 132 19.61 -16.97 -22.62
N GLY B 133 18.48 -17.20 -21.96
CA GLY B 133 17.52 -16.15 -21.67
C GLY B 133 16.50 -15.91 -22.79
N THR B 134 15.70 -14.86 -22.62
CA THR B 134 14.57 -14.46 -23.47
C THR B 134 14.29 -12.96 -23.30
N ALA B 135 13.37 -12.38 -24.07
CA ALA B 135 12.84 -11.04 -23.80
C ALA B 135 11.30 -11.00 -23.93
N ASP B 136 10.60 -10.25 -23.07
CA ASP B 136 9.13 -10.12 -23.07
C ASP B 136 8.58 -9.10 -24.09
N GLU B 137 9.40 -8.63 -25.02
CA GLU B 137 9.08 -7.57 -25.98
C GLU B 137 9.76 -7.82 -27.33
N ASN B 138 9.25 -7.21 -28.39
CA ASN B 138 9.88 -7.27 -29.70
C ASN B 138 10.93 -6.16 -29.85
N LEU B 139 11.90 -6.34 -30.74
CA LEU B 139 12.65 -5.22 -31.28
C LEU B 139 11.73 -4.27 -32.06
N PRO B 140 12.06 -2.98 -32.20
CA PRO B 140 11.51 -2.17 -33.28
C PRO B 140 11.78 -2.83 -34.64
N TYR B 141 10.85 -2.74 -35.61
CA TYR B 141 11.13 -3.25 -36.95
C TYR B 141 12.30 -2.53 -37.59
N SER B 142 12.38 -1.21 -37.38
CA SER B 142 13.40 -0.34 -37.95
C SER B 142 13.83 0.74 -36.96
N VAL B 143 15.00 1.32 -37.20
CA VAL B 143 15.57 2.38 -36.38
C VAL B 143 16.08 3.48 -37.30
N SER B 144 15.31 4.56 -37.42
CA SER B 144 15.71 5.75 -38.16
C SER B 144 16.80 6.54 -37.44
N ASP B 145 17.50 7.41 -38.15
CA ASP B 145 18.61 8.21 -37.59
C ASP B 145 18.12 9.13 -36.47
N GLY B 146 18.80 9.11 -35.32
CA GLY B 146 18.43 9.89 -34.13
C GLY B 146 17.47 9.19 -33.16
N TYR B 147 17.32 7.87 -33.26
CA TYR B 147 16.47 7.05 -32.38
C TYR B 147 17.20 5.80 -31.90
N ALA B 148 16.76 5.23 -30.78
CA ALA B 148 17.44 4.12 -30.12
C ALA B 148 16.58 2.86 -30.01
N VAL B 149 17.21 1.70 -30.18
CA VAL B 149 16.68 0.42 -29.73
C VAL B 149 16.79 0.38 -28.22
N LEU B 150 15.67 0.24 -27.51
CA LEU B 150 15.66 -0.15 -26.10
C LEU B 150 15.09 -1.57 -26.05
N TYR B 151 15.88 -2.49 -25.51
CA TYR B 151 15.53 -3.90 -25.45
C TYR B 151 15.90 -4.48 -24.10
N GLY B 152 15.05 -5.32 -23.51
CA GLY B 152 15.18 -5.80 -22.13
C GLY B 152 15.28 -7.32 -22.00
N PRO B 153 16.32 -7.95 -22.54
CA PRO B 153 16.54 -9.38 -22.39
C PRO B 153 16.85 -9.80 -20.94
N ARG B 154 16.36 -10.96 -20.53
CA ARG B 154 16.37 -11.46 -19.15
C ARG B 154 16.61 -12.96 -19.07
N LYS B 155 17.01 -13.46 -17.90
CA LYS B 155 17.12 -14.88 -17.58
C LYS B 155 15.77 -15.59 -17.69
N THR B 156 15.76 -16.86 -18.06
CA THR B 156 14.56 -17.71 -18.10
C THR B 156 13.98 -17.89 -16.69
N ASN B 157 12.67 -17.80 -16.51
CA ASN B 157 12.04 -17.97 -15.19
C ASN B 157 12.12 -19.42 -14.70
N GLY B 158 12.05 -19.61 -13.38
CA GLY B 158 12.31 -20.89 -12.72
C GLY B 158 13.80 -21.12 -12.43
N PRO B 159 14.16 -22.24 -11.80
CA PRO B 159 15.51 -22.54 -11.34
C PRO B 159 16.45 -23.02 -12.46
N VAL B 160 16.61 -22.22 -13.52
CA VAL B 160 17.30 -22.65 -14.76
C VAL B 160 18.83 -22.61 -14.67
N ALA B 161 19.42 -21.79 -13.81
CA ALA B 161 20.88 -21.66 -13.62
C ALA B 161 21.69 -21.26 -14.87
N THR B 162 21.09 -20.50 -15.79
CA THR B 162 21.73 -19.90 -16.96
C THR B 162 21.48 -18.39 -16.97
N GLY B 163 22.41 -17.61 -17.51
CA GLY B 163 22.31 -16.15 -17.56
C GLY B 163 21.53 -15.62 -18.75
N VAL B 164 21.87 -14.41 -19.20
CA VAL B 164 21.36 -13.83 -20.46
C VAL B 164 22.50 -13.75 -21.44
N VAL B 165 22.36 -14.33 -22.63
CA VAL B 165 23.42 -14.36 -23.63
C VAL B 165 22.75 -14.35 -24.98
N GLY B 166 23.05 -13.37 -25.80
CA GLY B 166 22.36 -13.25 -27.07
C GLY B 166 22.95 -12.23 -28.00
N VAL B 167 22.38 -12.19 -29.20
CA VAL B 167 22.72 -11.29 -30.28
C VAL B 167 21.46 -10.57 -30.71
N LEU B 168 21.53 -9.29 -31.06
CA LEU B 168 20.52 -8.61 -31.85
C LEU B 168 21.18 -8.08 -33.10
N ALA B 169 20.51 -8.13 -34.24
CA ALA B 169 21.05 -7.68 -35.51
C ALA B 169 20.02 -6.95 -36.36
N TYR B 170 20.46 -5.96 -37.12
CA TYR B 170 19.65 -5.18 -38.05
C TYR B 170 20.34 -5.08 -39.39
N TYR B 171 19.59 -5.13 -40.48
CA TYR B 171 20.11 -4.81 -41.80
C TYR B 171 20.21 -3.30 -41.98
N ILE B 172 21.28 -2.83 -42.63
CA ILE B 172 21.51 -1.43 -42.97
C ILE B 172 21.57 -1.33 -44.51
N PRO B 173 20.44 -1.13 -45.20
CA PRO B 173 20.38 -1.18 -46.66
C PRO B 173 21.22 -0.10 -47.35
N SER B 174 21.45 1.05 -46.71
CA SER B 174 22.28 2.14 -47.25
C SER B 174 23.77 1.79 -47.42
N ILE B 175 24.24 0.69 -46.80
CA ILE B 175 25.62 0.19 -46.94
C ILE B 175 25.69 -1.29 -47.32
N GLY B 176 24.56 -2.01 -47.37
CA GLY B 176 24.50 -3.42 -47.78
C GLY B 176 25.07 -4.41 -46.76
N LYS B 177 25.02 -4.07 -45.47
CA LYS B 177 25.62 -4.84 -44.36
C LYS B 177 24.65 -4.92 -43.19
N THR B 178 24.85 -5.86 -42.27
CA THR B 178 24.05 -5.99 -41.06
C THR B 178 24.87 -5.71 -39.80
N LEU B 179 24.42 -4.77 -38.98
CA LEU B 179 24.98 -4.52 -37.66
C LEU B 179 24.47 -5.57 -36.69
N ALA B 180 25.37 -6.28 -36.02
CA ALA B 180 25.04 -7.15 -34.92
C ALA B 180 25.68 -6.64 -33.61
N VAL B 181 24.98 -6.84 -32.51
CA VAL B 181 25.40 -6.50 -31.15
C VAL B 181 25.23 -7.75 -30.31
N MET B 182 26.22 -8.10 -29.49
CA MET B 182 26.20 -9.25 -28.60
C MET B 182 26.35 -8.80 -27.17
N TRP B 183 25.68 -9.47 -26.25
CA TRP B 183 25.93 -9.30 -24.83
C TRP B 183 25.94 -10.67 -24.17
N SER B 184 26.71 -10.78 -23.10
CA SER B 184 26.72 -11.92 -22.21
C SER B 184 26.67 -11.41 -20.79
N VAL B 185 25.70 -11.89 -20.01
CA VAL B 185 25.46 -11.58 -18.61
C VAL B 185 25.28 -12.92 -17.88
N PRO B 186 26.36 -13.57 -17.45
CA PRO B 186 26.34 -14.94 -16.95
C PRO B 186 25.46 -15.18 -15.73
N PHE B 187 25.14 -16.46 -15.47
CA PHE B 187 24.74 -16.86 -14.13
C PHE B 187 25.94 -16.94 -13.19
N ASP B 188 27.05 -17.56 -13.59
CA ASP B 188 28.13 -17.94 -12.67
C ASP B 188 29.38 -17.08 -12.77
N TYR B 189 29.43 -16.01 -11.99
CA TYR B 189 30.57 -15.09 -11.94
C TYR B 189 31.87 -15.66 -11.37
N ASN B 190 31.87 -16.89 -10.86
CA ASN B 190 33.12 -17.57 -10.50
C ASN B 190 33.94 -17.96 -11.73
N PHE B 191 33.29 -18.17 -12.88
CA PHE B 191 33.90 -18.70 -14.10
C PHE B 191 33.77 -17.77 -15.30
N TYR B 192 32.86 -16.80 -15.23
CA TYR B 192 32.52 -15.89 -16.32
C TYR B 192 32.39 -14.44 -15.83
N GLN B 193 32.31 -13.51 -16.76
CA GLN B 193 32.06 -12.09 -16.49
C GLN B 193 31.20 -11.51 -17.61
N ASN B 194 30.72 -10.29 -17.46
CA ASN B 194 29.96 -9.62 -18.51
C ASN B 194 30.85 -9.28 -19.70
N TRP B 195 30.39 -9.60 -20.89
CA TRP B 195 31.06 -9.25 -22.14
C TRP B 195 30.06 -8.65 -23.11
N TRP B 196 30.51 -7.79 -24.01
CA TRP B 196 29.71 -7.30 -25.13
C TRP B 196 30.60 -7.09 -26.35
N ASN B 197 30.00 -7.00 -27.54
CA ASN B 197 30.70 -6.71 -28.79
C ASN B 197 29.70 -6.16 -29.80
N ALA B 198 30.20 -5.54 -30.87
CA ALA B 198 29.43 -5.16 -32.03
C ALA B 198 30.28 -5.25 -33.30
N LYS B 199 29.67 -5.60 -34.44
CA LYS B 199 30.35 -5.67 -35.73
C LYS B 199 29.36 -5.57 -36.90
N LEU B 200 29.85 -5.19 -38.08
CA LEU B 200 29.11 -5.29 -39.35
C LEU B 200 29.45 -6.61 -40.08
N TYR B 201 28.44 -7.28 -40.63
CA TYR B 201 28.59 -8.43 -41.53
C TYR B 201 28.06 -8.12 -42.92
N SER B 202 28.64 -8.71 -43.96
CA SER B 202 28.23 -8.46 -45.35
C SER B 202 26.84 -9.04 -45.67
N GLY B 203 26.00 -8.24 -46.35
CA GLY B 203 24.64 -8.64 -46.73
C GLY B 203 23.64 -8.71 -45.57
N ASN B 204 22.39 -9.00 -45.89
CA ASN B 204 21.34 -9.28 -44.90
C ASN B 204 21.55 -10.68 -44.29
N GLN B 205 21.64 -10.77 -42.97
CA GLN B 205 21.77 -12.03 -42.23
C GLN B 205 20.88 -12.04 -40.99
N ASP B 206 20.22 -13.15 -40.70
CA ASP B 206 19.56 -13.37 -39.41
C ASP B 206 20.60 -13.50 -38.30
N ALA B 207 20.31 -13.03 -37.09
CA ALA B 207 21.10 -13.37 -35.91
C ALA B 207 20.95 -14.86 -35.59
N ASP B 208 22.06 -15.58 -35.42
CA ASP B 208 22.06 -16.97 -34.98
C ASP B 208 23.38 -17.33 -34.26
N TYR B 209 23.55 -18.61 -33.93
CA TYR B 209 24.69 -19.10 -33.16
C TYR B 209 26.05 -18.74 -33.78
N ASP B 210 26.16 -18.66 -35.10
CA ASP B 210 27.45 -18.39 -35.74
C ASP B 210 27.88 -16.93 -35.59
N HIS B 211 26.92 -16.00 -35.43
CA HIS B 211 27.23 -14.63 -35.00
C HIS B 211 27.63 -14.59 -33.52
N TYR B 212 26.96 -15.36 -32.66
CA TYR B 212 27.34 -15.43 -31.25
C TYR B 212 28.78 -15.92 -31.11
N VAL B 213 29.16 -17.00 -31.78
CA VAL B 213 30.53 -17.52 -31.76
C VAL B 213 31.54 -16.51 -32.29
N ASP B 214 31.26 -15.86 -33.42
CA ASP B 214 32.15 -14.84 -33.96
C ASP B 214 32.30 -13.63 -33.03
N LEU B 215 31.19 -13.08 -32.51
CA LEU B 215 31.23 -11.92 -31.61
C LEU B 215 31.82 -12.24 -30.24
N TYR B 216 31.63 -13.44 -29.71
CA TYR B 216 32.08 -13.80 -28.36
C TYR B 216 33.48 -14.43 -28.29
N TYR B 217 33.95 -15.12 -29.33
CA TYR B 217 35.27 -15.75 -29.33
C TYR B 217 36.24 -15.15 -30.34
N ASP B 218 35.81 -14.95 -31.59
CA ASP B 218 36.73 -14.64 -32.69
C ASP B 218 36.99 -13.14 -32.90
N ALA B 219 36.05 -12.27 -32.51
CA ALA B 219 36.07 -10.84 -32.79
C ALA B 219 36.40 -9.95 -31.57
N ASN B 220 37.06 -10.50 -30.55
CA ASN B 220 37.60 -9.78 -29.39
C ASN B 220 36.58 -8.87 -28.67
N PRO B 221 35.67 -9.44 -27.86
CA PRO B 221 34.68 -8.67 -27.11
C PRO B 221 35.31 -7.80 -26.02
N PHE B 222 34.52 -6.87 -25.47
CA PHE B 222 34.91 -5.97 -24.40
C PHE B 222 34.40 -6.44 -23.04
N LYS B 223 35.20 -6.20 -22.00
CA LYS B 223 34.78 -6.37 -20.60
C LYS B 223 33.86 -5.24 -20.18
N ALA B 224 33.08 -5.46 -19.13
CA ALA B 224 32.21 -4.46 -18.52
C ALA B 224 32.96 -3.54 -17.54
N ASN B 225 33.92 -2.77 -18.03
CA ASN B 225 34.86 -1.98 -17.23
C ASN B 225 34.99 -0.52 -17.72
N GLY B 226 33.87 0.09 -18.10
CA GLY B 226 33.81 1.46 -18.62
C GLY B 226 33.67 1.55 -20.13
N TRP B 227 33.79 2.75 -20.68
CA TRP B 227 33.57 3.04 -22.10
C TRP B 227 34.70 2.58 -23.01
N HIS B 228 34.33 1.97 -24.12
CA HIS B 228 35.21 1.55 -25.21
C HIS B 228 34.71 2.06 -26.55
N GLU B 229 35.59 2.28 -27.51
CA GLU B 229 35.26 2.76 -28.85
C GLU B 229 35.98 1.91 -29.92
N ARG B 230 35.34 1.64 -31.06
CA ARG B 230 35.93 0.88 -32.17
C ARG B 230 35.27 1.27 -33.50
N SER B 231 36.01 1.17 -34.60
CA SER B 231 35.46 1.32 -35.95
C SER B 231 34.68 0.07 -36.37
N LEU B 232 33.61 0.26 -37.15
CA LEU B 232 32.87 -0.83 -37.79
C LEU B 232 33.35 -1.11 -39.23
N GLY B 233 34.12 -0.20 -39.82
CA GLY B 233 34.27 -0.10 -41.27
C GLY B 233 33.09 0.63 -41.92
N SER B 234 33.07 0.74 -43.24
CA SER B 234 31.98 1.36 -44.01
C SER B 234 31.62 2.80 -43.59
N GLY B 235 32.58 3.53 -43.03
CA GLY B 235 32.41 4.90 -42.52
C GLY B 235 31.76 5.00 -41.14
N LEU B 236 31.46 3.89 -40.47
CA LEU B 236 30.80 3.86 -39.17
C LEU B 236 31.72 3.44 -38.02
N LYS B 237 31.31 3.81 -36.82
CA LYS B 237 32.05 3.67 -35.56
C LYS B 237 31.05 3.40 -34.45
N PHE B 238 31.46 2.78 -33.36
CA PHE B 238 30.64 2.77 -32.14
C PHE B 238 31.47 3.07 -30.92
N CYS B 239 30.84 3.66 -29.92
CA CYS B 239 31.33 3.68 -28.55
C CYS B 239 30.26 3.06 -27.66
N GLY B 240 30.64 2.32 -26.64
CA GLY B 240 29.68 1.74 -25.72
C GLY B 240 30.28 1.37 -24.39
N SER B 241 29.45 1.03 -23.44
CA SER B 241 29.88 0.51 -22.15
C SER B 241 28.83 -0.45 -21.60
N MET B 242 29.27 -1.30 -20.68
CA MET B 242 28.42 -2.26 -20.00
C MET B 242 28.67 -2.22 -18.49
N SER B 243 27.64 -2.29 -17.70
CA SER B 243 27.76 -2.38 -16.30
C SER B 243 28.22 -3.73 -16.01
N SER B 244 28.93 -3.90 -14.92
CA SER B 244 29.50 -5.15 -14.60
C SER B 244 28.70 -5.96 -13.71
N SER B 245 27.53 -5.49 -13.31
CA SER B 245 26.68 -6.18 -12.44
C SER B 245 26.03 -7.24 -13.17
N GLY B 246 25.03 -7.83 -12.59
CA GLY B 246 24.36 -8.93 -13.18
C GLY B 246 23.01 -8.54 -13.51
N GLN B 247 22.75 -7.27 -13.52
CA GLN B 247 21.51 -6.70 -13.92
C GLN B 247 22.13 -5.57 -14.59
N ALA B 248 22.66 -5.78 -15.77
CA ALA B 248 23.47 -4.85 -16.43
C ALA B 248 22.89 -3.93 -17.42
N THR B 249 23.34 -2.69 -17.48
CA THR B 249 23.00 -1.78 -18.56
C THR B 249 24.09 -1.88 -19.60
N LEU B 250 23.73 -2.16 -20.85
CA LEU B 250 24.59 -2.05 -22.02
C LEU B 250 24.11 -0.84 -22.81
N GLU B 251 24.98 0.13 -23.01
CA GLU B 251 24.72 1.30 -23.83
C GLU B 251 25.73 1.37 -24.97
N ILE B 252 25.24 1.50 -26.20
CA ILE B 252 26.06 1.63 -27.40
C ILE B 252 25.53 2.81 -28.20
N HIS B 253 26.42 3.68 -28.65
CA HIS B 253 26.14 4.72 -29.63
C HIS B 253 26.84 4.34 -30.91
N VAL B 254 26.10 4.20 -32.00
CA VAL B 254 26.65 3.94 -33.33
C VAL B 254 26.64 5.26 -34.10
N LEU B 255 27.80 5.63 -34.62
CA LEU B 255 28.15 6.97 -35.07
C LEU B 255 28.81 6.88 -36.45
N LYS B 256 28.88 8.00 -37.17
CA LYS B 256 29.82 8.10 -38.30
C LYS B 256 31.23 8.34 -37.78
N GLU B 257 32.26 7.92 -38.52
CA GLU B 257 33.67 8.08 -38.12
C GLU B 257 34.06 9.55 -37.86
N SER B 258 33.43 10.51 -38.53
CA SER B 258 33.62 11.95 -38.36
C SER B 258 33.09 12.53 -37.03
N GLU B 259 32.26 11.80 -36.27
CA GLU B 259 31.56 12.35 -35.10
C GLU B 259 32.28 12.04 -33.77
N THR B 260 32.20 12.96 -32.81
CA THR B 260 32.64 12.71 -31.42
C THR B 260 31.56 11.96 -30.64
N CYS B 261 32.05 10.93 -29.97
CA CYS B 261 31.17 10.07 -29.25
C CYS B 261 30.40 10.94 -28.35
N MET B 262 29.11 10.62 -28.21
CA MET B 262 28.22 11.46 -27.45
C MET B 262 28.97 12.11 -26.27
N ALA C 82 18.61 -43.62 16.91
CA ALA C 82 20.03 -43.31 17.01
C ALA C 82 20.40 -42.13 16.15
N ALA C 83 20.41 -42.35 14.83
CA ALA C 83 20.77 -41.30 13.88
C ALA C 83 19.77 -40.17 13.86
N GLY C 84 18.60 -40.39 14.45
CA GLY C 84 17.57 -39.35 14.49
C GLY C 84 18.04 -38.03 15.07
N THR C 85 18.70 -38.08 16.22
CA THR C 85 19.18 -36.87 16.87
C THR C 85 20.41 -36.36 16.16
N ILE C 86 20.96 -37.17 15.27
CA ILE C 86 22.09 -36.73 14.49
C ILE C 86 21.51 -35.88 13.39
N ILE C 87 20.25 -36.11 13.08
CA ILE C 87 19.59 -35.25 12.13
C ILE C 87 19.28 -34.01 12.93
N ALA C 88 18.79 -34.17 14.16
CA ALA C 88 18.62 -33.01 15.04
C ALA C 88 19.86 -32.10 15.10
N GLY C 89 21.07 -32.66 15.11
CA GLY C 89 22.33 -31.90 15.04
C GLY C 89 22.54 -31.21 13.69
N ALA C 90 22.14 -31.87 12.59
CA ALA C 90 22.12 -31.26 11.27
C ALA C 90 21.11 -30.11 11.20
N GLU C 91 19.91 -30.27 11.78
CA GLU C 91 18.93 -29.19 11.85
C GLU C 91 19.41 -27.97 12.62
N LEU C 92 20.04 -28.14 13.79
CA LEU C 92 20.64 -27.01 14.53
C LEU C 92 21.77 -26.34 13.71
N THR C 93 22.60 -27.12 13.03
CA THR C 93 23.68 -26.60 12.19
C THR C 93 23.14 -25.80 11.00
N ILE C 94 22.19 -26.35 10.24
CA ILE C 94 21.59 -25.69 9.08
C ILE C 94 20.79 -24.45 9.50
N GLY C 95 20.09 -24.49 10.63
CA GLY C 95 19.40 -23.31 11.18
C GLY C 95 20.36 -22.16 11.48
N LEU C 96 21.48 -22.42 12.14
CA LEU C 96 22.51 -21.43 12.38
C LEU C 96 23.17 -20.93 11.08
N LEU C 97 23.43 -21.82 10.12
CA LEU C 97 24.02 -21.44 8.84
C LEU C 97 23.09 -20.60 7.95
N GLN C 98 21.82 -20.95 7.78
CA GLN C 98 20.89 -20.13 7.02
C GLN C 98 20.73 -18.77 7.68
N ASN C 99 20.71 -18.65 9.01
CA ASN C 99 20.70 -17.34 9.65
C ASN C 99 21.98 -16.55 9.33
N LEU C 100 23.17 -17.17 9.33
CA LEU C 100 24.39 -16.50 8.91
C LEU C 100 24.30 -15.99 7.47
N LEU C 101 23.90 -16.85 6.52
CA LEU C 101 23.84 -16.44 5.12
C LEU C 101 22.76 -15.39 4.87
N ASP C 102 21.61 -15.43 5.54
CA ASP C 102 20.64 -14.32 5.45
C ASP C 102 21.16 -13.02 6.07
N VAL C 103 21.97 -13.03 7.13
CA VAL C 103 22.62 -11.80 7.63
C VAL C 103 23.64 -11.25 6.63
N LEU C 104 24.61 -12.05 6.18
CA LEU C 104 25.62 -11.60 5.21
C LEU C 104 25.00 -11.17 3.87
N ALA C 105 23.84 -11.73 3.48
CA ALA C 105 23.11 -11.27 2.32
C ALA C 105 22.44 -9.90 2.55
N ASN C 106 21.75 -9.70 3.68
CA ASN C 106 20.99 -8.48 3.95
C ASN C 106 21.83 -7.27 4.36
N VAL C 107 23.05 -7.46 4.87
CA VAL C 107 24.00 -6.36 5.11
C VAL C 107 24.30 -5.64 3.78
N ASN C 108 23.97 -4.35 3.73
CA ASN C 108 24.07 -3.53 2.52
C ASN C 108 25.21 -2.50 2.66
N ARG C 109 26.06 -2.41 1.64
CA ARG C 109 27.15 -1.47 1.57
C ARG C 109 27.00 -0.82 0.24
N LYS C 110 27.18 0.45 0.14
CA LYS C 110 27.14 1.23 -1.10
C LYS C 110 27.87 2.54 -0.95
N CYS C 111 28.27 3.13 -2.07
CA CYS C 111 28.72 4.50 -2.13
C CYS C 111 27.86 5.23 -3.16
N ALA C 112 27.34 6.41 -2.85
CA ALA C 112 26.93 7.37 -3.86
C ALA C 112 28.14 8.22 -4.16
N VAL C 113 28.65 8.19 -5.38
CA VAL C 113 29.89 8.87 -5.78
C VAL C 113 29.56 10.04 -6.69
N GLY C 114 29.44 11.23 -6.11
CA GLY C 114 29.25 12.47 -6.83
C GLY C 114 30.57 13.16 -7.10
N VAL C 115 30.98 13.31 -8.36
CA VAL C 115 32.20 14.02 -8.75
C VAL C 115 31.83 15.16 -9.69
N ASP C 116 32.02 16.39 -9.26
CA ASP C 116 31.49 17.59 -9.91
C ASP C 116 32.61 18.33 -10.64
N ASN C 117 32.45 18.54 -11.95
CA ASN C 117 33.46 19.13 -12.81
C ASN C 117 33.28 20.65 -12.92
N GLU C 118 33.92 21.40 -12.04
CA GLU C 118 34.06 22.86 -12.16
C GLU C 118 35.45 23.24 -12.72
N SER C 119 36.17 22.31 -13.35
CA SER C 119 37.59 22.45 -13.71
C SER C 119 37.85 23.32 -14.96
N GLY C 120 36.81 23.71 -15.71
CA GLY C 120 36.96 24.40 -16.99
C GLY C 120 37.31 23.50 -18.17
N PHE C 121 37.55 22.20 -17.96
CA PHE C 121 37.94 21.24 -18.99
C PHE C 121 36.95 20.07 -19.08
N ARG C 122 36.64 19.62 -20.30
CA ARG C 122 35.77 18.47 -20.54
C ARG C 122 36.50 17.15 -20.27
N TRP C 123 35.88 16.25 -19.53
CA TRP C 123 36.37 14.91 -19.23
C TRP C 123 35.76 13.89 -20.18
N GLN C 124 36.44 12.81 -20.54
CA GLN C 124 35.92 11.80 -21.47
C GLN C 124 36.44 10.39 -21.21
N GLU C 125 35.80 9.38 -21.82
CA GLU C 125 36.19 7.97 -21.78
C GLU C 125 36.13 7.38 -20.36
N GLY C 126 35.00 7.56 -19.70
CA GLY C 126 34.78 7.10 -18.33
C GLY C 126 35.11 5.61 -18.16
N SER C 127 36.10 5.32 -17.32
CA SER C 127 36.65 3.99 -17.06
C SER C 127 36.42 3.62 -15.60
N THR C 128 36.19 2.35 -15.27
CA THR C 128 35.96 1.92 -13.88
C THR C 128 36.66 0.61 -13.54
N TYR C 129 37.10 0.48 -12.31
CA TYR C 129 37.64 -0.75 -11.77
C TYR C 129 37.00 -1.06 -10.42
N PHE C 130 36.65 -2.32 -10.16
CA PHE C 130 36.19 -2.76 -8.86
C PHE C 130 37.12 -3.81 -8.28
N PHE C 131 37.70 -3.52 -7.12
CA PHE C 131 38.33 -4.53 -6.28
C PHE C 131 37.25 -5.34 -5.54
N SER C 132 36.18 -4.67 -5.12
CA SER C 132 35.00 -5.29 -4.51
C SER C 132 33.74 -4.54 -4.97
N GLY C 133 32.64 -5.25 -5.18
CA GLY C 133 31.38 -4.64 -5.58
C GLY C 133 31.22 -4.45 -7.08
N THR C 134 30.15 -3.76 -7.46
CA THR C 134 29.69 -3.53 -8.84
C THR C 134 28.82 -2.27 -8.90
N ALA C 135 28.40 -1.82 -10.09
CA ALA C 135 27.34 -0.81 -10.22
C ALA C 135 26.31 -1.20 -11.30
N ASP C 136 25.03 -0.91 -11.08
CA ASP C 136 23.93 -1.22 -12.00
C ASP C 136 23.73 -0.21 -13.16
N GLU C 137 24.69 0.69 -13.36
CA GLU C 137 24.63 1.80 -14.31
C GLU C 137 26.00 2.08 -14.93
N ASN C 138 26.02 2.75 -16.07
CA ASN C 138 27.27 3.19 -16.70
C ASN C 138 27.69 4.56 -16.16
N LEU C 139 28.97 4.89 -16.22
CA LEU C 139 29.40 6.28 -16.18
C LEU C 139 28.84 7.07 -17.37
N PRO C 140 28.67 8.40 -17.28
CA PRO C 140 28.61 9.23 -18.47
C PRO C 140 29.84 9.02 -19.36
N TYR C 141 29.72 9.06 -20.68
CA TYR C 141 30.90 8.98 -21.55
C TYR C 141 31.84 10.15 -21.30
N SER C 142 31.27 11.34 -21.10
CA SER C 142 32.00 12.58 -20.90
C SER C 142 31.32 13.48 -19.88
N VAL C 143 32.08 14.42 -19.33
CA VAL C 143 31.60 15.38 -18.33
C VAL C 143 32.09 16.76 -18.74
N SER C 144 31.20 17.56 -19.33
CA SER C 144 31.48 18.96 -19.66
C SER C 144 31.54 19.84 -18.41
N ASP C 145 32.12 21.03 -18.52
CA ASP C 145 32.28 21.96 -17.40
C ASP C 145 30.92 22.41 -16.83
N GLY C 146 30.73 22.32 -15.52
CA GLY C 146 29.47 22.65 -14.84
C GLY C 146 28.49 21.49 -14.70
N TYR C 147 28.94 20.25 -14.85
CA TYR C 147 28.13 19.03 -14.71
C TYR C 147 28.84 17.98 -13.86
N ALA C 148 28.08 17.05 -13.26
CA ALA C 148 28.60 16.08 -12.31
C ALA C 148 28.40 14.63 -12.77
N VAL C 149 29.39 13.78 -12.50
CA VAL C 149 29.23 12.33 -12.46
C VAL C 149 28.43 11.98 -11.22
N LEU C 150 27.28 11.35 -11.39
CA LEU C 150 26.59 10.65 -10.31
C LEU C 150 26.70 9.17 -10.60
N TYR C 151 27.28 8.42 -9.68
CA TYR C 151 27.54 6.99 -9.85
C TYR C 151 27.22 6.25 -8.56
N GLY C 152 26.58 5.08 -8.63
CA GLY C 152 26.05 4.36 -7.48
C GLY C 152 26.62 2.95 -7.31
N PRO C 153 27.92 2.80 -7.06
CA PRO C 153 28.53 1.50 -6.80
C PRO C 153 28.06 0.87 -5.47
N ARG C 154 27.92 -0.44 -5.46
CA ARG C 154 27.30 -1.23 -4.38
C ARG C 154 28.00 -2.57 -4.16
N LYS C 155 27.78 -3.18 -3.00
CA LYS C 155 28.22 -4.54 -2.66
C LYS C 155 27.58 -5.57 -3.60
N THR C 156 28.28 -6.66 -3.89
CA THR C 156 27.76 -7.79 -4.66
C THR C 156 26.59 -8.46 -3.93
N ASN C 157 25.50 -8.82 -4.63
CA ASN C 157 24.35 -9.47 -4.00
C ASN C 157 24.67 -10.91 -3.56
N GLY C 158 23.91 -11.41 -2.59
CA GLY C 158 24.20 -12.67 -1.91
C GLY C 158 25.18 -12.51 -0.73
N PRO C 159 25.48 -13.59 0.00
CA PRO C 159 26.30 -13.57 1.20
C PRO C 159 27.82 -13.47 0.93
N VAL C 160 28.25 -12.43 0.22
CA VAL C 160 29.63 -12.33 -0.31
C VAL C 160 30.66 -11.86 0.73
N ALA C 161 30.25 -11.13 1.77
CA ALA C 161 31.13 -10.61 2.84
C ALA C 161 32.31 -9.72 2.37
N THR C 162 32.12 -8.98 1.28
CA THR C 162 33.04 -7.95 0.77
C THR C 162 32.30 -6.63 0.59
N GLY C 163 32.99 -5.50 0.76
CA GLY C 163 32.39 -4.17 0.64
C GLY C 163 32.33 -3.63 -0.78
N VAL C 164 32.38 -2.31 -0.93
CA VAL C 164 32.54 -1.63 -2.21
C VAL C 164 33.90 -0.98 -2.26
N VAL C 165 34.71 -1.28 -3.26
CA VAL C 165 36.07 -0.75 -3.37
C VAL C 165 36.39 -0.63 -4.83
N GLY C 166 36.71 0.55 -5.30
CA GLY C 166 36.90 0.76 -6.71
C GLY C 166 37.49 2.10 -7.06
N VAL C 167 37.78 2.24 -8.35
CA VAL C 167 38.32 3.43 -8.98
C VAL C 167 37.40 3.82 -10.13
N LEU C 168 37.17 5.11 -10.35
CA LEU C 168 36.65 5.62 -11.62
C LEU C 168 37.65 6.61 -12.16
N ALA C 169 37.86 6.62 -13.48
CA ALA C 169 38.83 7.50 -14.11
C ALA C 169 38.31 8.06 -15.44
N TYR C 170 38.70 9.29 -15.75
CA TYR C 170 38.36 9.99 -16.99
C TYR C 170 39.62 10.61 -17.59
N TYR C 171 39.74 10.59 -18.91
CA TYR C 171 40.75 11.35 -19.60
C TYR C 171 40.37 12.82 -19.70
N ILE C 172 41.32 13.73 -19.52
CA ILE C 172 41.16 15.18 -19.65
C ILE C 172 42.08 15.65 -20.80
N PRO C 173 41.60 15.65 -22.05
CA PRO C 173 42.43 15.93 -23.22
C PRO C 173 43.03 17.35 -23.23
N SER C 174 42.38 18.33 -22.60
CA SER C 174 42.88 19.70 -22.51
C SER C 174 44.17 19.86 -21.69
N ILE C 175 44.56 18.84 -20.90
CA ILE C 175 45.82 18.82 -20.13
C ILE C 175 46.66 17.57 -20.38
N GLY C 176 46.15 16.58 -21.12
CA GLY C 176 46.88 15.35 -21.47
C GLY C 176 47.07 14.37 -20.30
N LYS C 177 46.15 14.36 -19.34
CA LYS C 177 46.21 13.57 -18.10
C LYS C 177 44.87 12.92 -17.81
N THR C 178 44.83 11.91 -16.96
CA THR C 178 43.59 11.27 -16.52
C THR C 178 43.34 11.47 -15.03
N LEU C 179 42.17 12.01 -14.69
CA LEU C 179 41.70 12.10 -13.32
C LEU C 179 41.17 10.75 -12.89
N ALA C 180 41.68 10.20 -11.79
CA ALA C 180 41.12 9.04 -11.13
C ALA C 180 40.63 9.40 -9.73
N VAL C 181 39.55 8.75 -9.31
CA VAL C 181 38.92 8.86 -8.00
C VAL C 181 38.78 7.47 -7.44
N MET C 182 39.14 7.25 -6.18
CA MET C 182 39.04 5.96 -5.50
C MET C 182 38.14 6.10 -4.29
N TRP C 183 37.37 5.06 -4.00
CA TRP C 183 36.64 4.94 -2.75
C TRP C 183 36.79 3.53 -2.21
N SER C 184 36.75 3.41 -0.90
CA SER C 184 36.67 2.15 -0.19
C SER C 184 35.60 2.28 0.87
N VAL C 185 34.64 1.36 0.86
CA VAL C 185 33.53 1.24 1.79
C VAL C 185 33.47 -0.22 2.25
N PRO C 186 34.24 -0.60 3.27
CA PRO C 186 34.46 -2.00 3.66
C PRO C 186 33.20 -2.76 4.06
N PHE C 187 33.30 -4.10 4.05
CA PHE C 187 32.38 -4.91 4.84
C PHE C 187 32.71 -4.85 6.33
N ASP C 188 33.98 -5.00 6.72
CA ASP C 188 34.35 -5.24 8.12
C ASP C 188 34.98 -4.05 8.83
N TYR C 189 34.15 -3.22 9.47
CA TYR C 189 34.59 -2.04 10.22
C TYR C 189 35.40 -2.32 11.48
N ASN C 190 35.56 -3.58 11.88
CA ASN C 190 36.49 -3.92 12.96
C ASN C 190 37.95 -3.75 12.53
N PHE C 191 38.24 -3.87 11.22
CA PHE C 191 39.61 -3.89 10.68
C PHE C 191 39.86 -2.78 9.66
N TYR C 192 38.81 -2.17 9.13
CA TYR C 192 38.86 -1.18 8.06
C TYR C 192 37.93 0.01 8.34
N GLN C 193 38.06 1.07 7.58
CA GLN C 193 37.19 2.24 7.61
C GLN C 193 37.01 2.78 6.19
N ASN C 194 36.11 3.74 6.01
CA ASN C 194 35.93 4.37 4.70
C ASN C 194 37.14 5.23 4.34
N TRP C 195 37.64 5.08 3.13
CA TRP C 195 38.72 5.90 2.57
C TRP C 195 38.34 6.38 1.19
N TRP C 196 38.87 7.52 0.77
CA TRP C 196 38.78 8.01 -0.60
C TRP C 196 40.05 8.74 -1.00
N ASN C 197 40.27 8.93 -2.29
CA ASN C 197 41.40 9.70 -2.82
C ASN C 197 41.08 10.15 -4.24
N ALA C 198 41.83 11.12 -4.74
CA ALA C 198 41.81 11.52 -6.14
C ALA C 198 43.20 11.98 -6.59
N LYS C 199 43.56 11.75 -7.84
CA LYS C 199 44.84 12.18 -8.42
C LYS C 199 44.78 12.26 -9.95
N LEU C 200 45.67 13.03 -10.56
CA LEU C 200 45.93 13.02 -12.01
C LEU C 200 47.10 12.07 -12.35
N TYR C 201 46.97 11.28 -13.41
CA TYR C 201 48.03 10.47 -14.00
C TYR C 201 48.36 10.93 -15.42
N SER C 202 49.60 10.79 -15.85
CA SER C 202 50.03 11.23 -17.19
C SER C 202 49.45 10.36 -18.31
N GLY C 203 48.95 11.00 -19.37
CA GLY C 203 48.35 10.32 -20.53
C GLY C 203 46.98 9.68 -20.25
N ASN C 204 46.38 9.12 -21.30
CA ASN C 204 45.16 8.31 -21.18
C ASN C 204 45.48 6.94 -20.57
N GLN C 205 44.80 6.56 -19.50
CA GLN C 205 44.95 5.27 -18.83
C GLN C 205 43.58 4.70 -18.43
N ASP C 206 43.35 3.41 -18.62
CA ASP C 206 42.21 2.71 -18.04
C ASP C 206 42.35 2.65 -16.51
N ALA C 207 41.25 2.70 -15.77
CA ALA C 207 41.25 2.35 -14.35
C ALA C 207 41.52 0.85 -14.18
N ASP C 208 42.49 0.47 -13.35
CA ASP C 208 42.76 -0.91 -12.98
C ASP C 208 43.42 -1.03 -11.61
N TYR C 209 43.84 -2.24 -11.23
CA TYR C 209 44.38 -2.53 -9.91
C TYR C 209 45.57 -1.65 -9.53
N ASP C 210 46.41 -1.23 -10.48
CA ASP C 210 47.60 -0.44 -10.16
C ASP C 210 47.25 1.00 -9.79
N HIS C 211 46.13 1.54 -10.27
CA HIS C 211 45.57 2.80 -9.76
C HIS C 211 44.98 2.60 -8.37
N TYR C 212 44.29 1.49 -8.11
CA TYR C 212 43.76 1.20 -6.78
C TYR C 212 44.89 1.15 -5.75
N VAL C 213 45.97 0.42 -6.03
CA VAL C 213 47.13 0.34 -5.14
C VAL C 213 47.77 1.71 -4.92
N ASP C 214 47.99 2.48 -5.98
CA ASP C 214 48.56 3.82 -5.85
C ASP C 214 47.66 4.76 -5.04
N LEU C 215 46.36 4.83 -5.34
CA LEU C 215 45.41 5.70 -4.62
C LEU C 215 45.15 5.26 -3.18
N TYR C 216 45.16 3.96 -2.88
CA TYR C 216 44.83 3.45 -1.56
C TYR C 216 46.02 3.27 -0.61
N TYR C 217 47.24 3.02 -1.11
CA TYR C 217 48.42 2.82 -0.27
C TYR C 217 49.47 3.91 -0.44
N ASP C 218 49.82 4.26 -1.68
CA ASP C 218 51.01 5.08 -1.96
C ASP C 218 50.76 6.59 -1.97
N ALA C 219 49.53 7.02 -2.27
CA ALA C 219 49.15 8.42 -2.48
C ALA C 219 48.34 9.06 -1.33
N ASN C 220 48.43 8.50 -0.12
CA ASN C 220 47.86 9.06 1.12
C ASN C 220 46.35 9.42 1.01
N PRO C 221 45.45 8.44 1.07
CA PRO C 221 44.01 8.67 1.02
C PRO C 221 43.48 9.41 2.26
N PHE C 222 42.25 9.91 2.17
CA PHE C 222 41.56 10.61 3.25
C PHE C 222 40.57 9.71 3.98
N LYS C 223 40.43 9.91 5.28
CA LYS C 223 39.38 9.31 6.10
C LYS C 223 38.03 9.99 5.84
N ALA C 224 36.95 9.30 6.17
CA ALA C 224 35.60 9.82 6.08
C ALA C 224 35.21 10.67 7.31
N ASN C 225 35.89 11.78 7.53
CA ASN C 225 35.79 12.61 8.73
C ASN C 225 35.62 14.11 8.43
N GLY C 226 34.81 14.43 7.42
CA GLY C 226 34.55 15.80 6.97
C GLY C 226 35.31 16.19 5.71
N TRP C 227 35.26 17.47 5.35
CA TRP C 227 35.83 18.01 4.11
C TRP C 227 37.34 18.13 4.12
N HIS C 228 37.97 17.72 3.03
CA HIS C 228 39.39 17.85 2.75
C HIS C 228 39.62 18.48 1.39
N GLU C 229 40.74 19.18 1.21
CA GLU C 229 41.11 19.84 -0.04
C GLU C 229 42.56 19.51 -0.42
N ARG C 230 42.88 19.35 -1.69
CA ARG C 230 44.24 19.07 -2.18
C ARG C 230 44.41 19.55 -3.63
N SER C 231 45.62 19.94 -4.01
CA SER C 231 45.98 20.22 -5.41
C SER C 231 46.14 18.93 -6.22
N LEU C 232 45.75 18.98 -7.49
CA LEU C 232 46.01 17.90 -8.46
C LEU C 232 47.30 18.12 -9.27
N GLY C 233 47.86 19.33 -9.24
CA GLY C 233 48.78 19.81 -10.27
C GLY C 233 48.04 20.29 -11.52
N SER C 234 48.77 20.69 -12.56
CA SER C 234 48.20 21.12 -13.85
C SER C 234 47.15 22.25 -13.77
N GLY C 235 47.24 23.08 -12.73
CA GLY C 235 46.29 24.17 -12.45
C GLY C 235 44.98 23.75 -11.80
N LEU C 236 44.80 22.47 -11.46
CA LEU C 236 43.56 21.95 -10.87
C LEU C 236 43.72 21.56 -9.40
N LYS C 237 42.58 21.50 -8.73
CA LYS C 237 42.41 21.30 -7.29
C LYS C 237 41.14 20.49 -7.05
N PHE C 238 41.03 19.78 -5.94
CA PHE C 238 39.74 19.24 -5.52
C PHE C 238 39.49 19.49 -4.04
N CYS C 239 38.23 19.61 -3.68
CA CYS C 239 37.77 19.44 -2.31
C CYS C 239 36.72 18.34 -2.29
N GLY C 240 36.67 17.53 -1.25
CA GLY C 240 35.67 16.50 -1.15
C GLY C 240 35.46 16.02 0.27
N SER C 241 34.42 15.24 0.48
CA SER C 241 34.17 14.57 1.75
C SER C 241 33.47 13.25 1.52
N MET C 242 33.56 12.37 2.52
CA MET C 242 32.92 11.08 2.51
C MET C 242 32.20 10.83 3.84
N SER C 243 31.03 10.27 3.80
CA SER C 243 30.32 9.89 4.96
C SER C 243 31.00 8.73 5.49
N SER C 244 30.92 8.52 6.78
CA SER C 244 31.61 7.45 7.40
C SER C 244 30.82 6.26 7.60
N SER C 245 29.58 6.25 7.17
CA SER C 245 28.72 5.16 7.30
C SER C 245 29.09 4.15 6.33
N GLY C 246 28.25 3.17 6.16
CA GLY C 246 28.54 2.09 5.28
C GLY C 246 27.62 2.13 4.16
N GLN C 247 26.95 3.23 3.98
CA GLN C 247 26.08 3.48 2.88
C GLN C 247 26.50 4.87 2.75
N ALA C 248 27.66 5.11 2.17
CA ALA C 248 28.27 6.37 2.17
C ALA C 248 28.09 7.27 1.03
N THR C 249 27.97 8.57 1.26
CA THR C 249 28.02 9.57 0.20
C THR C 249 29.45 10.04 0.08
N LEU C 250 30.03 9.97 -1.11
CA LEU C 250 31.29 10.60 -1.48
C LEU C 250 30.95 11.76 -2.40
N GLU C 251 31.33 12.97 -2.01
CA GLU C 251 31.18 14.17 -2.82
C GLU C 251 32.54 14.80 -3.07
N ILE C 252 32.86 15.06 -4.32
CA ILE C 252 34.10 15.70 -4.74
C ILE C 252 33.75 16.83 -5.70
N HIS C 253 34.32 18.01 -5.49
CA HIS C 253 34.30 19.11 -6.44
C HIS C 253 35.71 19.27 -6.98
N VAL C 254 35.87 19.17 -8.30
CA VAL C 254 37.14 19.42 -8.97
C VAL C 254 37.08 20.81 -9.58
N LEU C 255 38.07 21.62 -9.25
CA LEU C 255 38.08 23.07 -9.39
C LEU C 255 39.40 23.51 -10.04
N LYS C 256 39.46 24.73 -10.57
CA LYS C 256 40.75 25.37 -10.85
C LYS C 256 41.36 25.89 -9.55
N GLU C 257 42.68 25.98 -9.46
CA GLU C 257 43.40 26.46 -8.27
C GLU C 257 42.97 27.88 -7.83
N SER C 258 42.55 28.73 -8.77
CA SER C 258 42.04 30.08 -8.51
C SER C 258 40.66 30.15 -7.83
N GLU C 259 39.90 29.05 -7.76
CA GLU C 259 38.50 29.07 -7.30
C GLU C 259 38.35 28.69 -5.81
N THR C 260 37.39 29.29 -5.12
CA THR C 260 36.97 28.87 -3.77
C THR C 260 36.02 27.66 -3.84
N CYS C 261 36.37 26.70 -3.00
CA CYS C 261 35.65 25.47 -3.01
C CYS C 261 34.24 25.84 -2.80
N MET C 262 33.36 25.12 -3.50
CA MET C 262 31.95 25.46 -3.48
C MET C 262 31.55 26.00 -2.11
N ALA D 82 19.90 -38.77 25.20
CA ALA D 82 20.75 -38.09 26.16
C ALA D 82 21.07 -36.69 25.72
N ALA D 83 21.94 -36.58 24.72
CA ALA D 83 22.35 -35.29 24.19
C ALA D 83 21.22 -34.52 23.55
N GLY D 84 20.11 -35.21 23.26
CA GLY D 84 18.97 -34.57 22.63
C GLY D 84 18.46 -33.35 23.37
N THR D 85 18.28 -33.47 24.68
CA THR D 85 17.78 -32.35 25.47
C THR D 85 18.89 -31.35 25.70
N ILE D 86 20.11 -31.73 25.37
CA ILE D 86 21.21 -30.79 25.48
C ILE D 86 21.12 -29.93 24.25
N ILE D 87 20.48 -30.45 23.20
CA ILE D 87 20.25 -29.62 22.05
C ILE D 87 19.07 -28.75 22.47
N ALA D 88 18.07 -29.33 23.11
CA ALA D 88 16.99 -28.52 23.68
C ALA D 88 17.50 -27.32 24.51
N GLY D 89 18.57 -27.48 25.28
CA GLY D 89 19.22 -26.39 26.01
C GLY D 89 19.90 -25.37 25.09
N ALA D 90 20.51 -25.84 24.00
CA ALA D 90 21.05 -24.98 22.95
C ALA D 90 19.93 -24.19 22.26
N GLU D 91 18.79 -24.83 21.95
CA GLU D 91 17.63 -24.15 21.37
C GLU D 91 17.07 -23.05 22.26
N LEU D 92 16.89 -23.30 23.57
CA LEU D 92 16.46 -22.25 24.51
C LEU D 92 17.49 -21.10 24.59
N THR D 93 18.78 -21.42 24.59
CA THR D 93 19.85 -20.41 24.62
C THR D 93 19.86 -19.55 23.35
N ILE D 94 19.83 -20.17 22.17
CA ILE D 94 19.83 -19.47 20.88
C ILE D 94 18.55 -18.65 20.69
N GLY D 95 17.39 -19.16 21.13
CA GLY D 95 16.14 -18.41 21.11
C GLY D 95 16.21 -17.12 21.93
N LEU D 96 16.72 -17.20 23.16
CA LEU D 96 16.94 -16.02 24.00
C LEU D 96 17.98 -15.06 23.40
N LEU D 97 19.08 -15.58 22.82
CA LEU D 97 20.11 -14.74 22.20
C LEU D 97 19.64 -14.05 20.92
N GLN D 98 18.97 -14.70 19.99
CA GLN D 98 18.44 -14.04 18.80
C GLN D 98 17.42 -12.99 19.20
N ASN D 99 16.58 -13.20 20.21
CA ASN D 99 15.71 -12.13 20.70
C ASN D 99 16.51 -10.95 21.25
N LEU D 100 17.59 -11.18 22.00
CA LEU D 100 18.46 -10.09 22.46
C LEU D 100 19.04 -9.30 21.28
N LEU D 101 19.64 -9.99 20.30
CA LEU D 101 20.26 -9.31 19.17
C LEU D 101 19.24 -8.60 18.28
N ASP D 102 18.03 -9.13 18.08
CA ASP D 102 16.97 -8.38 17.39
C ASP D 102 16.49 -7.16 18.19
N VAL D 103 16.47 -7.18 19.52
CA VAL D 103 16.16 -5.97 20.30
C VAL D 103 17.26 -4.91 20.18
N LEU D 104 18.53 -5.26 20.44
CA LEU D 104 19.64 -4.32 20.33
C LEU D 104 19.83 -3.79 18.90
N ALA D 105 19.44 -4.56 17.87
CA ALA D 105 19.42 -4.09 16.50
C ALA D 105 18.29 -3.07 16.25
N ASN D 106 17.06 -3.35 16.69
CA ASN D 106 15.90 -2.51 16.40
C ASN D 106 15.79 -1.24 17.24
N VAL D 107 16.44 -1.17 18.41
CA VAL D 107 16.56 0.07 19.19
C VAL D 107 17.27 1.14 18.34
N ASN D 108 16.59 2.25 18.09
CA ASN D 108 17.07 3.32 17.21
C ASN D 108 17.40 4.58 18.03
N ARG D 109 18.57 5.16 17.78
CA ARG D 109 19.04 6.37 18.40
C ARG D 109 19.46 7.24 17.28
N LYS D 110 19.16 8.49 17.30
CA LYS D 110 19.58 9.49 16.31
C LYS D 110 19.52 10.88 16.88
N CYS D 111 20.23 11.80 16.26
CA CYS D 111 20.07 13.23 16.49
C CYS D 111 19.78 13.89 15.15
N ALA D 112 18.78 14.74 15.04
CA ALA D 112 18.71 15.75 13.99
C ALA D 112 19.44 16.98 14.52
N VAL D 113 20.53 17.39 13.89
CA VAL D 113 21.39 18.47 14.37
C VAL D 113 21.26 19.67 13.45
N GLY D 114 20.37 20.60 13.81
CA GLY D 114 20.18 21.86 13.12
C GLY D 114 21.03 22.96 13.74
N VAL D 115 22.00 23.51 13.03
CA VAL D 115 22.83 24.62 13.49
C VAL D 115 22.69 25.79 12.52
N ASP D 116 22.10 26.89 12.97
CA ASP D 116 21.66 27.99 12.12
C ASP D 116 22.61 29.18 12.26
N ASN D 117 23.18 29.62 11.13
CA ASN D 117 24.18 30.68 11.11
C ASN D 117 23.55 32.05 10.90
N GLU D 118 23.20 32.74 11.98
CA GLU D 118 22.82 34.16 11.96
C GLU D 118 24.00 35.06 12.40
N SER D 119 25.24 34.56 12.38
CA SER D 119 26.41 35.20 13.00
C SER D 119 26.99 36.36 12.18
N GLY D 120 26.55 36.59 10.95
CA GLY D 120 27.14 37.58 10.05
C GLY D 120 28.43 37.13 9.36
N PHE D 121 28.97 35.95 9.68
CA PHE D 121 30.22 35.42 9.14
C PHE D 121 30.01 34.07 8.45
N ARG D 122 30.67 33.84 7.31
CA ARG D 122 30.63 32.57 6.58
C ARG D 122 31.50 31.51 7.27
N TRP D 123 30.96 30.32 7.46
CA TRP D 123 31.63 29.15 8.01
C TRP D 123 32.15 28.24 6.89
N GLN D 124 33.26 27.53 7.06
CA GLN D 124 33.81 26.66 6.01
C GLN D 124 34.57 25.45 6.55
N GLU D 125 34.85 24.48 5.69
CA GLU D 125 35.64 23.28 5.98
C GLU D 125 35.00 22.38 7.04
N GLY D 126 33.72 22.05 6.84
CA GLY D 126 32.94 21.24 7.75
C GLY D 126 33.63 19.92 8.11
N SER D 127 33.97 19.75 9.38
CA SER D 127 34.70 18.62 9.94
C SER D 127 33.82 17.87 10.93
N THR D 128 33.95 16.55 11.06
CA THR D 128 33.13 15.75 11.99
C THR D 128 33.93 14.68 12.70
N TYR D 129 33.57 14.39 13.94
CA TYR D 129 34.10 13.29 14.72
C TYR D 129 32.97 12.50 15.35
N PHE D 130 33.04 11.16 15.34
CA PHE D 130 32.12 10.31 16.05
C PHE D 130 32.84 9.48 17.10
N PHE D 131 32.46 9.65 18.36
CA PHE D 131 32.80 8.70 19.42
C PHE D 131 31.90 7.46 19.32
N SER D 132 30.64 7.67 18.96
CA SER D 132 29.67 6.60 18.69
C SER D 132 28.76 7.02 17.53
N GLY D 133 28.36 6.09 16.68
CA GLY D 133 27.47 6.37 15.57
C GLY D 133 28.16 6.85 14.30
N THR D 134 27.37 7.26 13.32
CA THR D 134 27.75 7.66 11.97
C THR D 134 26.69 8.59 11.36
N ALA D 135 26.91 9.15 10.17
CA ALA D 135 25.85 9.80 9.39
C ALA D 135 25.89 9.39 7.91
N ASP D 136 24.74 9.22 7.27
CA ASP D 136 24.62 8.81 5.85
C ASP D 136 24.77 9.97 4.83
N GLU D 137 25.24 11.14 5.27
CA GLU D 137 25.33 12.36 4.49
C GLU D 137 26.56 13.18 4.88
N ASN D 138 27.01 14.07 4.00
CA ASN D 138 28.09 15.00 4.31
C ASN D 138 27.55 16.27 4.98
N LEU D 139 28.39 16.97 5.73
CA LEU D 139 28.14 18.38 6.03
C LEU D 139 28.14 19.22 4.75
N PRO D 140 27.46 20.37 4.70
CA PRO D 140 27.80 21.41 3.73
C PRO D 140 29.28 21.78 3.83
N TYR D 141 29.96 22.09 2.72
CA TYR D 141 31.34 22.58 2.80
C TYR D 141 31.43 23.88 3.57
N SER D 142 30.45 24.77 3.37
CA SER D 142 30.38 26.09 3.97
C SER D 142 28.96 26.47 4.33
N VAL D 143 28.81 27.44 5.23
CA VAL D 143 27.52 27.95 5.68
C VAL D 143 27.58 29.47 5.67
N SER D 144 27.00 30.09 4.65
CA SER D 144 26.85 31.53 4.55
C SER D 144 25.82 32.08 5.54
N ASP D 145 25.86 33.37 5.82
CA ASP D 145 24.97 34.02 6.78
C ASP D 145 23.49 33.90 6.36
N GLY D 146 22.62 33.46 7.26
CA GLY D 146 21.20 33.22 6.99
C GLY D 146 20.84 31.82 6.48
N TYR D 147 21.73 30.85 6.66
CA TYR D 147 21.53 29.45 6.27
C TYR D 147 21.94 28.48 7.38
N ALA D 148 21.40 27.26 7.37
CA ALA D 148 21.58 26.29 8.44
C ALA D 148 22.25 25.00 7.97
N VAL D 149 23.12 24.45 8.82
CA VAL D 149 23.54 23.05 8.75
C VAL D 149 22.37 22.20 9.21
N LEU D 150 21.88 21.31 8.35
CA LEU D 150 21.02 20.20 8.76
C LEU D 150 21.83 18.92 8.61
N TYR D 151 21.99 18.19 9.70
CA TYR D 151 22.82 16.99 9.75
C TYR D 151 22.12 15.91 10.55
N GLY D 152 22.15 14.65 10.10
CA GLY D 152 21.37 13.55 10.66
C GLY D 152 22.20 12.38 11.16
N PRO D 153 23.05 12.57 12.18
CA PRO D 153 23.81 11.49 12.77
C PRO D 153 22.94 10.46 13.51
N ARG D 154 23.33 9.19 13.44
CA ARG D 154 22.55 8.03 13.89
C ARG D 154 23.43 6.95 14.51
N LYS D 155 22.82 6.04 15.28
CA LYS D 155 23.45 4.84 15.82
C LYS D 155 23.94 3.92 14.70
N THR D 156 25.02 3.18 14.93
CA THR D 156 25.54 2.16 14.01
C THR D 156 24.52 1.02 13.84
N ASN D 157 24.30 0.53 12.62
CA ASN D 157 23.35 -0.57 12.38
C ASN D 157 23.86 -1.90 12.93
N GLY D 158 22.94 -2.82 13.22
CA GLY D 158 23.22 -4.06 13.93
C GLY D 158 23.17 -3.90 15.46
N PRO D 159 23.37 -4.98 16.22
CA PRO D 159 23.23 -5.00 17.67
C PRO D 159 24.44 -4.39 18.42
N VAL D 160 24.78 -3.13 18.13
CA VAL D 160 26.04 -2.50 18.59
C VAL D 160 25.99 -2.00 20.05
N ALA D 161 24.81 -1.69 20.60
CA ALA D 161 24.62 -1.20 21.97
C ALA D 161 25.37 0.08 22.35
N THR D 162 25.62 0.97 21.38
CA THR D 162 26.18 2.31 21.56
C THR D 162 25.25 3.36 20.95
N GLY D 163 25.22 4.57 21.50
CA GLY D 163 24.35 5.65 21.02
C GLY D 163 24.94 6.46 19.88
N VAL D 164 24.56 7.74 19.79
CA VAL D 164 25.17 8.71 18.88
C VAL D 164 25.93 9.73 19.71
N VAL D 165 27.22 9.93 19.45
CA VAL D 165 28.05 10.85 20.22
C VAL D 165 29.08 11.40 19.28
N GLY D 166 29.14 12.70 19.13
CA GLY D 166 30.03 13.28 18.15
C GLY D 166 30.15 14.77 18.24
N VAL D 167 31.06 15.30 17.42
CA VAL D 167 31.37 16.71 17.26
C VAL D 167 31.22 17.06 15.79
N LEU D 168 30.71 18.24 15.46
CA LEU D 168 30.88 18.85 14.15
C LEU D 168 31.55 20.19 14.36
N ALA D 169 32.47 20.58 13.47
CA ALA D 169 33.20 21.83 13.58
C ALA D 169 33.39 22.50 12.23
N TYR D 170 33.39 23.83 12.22
CA TYR D 170 33.61 24.67 11.05
C TYR D 170 34.62 25.75 11.36
N TYR D 171 35.49 26.08 10.42
CA TYR D 171 36.34 27.26 10.53
C TYR D 171 35.56 28.52 10.19
N ILE D 172 35.80 29.60 10.93
CA ILE D 172 35.21 30.92 10.71
C ILE D 172 36.36 31.90 10.40
N PRO D 173 36.75 32.06 9.13
CA PRO D 173 37.93 32.84 8.75
C PRO D 173 37.82 34.33 9.10
N SER D 174 36.61 34.90 9.17
CA SER D 174 36.40 36.30 9.56
C SER D 174 36.79 36.64 11.00
N ILE D 175 36.98 35.63 11.87
CA ILE D 175 37.43 35.80 13.26
C ILE D 175 38.66 34.95 13.61
N GLY D 176 39.11 34.05 12.72
CA GLY D 176 40.30 33.22 12.93
C GLY D 176 40.13 32.10 13.96
N LYS D 177 38.91 31.59 14.12
CA LYS D 177 38.52 30.58 15.12
C LYS D 177 37.63 29.52 14.51
N THR D 178 37.49 28.36 15.14
CA THR D 178 36.59 27.30 14.69
C THR D 178 35.45 27.06 15.69
N LEU D 179 34.22 27.13 15.21
CA LEU D 179 33.03 26.76 15.98
C LEU D 179 32.91 25.24 15.99
N ALA D 180 32.85 24.64 17.17
CA ALA D 180 32.51 23.24 17.33
C ALA D 180 31.19 23.09 18.09
N VAL D 181 30.42 22.07 17.75
CA VAL D 181 29.15 21.68 18.37
C VAL D 181 29.26 20.22 18.72
N MET D 182 28.86 19.82 19.92
CA MET D 182 28.87 18.45 20.40
C MET D 182 27.47 18.01 20.76
N TRP D 183 27.14 16.76 20.51
CA TRP D 183 25.93 16.15 21.02
C TRP D 183 26.26 14.76 21.54
N SER D 184 25.51 14.32 22.53
CA SER D 184 25.51 12.97 23.04
C SER D 184 24.07 12.51 23.18
N VAL D 185 23.73 11.39 22.57
CA VAL D 185 22.44 10.72 22.59
C VAL D 185 22.69 9.25 22.92
N PRO D 186 22.78 8.88 24.21
CA PRO D 186 23.23 7.57 24.65
C PRO D 186 22.39 6.39 24.16
N PHE D 187 22.97 5.18 24.24
CA PHE D 187 22.16 3.97 24.27
C PHE D 187 21.50 3.78 25.64
N ASP D 188 22.23 3.93 26.74
CA ASP D 188 21.77 3.49 28.06
C ASP D 188 21.35 4.62 29.00
N TYR D 189 20.07 4.98 28.96
CA TYR D 189 19.49 6.02 29.80
C TYR D 189 19.43 5.71 31.31
N ASN D 190 19.79 4.51 31.73
CA ASN D 190 19.95 4.22 33.16
C ASN D 190 21.19 4.91 33.75
N PHE D 191 22.20 5.19 32.93
CA PHE D 191 23.50 5.71 33.36
C PHE D 191 23.88 7.05 32.72
N TYR D 192 23.20 7.42 31.64
CA TYR D 192 23.49 8.60 30.84
C TYR D 192 22.20 9.36 30.46
N GLN D 193 22.35 10.56 29.94
CA GLN D 193 21.25 11.38 29.41
C GLN D 193 21.76 12.16 28.20
N ASN D 194 20.86 12.82 27.47
CA ASN D 194 21.26 13.66 26.34
C ASN D 194 22.00 14.89 26.82
N TRP D 195 23.14 15.19 26.20
CA TRP D 195 23.92 16.40 26.45
C TRP D 195 24.29 17.05 25.13
N TRP D 196 24.47 18.37 25.13
CA TRP D 196 25.03 19.11 24.01
C TRP D 196 25.88 20.26 24.50
N ASN D 197 26.75 20.81 23.65
CA ASN D 197 27.57 21.98 23.94
C ASN D 197 27.99 22.63 22.63
N ALA D 198 28.46 23.87 22.70
CA ALA D 198 29.12 24.56 21.60
C ALA D 198 30.20 25.52 22.15
N LYS D 199 31.29 25.70 21.40
CA LYS D 199 32.37 26.62 21.76
C LYS D 199 33.21 27.03 20.54
N LEU D 200 33.91 28.16 20.63
CA LEU D 200 34.95 28.56 19.66
C LEU D 200 36.34 28.11 20.15
N TYR D 201 37.17 27.58 19.25
CA TYR D 201 38.59 27.30 19.47
C TYR D 201 39.48 28.15 18.58
N SER D 202 40.68 28.49 19.03
CA SER D 202 41.60 29.34 18.26
C SER D 202 42.17 28.62 17.03
N GLY D 203 42.19 29.31 15.89
CA GLY D 203 42.70 28.77 14.62
C GLY D 203 41.82 27.72 13.97
N ASN D 204 42.20 27.26 12.78
CA ASN D 204 41.58 26.12 12.10
C ASN D 204 41.97 24.81 12.79
N GLN D 205 40.99 24.01 13.20
CA GLN D 205 41.19 22.69 13.81
C GLN D 205 40.19 21.67 13.26
N ASP D 206 40.63 20.45 12.99
CA ASP D 206 39.74 19.32 12.72
C ASP D 206 38.97 18.95 13.99
N ALA D 207 37.72 18.49 13.86
CA ALA D 207 37.03 17.84 14.97
C ALA D 207 37.69 16.49 15.28
N ASP D 208 38.02 16.24 16.54
CA ASP D 208 38.54 14.95 17.00
C ASP D 208 38.23 14.71 18.49
N TYR D 209 38.78 13.63 19.06
CA TYR D 209 38.50 13.22 20.42
C TYR D 209 38.80 14.30 21.47
N ASP D 210 39.79 15.16 21.25
CA ASP D 210 40.16 16.16 22.25
C ASP D 210 39.15 17.31 22.31
N HIS D 211 38.42 17.59 21.22
CA HIS D 211 37.25 18.47 21.26
C HIS D 211 36.07 17.78 21.96
N TYR D 212 35.85 16.49 21.73
CA TYR D 212 34.80 15.75 22.42
C TYR D 212 35.03 15.80 23.94
N VAL D 213 36.24 15.51 24.41
CA VAL D 213 36.57 15.57 25.84
C VAL D 213 36.39 16.98 26.41
N ASP D 214 36.87 18.01 25.72
CA ASP D 214 36.69 19.39 26.17
C ASP D 214 35.21 19.80 26.22
N LEU D 215 34.43 19.54 25.16
CA LEU D 215 33.02 19.90 25.11
C LEU D 215 32.14 19.07 26.06
N TYR D 216 32.46 17.81 26.31
CA TYR D 216 31.64 16.92 27.13
C TYR D 216 32.02 16.89 28.62
N TYR D 217 33.27 17.13 29.00
CA TYR D 217 33.69 17.11 30.41
C TYR D 217 34.14 18.47 30.93
N ASP D 218 34.99 19.19 30.19
CA ASP D 218 35.68 20.37 30.72
C ASP D 218 34.93 21.69 30.54
N ALA D 219 34.06 21.79 29.53
CA ALA D 219 33.39 23.03 29.12
C ALA D 219 31.90 23.11 29.49
N ASN D 220 31.45 22.33 30.48
CA ASN D 220 30.11 22.39 31.07
C ASN D 220 28.96 22.30 30.05
N PRO D 221 28.65 21.11 29.52
CA PRO D 221 27.57 20.91 28.57
C PRO D 221 26.18 21.14 29.19
N PHE D 222 25.16 21.26 28.34
CA PHE D 222 23.77 21.44 28.72
C PHE D 222 22.98 20.14 28.67
N LYS D 223 22.03 19.99 29.60
CA LYS D 223 21.02 18.93 29.57
C LYS D 223 19.96 19.21 28.51
N ALA D 224 19.26 18.18 28.08
CA ALA D 224 18.14 18.27 27.15
C ALA D 224 16.82 18.65 27.85
N ASN D 225 16.76 19.84 28.44
CA ASN D 225 15.66 20.29 29.31
C ASN D 225 15.15 21.70 28.95
N GLY D 226 15.04 21.99 27.66
CA GLY D 226 14.60 23.29 27.14
C GLY D 226 15.74 24.17 26.64
N TRP D 227 15.43 25.42 26.32
CA TRP D 227 16.36 26.38 25.71
C TRP D 227 17.39 26.94 26.68
N HIS D 228 18.63 27.00 26.23
CA HIS D 228 19.77 27.61 26.92
C HIS D 228 20.49 28.59 26.01
N GLU D 229 21.13 29.61 26.57
CA GLU D 229 21.88 30.62 25.82
C GLU D 229 23.26 30.84 26.47
N ARG D 230 24.31 31.08 25.67
CA ARG D 230 25.67 31.35 26.17
C ARG D 230 26.45 32.18 25.14
N SER D 231 27.40 32.99 25.61
CA SER D 231 28.36 33.69 24.75
C SER D 231 29.44 32.73 24.23
N LEU D 232 29.91 32.96 23.00
CA LEU D 232 31.07 32.26 22.43
C LEU D 232 32.38 33.04 22.62
N GLY D 233 32.31 34.32 22.98
CA GLY D 233 33.39 35.28 22.76
C GLY D 233 33.40 35.79 21.32
N SER D 234 34.39 36.63 20.97
CA SER D 234 34.58 37.16 19.62
C SER D 234 33.35 37.87 19.00
N GLY D 235 32.48 38.42 19.85
CA GLY D 235 31.23 39.09 19.46
C GLY D 235 30.07 38.15 19.15
N LEU D 236 30.22 36.84 19.30
CA LEU D 236 29.19 35.84 18.98
C LEU D 236 28.58 35.19 20.22
N LYS D 237 27.40 34.63 20.01
CA LYS D 237 26.51 34.06 21.03
C LYS D 237 25.78 32.87 20.41
N PHE D 238 25.31 31.93 21.21
CA PHE D 238 24.34 30.95 20.72
C PHE D 238 23.22 30.75 21.70
N CYS D 239 22.06 30.40 21.19
CA CYS D 239 20.98 29.79 21.97
C CYS D 239 20.63 28.46 21.32
N GLY D 240 20.30 27.45 22.10
CA GLY D 240 19.91 26.17 21.55
C GLY D 240 19.11 25.33 22.52
N SER D 241 18.54 24.25 22.04
CA SER D 241 17.86 23.26 22.86
C SER D 241 17.99 21.88 22.26
N MET D 242 17.82 20.86 23.09
CA MET D 242 17.85 19.48 22.69
C MET D 242 16.65 18.72 23.26
N SER D 243 16.04 17.86 22.50
CA SER D 243 15.00 17.03 22.95
C SER D 243 15.62 16.02 23.80
N SER D 244 14.89 15.51 24.74
CA SER D 244 15.41 14.59 25.68
C SER D 244 15.20 13.20 25.34
N SER D 245 14.56 12.92 24.22
CA SER D 245 14.29 11.62 23.78
C SER D 245 15.49 11.03 23.28
N GLY D 246 15.37 9.91 22.62
CA GLY D 246 16.50 9.20 22.13
C GLY D 246 16.49 9.23 20.68
N GLN D 247 15.69 10.09 20.11
CA GLN D 247 15.62 10.32 18.71
C GLN D 247 15.47 11.76 18.86
N ALA D 248 16.55 12.47 19.14
CA ALA D 248 16.52 13.82 19.52
C ALA D 248 16.71 14.86 18.52
N THR D 249 16.00 15.97 18.61
CA THR D 249 16.28 17.16 17.81
C THR D 249 17.19 18.06 18.62
N LEU D 250 18.33 18.43 18.06
CA LEU D 250 19.21 19.49 18.58
C LEU D 250 19.06 20.68 17.64
N GLU D 251 18.65 21.81 18.17
CA GLU D 251 18.56 23.06 17.43
C GLU D 251 19.44 24.11 18.10
N ILE D 252 20.31 24.75 17.33
CA ILE D 252 21.20 25.81 17.80
C ILE D 252 21.09 26.97 16.82
N HIS D 253 20.93 28.18 17.32
CA HIS D 253 21.05 29.42 16.57
C HIS D 253 22.31 30.11 17.03
N VAL D 254 23.23 30.38 16.12
CA VAL D 254 24.45 31.14 16.40
C VAL D 254 24.24 32.56 15.89
N LEU D 255 24.45 33.53 16.76
CA LEU D 255 23.98 34.90 16.65
C LEU D 255 25.14 35.85 16.98
N LYS D 256 25.03 37.12 16.59
CA LYS D 256 25.87 38.17 17.19
C LYS D 256 25.35 38.53 18.58
N GLU D 257 26.22 38.99 19.48
CA GLU D 257 25.84 39.36 20.85
C GLU D 257 24.74 40.44 20.91
N SER D 258 24.66 41.32 19.92
CA SER D 258 23.63 42.36 19.77
C SER D 258 22.22 41.85 19.44
N GLU D 259 22.05 40.59 19.01
CA GLU D 259 20.78 40.09 18.49
C GLU D 259 19.95 39.34 19.55
N THR D 260 18.62 39.45 19.46
CA THR D 260 17.69 38.62 20.26
C THR D 260 17.51 37.24 19.61
N CYS D 261 17.64 36.25 20.48
CA CYS D 261 17.57 34.90 20.03
C CYS D 261 16.31 34.77 19.30
N MET D 262 16.36 34.01 18.20
CA MET D 262 15.22 33.90 17.32
C MET D 262 13.92 33.96 18.14
N ALA E 82 14.12 -35.85 32.40
CA ALA E 82 13.90 -35.20 33.68
C ALA E 82 13.85 -33.70 33.53
N ALA E 83 15.02 -33.10 33.30
CA ALA E 83 15.13 -31.66 33.15
C ALA E 83 14.43 -31.14 31.92
N GLY E 84 14.06 -32.04 31.01
CA GLY E 84 13.36 -31.64 29.79
C GLY E 84 12.11 -30.83 30.03
N THR E 85 11.25 -31.30 30.93
CA THR E 85 10.01 -30.61 31.22
C THR E 85 10.28 -29.41 32.09
N ILE E 86 11.50 -29.31 32.61
CA ILE E 86 11.87 -28.15 33.39
C ILE E 86 12.19 -27.09 32.37
N ILE E 87 12.54 -27.51 31.16
CA ILE E 87 12.74 -26.55 30.11
C ILE E 87 11.33 -26.18 29.69
N ALA E 88 10.46 -27.18 29.55
CA ALA E 88 9.04 -26.88 29.29
C ALA E 88 8.47 -25.82 30.25
N GLY E 89 8.83 -25.82 31.53
CA GLY E 89 8.46 -24.78 32.51
C GLY E 89 9.10 -23.42 32.22
N ALA E 90 10.36 -23.42 31.76
CA ALA E 90 11.03 -22.21 31.29
C ALA E 90 10.33 -21.66 30.02
N GLU E 91 9.95 -22.52 29.07
CA GLU E 91 9.20 -22.10 27.89
C GLU E 91 7.85 -21.46 28.21
N LEU E 92 7.06 -22.05 29.12
CA LEU E 92 5.79 -21.43 29.57
C LEU E 92 6.05 -20.08 30.27
N THR E 93 7.09 -19.98 31.09
CA THR E 93 7.46 -18.74 31.78
C THR E 93 7.88 -17.65 30.79
N ILE E 94 8.79 -17.95 29.87
CA ILE E 94 9.29 -16.99 28.87
C ILE E 94 8.17 -16.58 27.90
N GLY E 95 7.28 -17.50 27.51
CA GLY E 95 6.11 -17.17 26.69
C GLY E 95 5.19 -16.16 27.37
N LEU E 96 4.87 -16.35 28.65
CA LEU E 96 4.08 -15.40 29.42
C LEU E 96 4.81 -14.06 29.61
N LEU E 97 6.12 -14.08 29.86
CA LEU E 97 6.92 -12.85 30.03
C LEU E 97 7.07 -12.05 28.73
N GLN E 98 7.39 -12.64 27.59
CA GLN E 98 7.45 -11.91 26.33
C GLN E 98 6.09 -11.33 26.00
N ASN E 99 4.97 -12.01 26.25
CA ASN E 99 3.66 -11.40 26.06
C ASN E 99 3.45 -10.19 26.99
N LEU E 100 3.87 -10.25 28.26
CA LEU E 100 3.82 -9.10 29.15
C LEU E 100 4.63 -7.92 28.60
N LEU E 101 5.89 -8.15 28.22
CA LEU E 101 6.75 -7.06 27.74
C LEU E 101 6.26 -6.51 26.40
N ASP E 102 5.73 -7.31 25.48
CA ASP E 102 5.09 -6.77 24.27
C ASP E 102 3.81 -5.97 24.57
N VAL E 103 3.01 -6.31 25.58
CA VAL E 103 1.87 -5.46 25.99
C VAL E 103 2.34 -4.13 26.58
N LEU E 104 3.22 -4.14 27.60
CA LEU E 104 3.73 -2.91 28.21
C LEU E 104 4.50 -2.03 27.21
N ALA E 105 5.12 -2.62 26.18
CA ALA E 105 5.73 -1.86 25.10
C ALA E 105 4.69 -1.19 24.18
N ASN E 106 3.66 -1.93 23.74
CA ASN E 106 2.68 -1.43 22.78
C ASN E 106 1.63 -0.48 23.36
N VAL E 107 1.37 -0.50 24.67
CA VAL E 107 0.53 0.51 25.34
C VAL E 107 1.13 1.90 25.13
N ASN E 108 0.38 2.78 24.48
CA ASN E 108 0.82 4.12 24.10
C ASN E 108 0.10 5.20 24.94
N ARG E 109 0.86 6.14 25.48
CA ARG E 109 0.38 7.25 26.25
C ARG E 109 1.01 8.44 25.64
N LYS E 110 0.31 9.51 25.46
CA LYS E 110 0.81 10.79 24.94
C LYS E 110 -0.10 11.93 25.34
N CYS E 111 0.43 13.14 25.30
CA CYS E 111 -0.36 14.35 25.37
C CYS E 111 -0.02 15.20 24.14
N ALA E 112 -1.01 15.71 23.43
CA ALA E 112 -0.82 16.87 22.56
C ALA E 112 -1.08 18.09 23.41
N VAL E 113 -0.09 18.95 23.62
CA VAL E 113 -0.16 20.10 24.53
C VAL E 113 -0.17 21.39 23.72
N GLY E 114 -1.37 21.90 23.43
CA GLY E 114 -1.58 23.17 22.77
C GLY E 114 -1.76 24.29 23.78
N VAL E 115 -0.84 25.26 23.84
CA VAL E 115 -0.95 26.43 24.71
C VAL E 115 -0.92 27.69 23.86
N ASP E 116 -2.02 28.42 23.82
CA ASP E 116 -2.26 29.51 22.88
C ASP E 116 -2.11 30.87 23.58
N ASN E 117 -1.22 31.71 23.07
CA ASN E 117 -0.88 32.99 23.67
C ASN E 117 -1.73 34.13 23.10
N GLU E 118 -2.88 34.40 23.70
CA GLU E 118 -3.68 35.60 23.45
C GLU E 118 -3.44 36.68 24.53
N SER E 119 -2.35 36.59 25.29
CA SER E 119 -2.12 37.39 26.50
C SER E 119 -1.66 38.84 26.24
N GLY E 120 -1.34 39.21 25.01
CA GLY E 120 -0.77 40.51 24.67
C GLY E 120 0.73 40.63 24.96
N PHE E 121 1.37 39.62 25.56
CA PHE E 121 2.79 39.63 25.93
C PHE E 121 3.56 38.48 25.28
N ARG E 122 4.78 38.73 24.82
CA ARG E 122 5.66 37.72 24.24
C ARG E 122 6.28 36.84 25.32
N TRP E 123 6.24 35.53 25.13
CA TRP E 123 6.85 34.53 26.00
C TRP E 123 8.21 34.10 25.47
N GLN E 124 9.18 33.74 26.30
CA GLN E 124 10.51 33.34 25.85
C GLN E 124 11.20 32.32 26.76
N GLU E 125 12.28 31.70 26.27
CA GLU E 125 13.13 30.76 27.00
C GLU E 125 12.39 29.49 27.43
N GLY E 126 11.71 28.86 26.47
CA GLY E 126 10.93 27.65 26.69
C GLY E 126 11.71 26.55 27.41
N SER E 127 11.27 26.20 28.62
CA SER E 127 11.89 25.24 29.52
C SER E 127 10.97 24.05 29.73
N THR E 128 11.49 22.84 29.92
CA THR E 128 10.65 21.64 30.13
C THR E 128 11.21 20.71 31.19
N TYR E 129 10.33 20.05 31.93
CA TYR E 129 10.68 19.01 32.87
C TYR E 129 9.80 17.79 32.65
N PHE E 130 10.37 16.59 32.70
CA PHE E 130 9.60 15.35 32.68
C PHE E 130 9.82 14.56 33.96
N PHE E 131 8.74 14.30 34.69
CA PHE E 131 8.72 13.28 35.73
C PHE E 131 8.61 11.88 35.09
N SER E 132 7.84 11.78 34.01
CA SER E 132 7.71 10.57 33.20
C SER E 132 7.59 10.96 31.73
N GLY E 133 8.15 10.18 30.82
CA GLY E 133 8.06 10.43 29.38
C GLY E 133 9.12 11.38 28.84
N THR E 134 8.97 11.75 27.57
CA THR E 134 9.90 12.56 26.77
C THR E 134 9.15 13.24 25.62
N ALA E 135 9.79 14.10 24.83
CA ALA E 135 9.24 14.58 23.55
C ALA E 135 10.30 14.55 22.44
N ASP E 136 9.92 14.20 21.21
CA ASP E 136 10.81 14.12 20.04
C ASP E 136 11.08 15.48 19.34
N GLU E 137 10.72 16.59 19.97
CA GLU E 137 10.77 17.94 19.41
C GLU E 137 11.12 18.97 20.48
N ASN E 138 11.61 20.14 20.08
CA ASN E 138 11.86 21.24 20.99
C ASN E 138 10.60 22.10 21.16
N LEU E 139 10.47 22.82 22.27
CA LEU E 139 9.60 23.98 22.34
C LEU E 139 10.03 25.06 21.34
N PRO E 140 9.14 25.94 20.86
CA PRO E 140 9.55 27.22 20.32
C PRO E 140 10.42 27.99 21.33
N TYR E 141 11.43 28.73 20.90
CA TYR E 141 12.19 29.58 21.83
C TYR E 141 11.30 30.63 22.47
N SER E 142 10.39 31.20 21.69
CA SER E 142 9.48 32.26 22.10
C SER E 142 8.11 32.11 21.47
N VAL E 143 7.12 32.75 22.07
CA VAL E 143 5.72 32.74 21.61
C VAL E 143 5.20 34.16 21.62
N SER E 144 5.16 34.80 20.46
CA SER E 144 4.55 36.12 20.28
C SER E 144 3.03 36.08 20.40
N ASP E 145 2.40 37.23 20.62
CA ASP E 145 0.95 37.33 20.80
C ASP E 145 0.18 36.88 19.53
N GLY E 146 -0.80 35.99 19.68
CA GLY E 146 -1.56 35.42 18.58
C GLY E 146 -0.99 34.14 17.97
N TYR E 147 -0.08 33.46 18.67
CA TYR E 147 0.53 32.19 18.25
C TYR E 147 0.54 31.17 19.39
N ALA E 148 0.62 29.88 19.04
CA ALA E 148 0.49 28.78 19.99
C ALA E 148 1.74 27.90 20.07
N VAL E 149 2.07 27.45 21.27
CA VAL E 149 2.94 26.30 21.50
C VAL E 149 2.16 25.05 21.12
N LEU E 150 2.64 24.28 20.15
CA LEU E 150 2.21 22.91 19.93
C LEU E 150 3.36 22.00 20.34
N TYR E 151 3.11 21.11 21.29
CA TYR E 151 4.14 20.24 21.86
C TYR E 151 3.57 18.84 22.04
N GLY E 152 4.34 17.79 21.72
CA GLY E 152 3.86 16.41 21.66
C GLY E 152 4.61 15.45 22.60
N PRO E 153 4.55 15.64 23.92
CA PRO E 153 5.15 14.73 24.87
C PRO E 153 4.49 13.35 24.90
N ARG E 154 5.28 12.31 25.10
CA ARG E 154 4.91 10.89 24.96
C ARG E 154 5.57 10.01 26.01
N LYS E 155 5.04 8.81 26.23
CA LYS E 155 5.62 7.76 27.06
C LYS E 155 6.98 7.31 26.50
N THR E 156 7.90 6.90 27.37
CA THR E 156 9.20 6.33 26.99
C THR E 156 9.00 5.01 26.22
N ASN E 157 9.75 4.77 25.14
CA ASN E 157 9.62 3.53 24.37
C ASN E 157 10.18 2.32 25.13
N GLY E 158 9.70 1.13 24.77
CA GLY E 158 9.95 -0.10 25.51
C GLY E 158 8.95 -0.32 26.66
N PRO E 159 9.06 -1.44 27.39
CA PRO E 159 8.11 -1.84 28.43
C PRO E 159 8.30 -1.10 29.77
N VAL E 160 8.24 0.24 29.75
CA VAL E 160 8.62 1.08 30.89
C VAL E 160 7.54 1.19 31.99
N ALA E 161 6.26 1.00 31.66
CA ALA E 161 5.13 1.07 32.60
C ALA E 161 4.97 2.40 33.37
N THR E 162 5.37 3.52 32.76
CA THR E 162 5.15 4.88 33.24
C THR E 162 4.46 5.72 32.17
N GLY E 163 3.65 6.70 32.57
CA GLY E 163 2.91 7.55 31.65
C GLY E 163 3.69 8.75 31.12
N VAL E 164 2.99 9.84 30.80
CA VAL E 164 3.58 11.14 30.48
C VAL E 164 3.26 12.11 31.60
N VAL E 165 4.25 12.73 32.20
CA VAL E 165 4.04 13.65 33.32
C VAL E 165 5.13 14.70 33.25
N GLY E 166 4.77 15.95 33.15
CA GLY E 166 5.76 16.98 32.96
C GLY E 166 5.22 18.38 33.09
N VAL E 167 6.15 19.33 33.03
CA VAL E 167 5.93 20.76 33.09
C VAL E 167 6.57 21.39 31.86
N LEU E 168 5.94 22.41 31.27
CA LEU E 168 6.60 23.33 30.36
C LEU E 168 6.46 24.72 30.93
N ALA E 169 7.48 25.56 30.82
CA ALA E 169 7.46 26.91 31.36
C ALA E 169 8.14 27.91 30.43
N TYR E 170 7.64 29.14 30.41
CA TYR E 170 8.17 30.25 29.63
C TYR E 170 8.30 31.49 30.52
N TYR E 171 9.35 32.27 30.33
CA TYR E 171 9.46 33.58 30.94
C TYR E 171 8.60 34.60 30.18
N ILE E 172 7.93 35.50 30.89
CA ILE E 172 7.14 36.60 30.34
C ILE E 172 7.78 37.92 30.82
N PRO E 173 8.74 38.48 30.08
CA PRO E 173 9.51 39.64 30.52
C PRO E 173 8.66 40.90 30.72
N SER E 174 7.54 41.05 30.01
CA SER E 174 6.63 42.19 30.15
C SER E 174 5.93 42.29 31.52
N ILE E 175 5.94 41.21 32.32
CA ILE E 175 5.38 41.18 33.69
C ILE E 175 6.37 40.67 34.73
N GLY E 176 7.56 40.18 34.35
CA GLY E 176 8.60 39.71 35.26
C GLY E 176 8.30 38.39 35.95
N LYS E 177 7.53 37.51 35.31
CA LYS E 177 7.04 36.23 35.85
C LYS E 177 7.17 35.12 34.81
N THR E 178 7.13 33.86 35.23
CA THR E 178 7.15 32.72 34.33
C THR E 178 5.85 31.93 34.38
N LEU E 179 5.22 31.74 33.23
CA LEU E 179 4.07 30.86 33.08
C LEU E 179 4.55 29.42 33.02
N ALA E 180 4.04 28.56 33.89
CA ALA E 180 4.23 27.12 33.81
C ALA E 180 2.89 26.42 33.58
N VAL E 181 2.94 25.33 32.83
CA VAL E 181 1.82 24.45 32.51
C VAL E 181 2.23 23.04 32.86
N MET E 182 1.40 22.27 33.54
CA MET E 182 1.64 20.89 33.93
C MET E 182 0.59 19.99 33.32
N TRP E 183 0.99 18.79 32.93
CA TRP E 183 0.06 17.74 32.56
C TRP E 183 0.51 16.43 33.18
N SER E 184 -0.45 15.57 33.48
CA SER E 184 -0.23 14.20 33.88
C SER E 184 -1.18 13.32 33.09
N VAL E 185 -0.62 12.32 32.41
CA VAL E 185 -1.31 11.31 31.61
C VAL E 185 -0.77 9.94 32.03
N PRO E 186 -1.32 9.33 33.09
CA PRO E 186 -0.76 8.14 33.73
C PRO E 186 -0.62 6.92 32.84
N PHE E 187 0.20 5.96 33.26
CA PHE E 187 0.06 4.59 32.79
C PHE E 187 -1.14 3.89 33.42
N ASP E 188 -1.32 3.99 34.74
CA ASP E 188 -2.26 3.13 35.48
C ASP E 188 -3.54 3.83 35.93
N TYR E 189 -4.57 3.80 35.09
CA TYR E 189 -5.88 4.39 35.37
C TYR E 189 -6.68 3.73 36.49
N ASN E 190 -6.22 2.63 37.06
CA ASN E 190 -6.82 2.07 38.27
C ASN E 190 -6.56 2.94 39.49
N PHE E 191 -5.45 3.70 39.50
CA PHE E 191 -4.98 4.46 40.66
C PHE E 191 -4.84 5.96 40.39
N TYR E 192 -4.84 6.36 39.12
CA TYR E 192 -4.60 7.73 38.67
C TYR E 192 -5.59 8.13 37.56
N GLN E 193 -5.63 9.41 37.24
CA GLN E 193 -6.40 9.97 36.14
C GLN E 193 -5.63 11.12 35.51
N ASN E 194 -6.10 11.63 34.38
CA ASN E 194 -5.47 12.79 33.75
C ASN E 194 -5.69 14.05 34.58
N TRP E 195 -4.62 14.81 34.82
CA TRP E 195 -4.67 16.10 35.49
C TRP E 195 -3.89 17.13 34.70
N TRP E 196 -4.25 18.39 34.81
CA TRP E 196 -3.47 19.51 34.29
C TRP E 196 -3.58 20.72 35.20
N ASN E 197 -2.68 21.67 35.07
CA ASN E 197 -2.71 22.94 35.81
C ASN E 197 -1.88 23.98 35.07
N ALA E 198 -2.06 25.25 35.42
CA ALA E 198 -1.21 26.34 34.97
C ALA E 198 -1.11 27.41 36.06
N LYS E 199 0.04 28.09 36.17
CA LYS E 199 0.25 29.18 37.13
C LYS E 199 1.40 30.08 36.71
N LEU E 200 1.43 31.32 37.21
CA LEU E 200 2.59 32.23 37.12
C LEU E 200 3.46 32.12 38.39
N TYR E 201 4.78 32.08 38.22
CA TYR E 201 5.78 32.19 39.29
C TYR E 201 6.62 33.45 39.15
N SER E 202 7.08 34.03 40.26
CA SER E 202 7.87 35.27 40.24
C SER E 202 9.26 35.06 39.66
N GLY E 203 9.70 35.98 38.78
CA GLY E 203 11.01 35.93 38.12
C GLY E 203 11.16 34.83 37.07
N ASN E 204 12.31 34.80 36.40
CA ASN E 204 12.69 33.73 35.49
C ASN E 204 13.06 32.46 36.27
N GLN E 205 12.43 31.33 35.97
CA GLN E 205 12.72 30.04 36.59
C GLN E 205 12.71 28.92 35.54
N ASP E 206 13.65 27.99 35.61
CA ASP E 206 13.59 26.74 34.85
C ASP E 206 12.44 25.87 35.36
N ALA E 207 11.79 25.11 34.47
CA ALA E 207 10.89 24.03 34.88
C ALA E 207 11.69 22.91 35.56
N ASP E 208 11.29 22.48 36.75
CA ASP E 208 11.88 21.34 37.45
C ASP E 208 10.88 20.68 38.41
N TYR E 209 11.34 19.71 39.19
CA TYR E 209 10.49 18.92 40.08
C TYR E 209 9.68 19.76 41.06
N ASP E 210 10.20 20.91 41.52
CA ASP E 210 9.49 21.71 42.52
C ASP E 210 8.30 22.45 41.91
N HIS E 211 8.32 22.75 40.62
CA HIS E 211 7.12 23.20 39.88
C HIS E 211 6.13 22.05 39.70
N TYR E 212 6.60 20.84 39.39
CA TYR E 212 5.72 19.69 39.27
C TYR E 212 4.97 19.44 40.58
N VAL E 213 5.66 19.43 41.72
CA VAL E 213 5.04 19.25 43.03
C VAL E 213 4.05 20.37 43.35
N ASP E 214 4.40 21.62 43.11
CA ASP E 214 3.48 22.74 43.34
C ASP E 214 2.24 22.67 42.44
N LEU E 215 2.41 22.44 41.12
CA LEU E 215 1.29 22.36 40.18
C LEU E 215 0.42 21.12 40.38
N TYR E 216 0.98 19.98 40.78
CA TYR E 216 0.25 18.72 40.91
C TYR E 216 -0.34 18.46 42.30
N TYR E 217 0.23 18.97 43.38
CA TYR E 217 -0.29 18.74 44.74
C TYR E 217 -0.79 20.01 45.41
N ASP E 218 -0.02 21.10 45.37
CA ASP E 218 -0.28 22.28 46.21
C ASP E 218 -1.21 23.32 45.59
N ALA E 219 -1.28 23.39 44.26
CA ALA E 219 -1.98 24.43 43.51
C ALA E 219 -3.29 23.97 42.85
N ASN E 220 -3.91 22.89 43.34
CA ASN E 220 -5.24 22.40 42.95
C ASN E 220 -5.42 22.22 41.42
N PRO E 221 -4.88 21.14 40.83
CA PRO E 221 -5.02 20.86 39.41
C PRO E 221 -6.47 20.52 39.00
N PHE E 222 -6.74 20.52 37.70
CA PHE E 222 -8.03 20.19 37.13
C PHE E 222 -8.07 18.77 36.59
N LYS E 223 -9.23 18.12 36.71
CA LYS E 223 -9.54 16.84 36.06
C LYS E 223 -9.77 17.04 34.57
N ALA E 224 -9.64 15.97 33.80
CA ALA E 224 -9.93 15.95 32.37
C ALA E 224 -11.43 15.74 32.07
N ASN E 225 -12.26 16.68 32.48
CA ASN E 225 -13.73 16.56 32.45
C ASN E 225 -14.42 17.80 31.85
N GLY E 226 -13.85 18.34 30.77
CA GLY E 226 -14.35 19.53 30.08
C GLY E 226 -13.58 20.81 30.40
N TRP E 227 -14.09 21.95 29.95
CA TRP E 227 -13.43 23.25 30.06
C TRP E 227 -13.47 23.85 31.46
N HIS E 228 -12.34 24.38 31.90
CA HIS E 228 -12.17 25.13 33.14
C HIS E 228 -11.48 26.46 32.89
N GLU E 229 -11.74 27.46 33.72
CA GLU E 229 -11.15 28.80 33.62
C GLU E 229 -10.63 29.26 34.97
N ARG E 230 -9.50 29.98 35.03
CA ARG E 230 -8.92 30.52 36.26
C ARG E 230 -8.08 31.77 35.97
N SER E 231 -7.99 32.68 36.92
CA SER E 231 -7.06 33.82 36.86
C SER E 231 -5.61 33.38 37.15
N LEU E 232 -4.64 34.02 36.49
CA LEU E 232 -3.22 33.86 36.79
C LEU E 232 -2.69 34.92 37.75
N GLY E 233 -3.44 35.99 37.98
CA GLY E 233 -2.89 37.26 38.49
C GLY E 233 -2.24 38.08 37.38
N SER E 234 -1.65 39.22 37.73
CA SER E 234 -0.91 40.09 36.79
C SER E 234 -1.70 40.53 35.54
N GLY E 235 -3.03 40.58 35.64
CA GLY E 235 -3.95 40.91 34.54
C GLY E 235 -4.24 39.77 33.56
N LEU E 236 -3.72 38.57 33.79
CA LEU E 236 -3.89 37.41 32.90
C LEU E 236 -4.80 36.34 33.48
N LYS E 237 -5.32 35.52 32.58
CA LYS E 237 -6.33 34.49 32.80
C LYS E 237 -6.04 33.32 31.88
N PHE E 238 -6.49 32.12 32.20
CA PHE E 238 -6.52 31.03 31.22
C PHE E 238 -7.83 30.28 31.27
N CYS E 239 -8.23 29.73 30.13
CA CYS E 239 -9.22 28.67 30.05
C CYS E 239 -8.58 27.48 29.35
N GLY E 240 -8.90 26.26 29.75
CA GLY E 240 -8.37 25.09 29.09
C GLY E 240 -9.19 23.85 29.34
N SER E 241 -8.90 22.79 28.61
CA SER E 241 -9.50 21.48 28.83
C SER E 241 -8.52 20.39 28.46
N MET E 242 -8.76 19.19 28.99
CA MET E 242 -7.97 18.02 28.71
C MET E 242 -8.88 16.83 28.40
N SER E 243 -8.53 16.03 27.44
CA SER E 243 -9.23 14.84 27.13
C SER E 243 -8.91 13.90 28.19
N SER E 244 -9.79 12.98 28.46
CA SER E 244 -9.61 12.07 29.52
C SER E 244 -9.03 10.80 29.14
N SER E 245 -8.72 10.62 27.87
CA SER E 245 -8.17 9.44 27.37
C SER E 245 -6.79 9.36 27.74
N GLY E 246 -6.06 8.45 27.17
CA GLY E 246 -4.70 8.24 27.51
C GLY E 246 -3.87 8.61 26.38
N GLN E 247 -4.43 9.29 25.42
CA GLN E 247 -3.74 9.82 24.30
C GLN E 247 -4.49 11.07 24.31
N ALA E 248 -4.15 11.98 25.20
CA ALA E 248 -4.91 13.13 25.46
C ALA E 248 -4.57 14.39 24.81
N THR E 249 -5.57 15.18 24.41
CA THR E 249 -5.34 16.55 23.96
C THR E 249 -5.51 17.46 25.16
N LEU E 250 -4.51 18.28 25.45
CA LEU E 250 -4.58 19.39 26.39
C LEU E 250 -4.58 20.68 25.56
N GLU E 251 -5.63 21.48 25.71
CA GLU E 251 -5.73 22.78 25.07
C GLU E 251 -5.89 23.86 26.14
N ILE E 252 -5.05 24.89 26.09
CA ILE E 252 -5.09 26.02 27.00
C ILE E 252 -5.04 27.29 26.16
N HIS E 253 -5.91 28.25 26.45
CA HIS E 253 -5.86 29.61 25.93
C HIS E 253 -5.49 30.52 27.09
N VAL E 254 -4.39 31.26 26.96
CA VAL E 254 -3.98 32.26 27.94
C VAL E 254 -4.37 33.62 27.40
N LEU E 255 -5.09 34.38 28.19
CA LEU E 255 -5.87 35.54 27.80
C LEU E 255 -5.61 36.68 28.78
N LYS E 256 -5.95 37.92 28.41
CA LYS E 256 -6.09 39.00 29.39
C LYS E 256 -7.42 38.85 30.14
N GLU E 257 -7.50 39.32 31.38
CA GLU E 257 -8.72 39.23 32.20
C GLU E 257 -9.95 39.89 31.54
N SER E 258 -9.75 40.92 30.71
CA SER E 258 -10.80 41.61 29.95
C SER E 258 -11.41 40.79 28.80
N GLU E 259 -10.81 39.67 28.37
CA GLU E 259 -11.22 38.95 27.16
C GLU E 259 -12.16 37.76 27.46
N THR E 260 -13.10 37.49 26.56
CA THR E 260 -13.92 36.25 26.58
C THR E 260 -13.13 35.08 25.98
N CYS E 261 -13.19 33.99 26.74
CA CYS E 261 -12.45 32.84 26.38
C CYS E 261 -12.88 32.51 25.00
N MET E 262 -11.90 32.08 24.20
CA MET E 262 -12.17 31.84 22.79
C MET E 262 -13.59 31.32 22.60
N ALA F 82 4.65 -36.56 34.29
CA ALA F 82 3.49 -36.32 35.14
C ALA F 82 2.98 -34.91 34.98
N ALA F 83 3.72 -33.96 35.54
CA ALA F 83 3.34 -32.56 35.48
C ALA F 83 3.36 -32.00 34.08
N GLY F 84 3.98 -32.72 33.15
CA GLY F 84 4.04 -32.28 31.76
C GLY F 84 2.70 -31.97 31.14
N THR F 85 1.74 -32.87 31.30
CA THR F 85 0.42 -32.66 30.74
C THR F 85 -0.36 -31.67 31.57
N ILE F 86 0.17 -31.34 32.74
CA ILE F 86 -0.47 -30.34 33.57
C ILE F 86 -0.03 -29.02 32.98
N ILE F 87 1.09 -29.02 32.27
CA ILE F 87 1.48 -27.82 31.58
C ILE F 87 0.58 -27.81 30.35
N ALA F 88 0.41 -28.96 29.70
CA ALA F 88 -0.56 -29.04 28.61
C ALA F 88 -1.94 -28.46 28.98
N GLY F 89 -2.42 -28.66 30.20
CA GLY F 89 -3.65 -28.04 30.70
C GLY F 89 -3.54 -26.52 30.88
N ALA F 90 -2.38 -26.03 31.32
CA ALA F 90 -2.07 -24.60 31.37
C ALA F 90 -2.04 -24.01 29.94
N GLU F 91 -1.44 -24.69 28.98
CA GLU F 91 -1.43 -24.25 27.58
C GLU F 91 -2.83 -24.14 26.97
N LEU F 92 -3.70 -25.13 27.17
CA LEU F 92 -5.10 -25.04 26.72
C LEU F 92 -5.85 -23.88 27.41
N THR F 93 -5.62 -23.67 28.71
CA THR F 93 -6.24 -22.58 29.47
C THR F 93 -5.77 -21.20 28.97
N ILE F 94 -4.46 -20.99 28.82
CA ILE F 94 -3.88 -19.73 28.35
C ILE F 94 -4.27 -19.45 26.90
N GLY F 95 -4.33 -20.47 26.04
CA GLY F 95 -4.81 -20.33 24.67
C GLY F 95 -6.26 -19.83 24.60
N LEU F 96 -7.15 -20.40 25.38
CA LEU F 96 -8.54 -19.94 25.48
C LEU F 96 -8.63 -18.52 26.08
N LEU F 97 -7.83 -18.21 27.11
CA LEU F 97 -7.83 -16.88 27.73
C LEU F 97 -7.26 -15.78 26.81
N GLN F 98 -6.14 -15.96 26.13
CA GLN F 98 -5.63 -14.97 25.20
C GLN F 98 -6.62 -14.77 24.06
N ASN F 99 -7.32 -15.79 23.56
CA ASN F 99 -8.37 -15.57 22.58
C ASN F 99 -9.53 -14.73 23.15
N LEU F 100 -9.95 -14.97 24.40
CA LEU F 100 -10.95 -14.12 25.05
C LEU F 100 -10.49 -12.66 25.13
N LEU F 101 -9.28 -12.41 25.64
CA LEU F 101 -8.80 -11.04 25.80
C LEU F 101 -8.57 -10.35 24.45
N ASP F 102 -8.11 -11.04 23.41
CA ASP F 102 -8.06 -10.44 22.06
C ASP F 102 -9.45 -10.15 21.49
N VAL F 103 -10.49 -10.94 21.77
CA VAL F 103 -11.87 -10.60 21.35
C VAL F 103 -12.39 -9.36 22.10
N LEU F 104 -12.34 -9.34 23.44
CA LEU F 104 -12.81 -8.20 24.22
C LEU F 104 -12.00 -6.92 23.93
N ALA F 105 -10.73 -7.03 23.53
CA ALA F 105 -9.94 -5.90 23.07
C ALA F 105 -10.40 -5.38 21.70
N ASN F 106 -10.61 -6.27 20.71
CA ASN F 106 -10.93 -5.87 19.34
C ASN F 106 -12.38 -5.45 19.12
N VAL F 107 -13.33 -5.84 19.97
CA VAL F 107 -14.70 -5.32 19.95
C VAL F 107 -14.68 -3.80 20.16
N ASN F 108 -15.18 -3.06 19.18
CA ASN F 108 -15.15 -1.60 19.15
C ASN F 108 -16.55 -1.01 19.33
N ARG F 109 -16.68 -0.04 20.23
CA ARG F 109 -17.91 0.66 20.51
C ARG F 109 -17.55 2.10 20.43
N LYS F 110 -18.35 2.92 19.83
CA LYS F 110 -18.17 4.37 19.74
C LYS F 110 -19.49 5.06 19.47
N CYS F 111 -19.55 6.35 19.76
CA CYS F 111 -20.62 7.22 19.31
C CYS F 111 -19.97 8.38 18.56
N ALA F 112 -20.44 8.74 17.38
CA ALA F 112 -20.24 10.07 16.82
C ALA F 112 -21.40 10.92 17.31
N VAL F 113 -21.13 11.96 18.09
CA VAL F 113 -22.15 12.79 18.73
C VAL F 113 -22.18 14.17 18.09
N GLY F 114 -23.05 14.35 17.11
CA GLY F 114 -23.29 15.62 16.45
C GLY F 114 -24.44 16.37 17.11
N VAL F 115 -24.19 17.52 17.73
CA VAL F 115 -25.22 18.37 18.33
C VAL F 115 -25.18 19.74 17.68
N ASP F 116 -26.23 20.10 16.95
CA ASP F 116 -26.26 21.26 16.06
C ASP F 116 -27.07 22.40 16.69
N ASN F 117 -26.45 23.57 16.85
CA ASN F 117 -27.05 24.71 17.52
C ASN F 117 -27.75 25.64 16.53
N GLU F 118 -29.04 25.41 16.28
CA GLU F 118 -29.91 26.34 15.56
C GLU F 118 -30.78 27.16 16.54
N SER F 119 -30.42 27.22 17.82
CA SER F 119 -31.27 27.74 18.89
C SER F 119 -31.34 29.28 18.97
N GLY F 120 -30.52 30.01 18.21
CA GLY F 120 -30.41 31.46 18.31
C GLY F 120 -29.56 31.96 19.48
N PHE F 121 -29.07 31.08 20.36
CA PHE F 121 -28.28 31.42 21.54
C PHE F 121 -26.91 30.74 21.53
N ARG F 122 -25.86 31.44 21.95
CA ARG F 122 -24.50 30.90 22.07
C ARG F 122 -24.37 30.02 23.31
N TRP F 123 -23.78 28.84 23.13
CA TRP F 123 -23.48 27.88 24.20
C TRP F 123 -22.03 28.03 24.66
N GLN F 124 -21.70 27.78 25.92
CA GLN F 124 -20.32 27.92 26.42
C GLN F 124 -19.98 26.96 27.56
N GLU F 125 -18.69 26.83 27.87
CA GLU F 125 -18.15 26.04 28.99
C GLU F 125 -18.45 24.54 28.85
N GLY F 126 -18.13 23.98 27.69
CA GLY F 126 -18.36 22.58 27.37
C GLY F 126 -17.81 21.63 28.44
N SER F 127 -18.70 20.89 29.09
CA SER F 127 -18.43 19.97 30.19
C SER F 127 -18.76 18.55 29.78
N THR F 128 -18.04 17.53 30.26
CA THR F 128 -18.30 16.13 29.91
C THR F 128 -18.18 15.19 31.09
N TYR F 129 -18.98 14.15 31.11
CA TYR F 129 -18.90 13.06 32.07
C TYR F 129 -18.93 11.73 31.35
N PHE F 130 -18.10 10.76 31.75
CA PHE F 130 -18.16 9.40 31.26
C PHE F 130 -18.45 8.43 32.39
N PHE F 131 -19.56 7.70 32.28
CA PHE F 131 -19.80 6.50 33.09
C PHE F 131 -18.98 5.33 32.53
N SER F 132 -18.84 5.25 31.20
CA SER F 132 -18.00 4.29 30.50
C SER F 132 -17.37 4.96 29.28
N GLY F 133 -16.14 4.62 28.95
CA GLY F 133 -15.47 5.16 27.77
C GLY F 133 -14.74 6.48 28.01
N THR F 134 -14.25 7.08 26.93
CA THR F 134 -13.42 8.29 26.90
C THR F 134 -13.55 8.96 25.52
N ALA F 135 -12.95 10.14 25.31
CA ALA F 135 -12.77 10.71 23.97
C ALA F 135 -11.35 11.27 23.78
N ASP F 136 -10.77 11.12 22.59
CA ASP F 136 -9.41 11.59 22.26
C ASP F 136 -9.32 13.09 21.87
N GLU F 137 -10.37 13.86 22.12
CA GLU F 137 -10.51 15.26 21.71
C GLU F 137 -11.29 16.06 22.75
N ASN F 138 -11.14 17.38 22.74
CA ASN F 138 -11.93 18.26 23.60
C ASN F 138 -13.25 18.64 22.92
N LEU F 139 -14.26 19.01 23.71
CA LEU F 139 -15.37 19.80 23.18
C LEU F 139 -14.88 21.17 22.68
N PRO F 140 -15.57 21.83 21.74
CA PRO F 140 -15.44 23.27 21.57
C PRO F 140 -15.71 23.99 22.89
N TYR F 141 -15.01 25.09 23.20
CA TYR F 141 -15.34 25.88 24.39
C TYR F 141 -16.75 26.43 24.32
N SER F 142 -17.16 26.88 23.13
CA SER F 142 -18.45 27.49 22.87
C SER F 142 -19.00 27.09 21.51
N VAL F 143 -20.31 27.25 21.34
CA VAL F 143 -21.02 26.93 20.10
C VAL F 143 -21.95 28.09 19.77
N SER F 144 -21.54 28.93 18.84
CA SER F 144 -22.36 30.02 18.31
C SER F 144 -23.50 29.50 17.43
N ASP F 145 -24.52 30.32 17.20
CA ASP F 145 -25.70 29.95 16.42
C ASP F 145 -25.33 29.60 14.96
N GLY F 146 -25.79 28.45 14.47
CA GLY F 146 -25.47 27.95 13.12
C GLY F 146 -24.21 27.08 13.03
N TYR F 147 -23.73 26.55 14.15
CA TYR F 147 -22.56 25.66 14.22
C TYR F 147 -22.82 24.45 15.12
N ALA F 148 -22.08 23.36 14.91
CA ALA F 148 -22.31 22.08 15.57
C ALA F 148 -21.14 21.62 16.42
N VAL F 149 -21.44 21.02 17.57
CA VAL F 149 -20.51 20.16 18.31
C VAL F 149 -20.37 18.86 17.53
N LEU F 150 -19.16 18.52 17.09
CA LEU F 150 -18.82 17.17 16.66
C LEU F 150 -17.89 16.59 17.71
N TYR F 151 -18.30 15.47 18.30
CA TYR F 151 -17.57 14.83 19.39
C TYR F 151 -17.55 13.32 19.19
N GLY F 152 -16.42 12.66 19.43
CA GLY F 152 -16.20 11.25 19.10
C GLY F 152 -15.85 10.37 20.30
N PRO F 153 -16.74 10.22 21.28
CA PRO F 153 -16.52 9.33 22.41
C PRO F 153 -16.48 7.85 22.02
N ARG F 154 -15.64 7.08 22.69
CA ARG F 154 -15.30 5.68 22.35
C ARG F 154 -15.10 4.82 23.59
N LYS F 155 -15.15 3.50 23.42
CA LYS F 155 -14.82 2.51 24.45
C LYS F 155 -13.36 2.63 24.88
N THR F 156 -13.05 2.31 26.14
CA THR F 156 -11.69 2.26 26.67
C THR F 156 -10.87 1.16 25.97
N ASN F 157 -9.62 1.42 25.60
CA ASN F 157 -8.78 0.42 24.93
C ASN F 157 -8.38 -0.72 25.88
N GLY F 158 -8.06 -1.88 25.31
CA GLY F 158 -7.85 -3.12 26.05
C GLY F 158 -9.15 -3.89 26.31
N PRO F 159 -9.07 -5.06 26.95
CA PRO F 159 -10.21 -5.96 27.15
C PRO F 159 -11.14 -5.52 28.31
N VAL F 160 -11.68 -4.30 28.24
CA VAL F 160 -12.41 -3.68 29.37
C VAL F 160 -13.85 -4.15 29.53
N ALA F 161 -14.51 -4.63 28.47
CA ALA F 161 -15.89 -5.13 28.48
C ALA F 161 -16.96 -4.13 28.95
N THR F 162 -16.75 -2.83 28.74
CA THR F 162 -17.70 -1.74 28.97
C THR F 162 -17.89 -0.92 27.69
N GLY F 163 -19.07 -0.35 27.48
CA GLY F 163 -19.39 0.43 26.29
C GLY F 163 -18.97 1.90 26.37
N VAL F 164 -19.69 2.77 25.67
CA VAL F 164 -19.58 4.22 25.79
C VAL F 164 -20.82 4.77 26.44
N VAL F 165 -20.72 5.50 27.54
CA VAL F 165 -21.87 6.02 28.26
C VAL F 165 -21.46 7.32 28.87
N GLY F 166 -22.13 8.40 28.56
CA GLY F 166 -21.69 9.69 29.03
C GLY F 166 -22.69 10.80 28.79
N VAL F 167 -22.34 11.97 29.32
CA VAL F 167 -23.08 13.21 29.22
C VAL F 167 -22.15 14.27 28.66
N LEU F 168 -22.63 15.16 27.80
CA LEU F 168 -21.97 16.43 27.51
C LEU F 168 -22.94 17.54 27.84
N ALA F 169 -22.46 18.65 28.41
CA ALA F 169 -23.30 19.77 28.80
C ALA F 169 -22.65 21.11 28.50
N TYR F 170 -23.46 22.10 28.16
CA TYR F 170 -23.05 23.48 27.89
C TYR F 170 -23.95 24.45 28.64
N TYR F 171 -23.38 25.53 29.15
CA TYR F 171 -24.17 26.63 29.68
C TYR F 171 -24.71 27.50 28.55
N ILE F 172 -25.96 27.96 28.67
CA ILE F 172 -26.61 28.87 27.74
C ILE F 172 -26.94 30.17 28.50
N PRO F 173 -26.03 31.15 28.53
CA PRO F 173 -26.18 32.35 29.36
C PRO F 173 -27.38 33.22 28.96
N SER F 174 -27.82 33.19 27.69
CA SER F 174 -29.00 33.94 27.23
C SER F 174 -30.33 33.49 27.83
N ILE F 175 -30.37 32.32 28.48
CA ILE F 175 -31.56 31.80 29.17
C ILE F 175 -31.29 31.38 30.62
N GLY F 176 -30.03 31.37 31.07
CA GLY F 176 -29.64 31.04 32.45
C GLY F 176 -29.75 29.56 32.80
N LYS F 177 -29.60 28.67 31.81
CA LYS F 177 -29.78 27.21 31.94
C LYS F 177 -28.66 26.47 31.23
N THR F 178 -28.45 25.19 31.54
CA THR F 178 -27.47 24.35 30.86
C THR F 178 -28.13 23.22 30.08
N LEU F 179 -27.83 23.13 28.80
CA LEU F 179 -28.23 22.00 27.95
C LEU F 179 -27.31 20.83 28.22
N ALA F 180 -27.87 19.68 28.58
CA ALA F 180 -27.14 18.43 28.66
C ALA F 180 -27.68 17.43 27.62
N VAL F 181 -26.80 16.61 27.08
CA VAL F 181 -27.08 15.53 26.13
C VAL F 181 -26.45 14.27 26.68
N MET F 182 -27.17 13.15 26.68
CA MET F 182 -26.68 11.86 27.15
C MET F 182 -26.74 10.85 26.02
N TRP F 183 -25.77 9.95 25.98
CA TRP F 183 -25.83 8.79 25.11
C TRP F 183 -25.37 7.57 25.89
N SER F 184 -25.90 6.42 25.52
CA SER F 184 -25.46 5.12 25.98
C SER F 184 -25.33 4.21 24.78
N VAL F 185 -24.16 3.60 24.61
CA VAL F 185 -23.81 2.66 23.55
C VAL F 185 -23.15 1.46 24.24
N PRO F 186 -23.93 0.48 24.72
CA PRO F 186 -23.45 -0.60 25.58
C PRO F 186 -22.36 -1.49 24.98
N PHE F 187 -21.66 -2.23 25.84
CA PHE F 187 -20.96 -3.43 25.39
C PHE F 187 -21.94 -4.58 25.13
N ASP F 188 -22.88 -4.85 26.04
CA ASP F 188 -23.65 -6.10 26.02
C ASP F 188 -25.10 -5.94 25.55
N TYR F 189 -25.32 -6.08 24.25
CA TYR F 189 -26.65 -5.98 23.63
C TYR F 189 -27.64 -7.10 24.00
N ASN F 190 -27.21 -8.12 24.74
CA ASN F 190 -28.16 -9.10 25.30
C ASN F 190 -29.02 -8.50 26.41
N PHE F 191 -28.51 -7.48 27.10
CA PHE F 191 -29.14 -6.89 28.30
C PHE F 191 -29.46 -5.40 28.17
N TYR F 192 -28.86 -4.74 27.19
CA TYR F 192 -28.95 -3.30 26.97
C TYR F 192 -29.16 -2.95 25.49
N GLN F 193 -29.48 -1.71 25.20
CA GLN F 193 -29.60 -1.17 23.85
C GLN F 193 -29.11 0.28 23.85
N ASN F 194 -28.97 0.88 22.67
CA ASN F 194 -28.59 2.29 22.58
C ASN F 194 -29.72 3.19 23.06
N TRP F 195 -29.38 4.15 23.92
CA TRP F 195 -30.30 5.18 24.40
C TRP F 195 -29.67 6.54 24.27
N TRP F 196 -30.47 7.58 24.12
CA TRP F 196 -30.03 8.97 24.20
C TRP F 196 -31.11 9.84 24.83
N ASN F 197 -30.75 11.03 25.30
CA ASN F 197 -31.68 12.01 25.85
C ASN F 197 -31.05 13.39 25.78
N ALA F 198 -31.86 14.44 25.93
CA ALA F 198 -31.40 15.81 26.11
C ALA F 198 -32.39 16.57 27.01
N LYS F 199 -31.88 17.51 27.82
CA LYS F 199 -32.71 18.36 28.69
C LYS F 199 -31.98 19.64 29.09
N LEU F 200 -32.73 20.68 29.49
CA LEU F 200 -32.19 21.88 30.14
C LEU F 200 -32.26 21.75 31.68
N TYR F 201 -31.21 22.15 32.38
CA TYR F 201 -31.17 22.29 33.83
C TYR F 201 -30.96 23.74 34.24
N SER F 202 -31.51 24.15 35.39
CA SER F 202 -31.41 25.53 35.87
C SER F 202 -29.98 25.90 36.31
N GLY F 203 -29.51 27.08 35.89
CA GLY F 203 -28.16 27.58 36.22
C GLY F 203 -27.02 26.86 35.49
N ASN F 204 -25.79 27.33 35.71
CA ASN F 204 -24.58 26.66 35.25
C ASN F 204 -24.30 25.42 36.11
N GLN F 205 -24.14 24.25 35.48
CA GLN F 205 -23.81 23.00 36.15
C GLN F 205 -22.77 22.21 35.34
N ASP F 206 -21.79 21.61 36.00
CA ASP F 206 -20.90 20.62 35.39
C ASP F 206 -21.69 19.35 35.05
N ALA F 207 -21.35 18.66 33.96
CA ALA F 207 -21.83 17.30 33.73
C ALA F 207 -21.23 16.34 34.76
N ASP F 208 -22.05 15.54 35.43
CA ASP F 208 -21.60 14.50 36.34
C ASP F 208 -22.64 13.36 36.46
N TYR F 209 -22.40 12.42 37.37
CA TYR F 209 -23.22 11.23 37.53
C TYR F 209 -24.71 11.53 37.78
N ASP F 210 -25.04 12.64 38.44
CA ASP F 210 -26.44 12.94 38.76
C ASP F 210 -27.22 13.41 37.54
N HIS F 211 -26.55 14.00 36.54
CA HIS F 211 -27.15 14.23 35.21
C HIS F 211 -27.31 12.92 34.45
N TYR F 212 -26.34 12.01 34.51
CA TYR F 212 -26.46 10.71 33.87
C TYR F 212 -27.67 9.95 34.42
N VAL F 213 -27.83 9.88 35.74
CA VAL F 213 -28.99 9.22 36.37
C VAL F 213 -30.31 9.88 35.97
N ASP F 214 -30.40 11.20 36.00
CA ASP F 214 -31.60 11.91 35.59
C ASP F 214 -31.93 11.68 34.11
N LEU F 215 -30.96 11.84 33.20
CA LEU F 215 -31.17 11.65 31.76
C LEU F 215 -31.43 10.19 31.37
N TYR F 216 -30.84 9.21 32.05
CA TYR F 216 -30.96 7.80 31.69
C TYR F 216 -32.11 7.05 32.39
N TYR F 217 -32.52 7.44 33.59
CA TYR F 217 -33.60 6.76 34.32
C TYR F 217 -34.85 7.63 34.51
N ASP F 218 -34.69 8.88 34.96
CA ASP F 218 -35.81 9.69 35.44
C ASP F 218 -36.50 10.52 34.35
N ALA F 219 -35.79 10.88 33.28
CA ALA F 219 -36.25 11.81 32.25
C ALA F 219 -36.63 11.15 30.91
N ASN F 220 -36.94 9.85 30.91
CA ASN F 220 -37.48 9.09 29.77
C ASN F 220 -36.65 9.22 28.47
N PRO F 221 -35.50 8.53 28.37
CA PRO F 221 -34.66 8.56 27.17
C PRO F 221 -35.32 7.91 25.96
N PHE F 222 -34.76 8.13 24.77
CA PHE F 222 -35.21 7.58 23.51
C PHE F 222 -34.39 6.37 23.08
N LYS F 223 -35.05 5.40 22.44
CA LYS F 223 -34.40 4.28 21.76
C LYS F 223 -33.76 4.73 20.45
N ALA F 224 -32.81 3.97 19.95
CA ALA F 224 -32.16 4.20 18.66
C ALA F 224 -32.98 3.63 17.49
N ASN F 225 -34.18 4.15 17.26
CA ASN F 225 -35.17 3.62 16.32
C ASN F 225 -35.77 4.70 15.40
N GLY F 226 -34.93 5.62 14.92
CA GLY F 226 -35.34 6.74 14.06
C GLY F 226 -35.46 8.07 14.79
N TRP F 227 -35.99 9.08 14.11
CA TRP F 227 -36.08 10.46 14.60
C TRP F 227 -37.16 10.66 15.65
N HIS F 228 -36.81 11.40 16.71
CA HIS F 228 -37.71 11.84 17.77
C HIS F 228 -37.57 13.34 18.00
N GLU F 229 -38.62 14.00 18.47
CA GLU F 229 -38.64 15.44 18.75
C GLU F 229 -39.25 15.70 20.14
N ARG F 230 -38.75 16.69 20.88
CA ARG F 230 -39.27 17.07 22.20
C ARG F 230 -38.96 18.54 22.50
N SER F 231 -39.80 19.20 23.29
CA SER F 231 -39.53 20.54 23.82
C SER F 231 -38.51 20.49 24.96
N LEU F 232 -37.67 21.53 25.06
CA LEU F 232 -36.76 21.73 26.19
C LEU F 232 -37.35 22.65 27.27
N GLY F 233 -38.42 23.37 26.96
CA GLY F 233 -38.82 24.58 27.69
C GLY F 233 -38.00 25.79 27.24
N SER F 234 -38.22 26.95 27.87
CA SER F 234 -37.48 28.19 27.61
C SER F 234 -37.47 28.65 26.13
N GLY F 235 -38.50 28.28 25.37
CA GLY F 235 -38.64 28.57 23.94
C GLY F 235 -37.84 27.66 23.01
N LEU F 236 -37.15 26.64 23.52
CA LEU F 236 -36.30 25.74 22.73
C LEU F 236 -36.89 24.33 22.61
N LYS F 237 -36.42 23.63 21.59
CA LYS F 237 -36.88 22.32 21.13
C LYS F 237 -35.69 21.54 20.60
N PHE F 238 -35.74 20.23 20.59
CA PHE F 238 -34.77 19.44 19.81
C PHE F 238 -35.46 18.35 19.03
N CYS F 239 -34.87 17.98 17.90
CA CYS F 239 -35.13 16.72 17.22
C CYS F 239 -33.80 15.98 17.09
N GLY F 240 -33.80 14.67 17.21
CA GLY F 240 -32.59 13.90 17.04
C GLY F 240 -32.85 12.44 16.72
N SER F 241 -31.82 11.72 16.36
CA SER F 241 -31.88 10.28 16.15
C SER F 241 -30.55 9.65 16.49
N MET F 242 -30.58 8.35 16.77
CA MET F 242 -29.40 7.55 17.05
C MET F 242 -29.42 6.26 16.25
N SER F 243 -28.30 5.85 15.73
CA SER F 243 -28.17 4.61 15.06
C SER F 243 -28.20 3.59 16.09
N SER F 244 -28.65 2.41 15.74
CA SER F 244 -28.80 1.37 16.69
C SER F 244 -27.68 0.46 16.76
N SER F 245 -26.64 0.68 15.98
CA SER F 245 -25.51 -0.13 15.95
C SER F 245 -24.71 0.13 17.12
N GLY F 246 -23.51 -0.36 17.13
CA GLY F 246 -22.66 -0.23 18.26
C GLY F 246 -21.54 0.62 17.91
N GLN F 247 -21.63 1.31 16.81
CA GLN F 247 -20.67 2.26 16.37
C GLN F 247 -21.69 3.20 15.90
N ALA F 248 -22.32 3.93 16.79
CA ALA F 248 -23.45 4.71 16.51
C ALA F 248 -23.30 6.13 16.20
N THR F 249 -24.08 6.66 15.27
CA THR F 249 -24.17 8.10 15.05
C THR F 249 -25.35 8.61 15.87
N LEU F 250 -25.11 9.60 16.71
CA LEU F 250 -26.14 10.39 17.39
C LEU F 250 -26.14 11.76 16.74
N GLU F 251 -27.27 12.16 16.19
CA GLU F 251 -27.47 13.49 15.62
C GLU F 251 -28.62 14.18 16.33
N ILE F 252 -28.39 15.40 16.81
CA ILE F 252 -29.39 16.22 17.49
C ILE F 252 -29.33 17.61 16.86
N HIS F 253 -30.48 18.17 16.52
CA HIS F 253 -30.65 19.57 16.14
C HIS F 253 -31.42 20.24 17.26
N VAL F 254 -30.83 21.28 17.86
CA VAL F 254 -31.50 22.10 18.87
C VAL F 254 -31.97 23.38 18.20
N LEU F 255 -33.25 23.68 18.35
CA LEU F 255 -34.02 24.60 17.54
C LEU F 255 -34.83 25.52 18.45
N LYS F 256 -35.32 26.65 17.94
CA LYS F 256 -36.42 27.37 18.61
C LYS F 256 -37.75 26.67 18.35
N GLU F 257 -38.72 26.78 19.26
CA GLU F 257 -40.04 26.15 19.12
C GLU F 257 -40.78 26.54 17.82
N SER F 258 -40.54 27.74 17.30
CA SER F 258 -41.10 28.25 16.04
C SER F 258 -40.55 27.58 14.76
N GLU F 259 -39.45 26.83 14.83
CA GLU F 259 -38.76 26.32 13.64
C GLU F 259 -39.15 24.87 13.29
N THR F 260 -39.18 24.55 11.99
CA THR F 260 -39.32 23.16 11.51
C THR F 260 -37.96 22.44 11.54
N CYS F 261 -38.03 21.25 12.10
CA CYS F 261 -36.85 20.48 12.29
C CYS F 261 -36.23 20.37 10.96
N MET F 262 -34.89 20.45 10.96
CA MET F 262 -34.16 20.49 9.71
C MET F 262 -34.87 19.62 8.66
N ALA G 82 -2.96 -40.49 29.77
CA ALA G 82 -4.38 -40.81 29.69
C ALA G 82 -5.19 -39.62 29.24
N ALA G 83 -5.35 -38.65 30.13
CA ALA G 83 -6.11 -37.45 29.84
C ALA G 83 -5.49 -36.60 28.76
N GLY G 84 -4.23 -36.87 28.44
CA GLY G 84 -3.53 -36.11 27.39
C GLY G 84 -4.26 -36.08 26.07
N THR G 85 -4.69 -37.24 25.58
CA THR G 85 -5.38 -37.31 24.31
C THR G 85 -6.80 -36.82 24.46
N ILE G 86 -7.24 -36.63 25.70
CA ILE G 86 -8.56 -36.08 25.93
C ILE G 86 -8.40 -34.60 25.74
N ILE G 87 -7.18 -34.10 25.90
CA ILE G 87 -6.94 -32.71 25.59
C ILE G 87 -6.87 -32.68 24.09
N ALA G 88 -6.17 -33.64 23.48
CA ALA G 88 -6.20 -33.75 22.02
C ALA G 88 -7.62 -33.71 21.43
N GLY G 89 -8.61 -34.32 22.07
CA GLY G 89 -10.03 -34.24 21.67
C GLY G 89 -10.62 -32.84 21.87
N ALA G 90 -10.23 -32.15 22.94
CA ALA G 90 -10.58 -30.74 23.16
C ALA G 90 -9.95 -29.85 22.08
N GLU G 91 -8.69 -30.07 21.71
CA GLU G 91 -8.04 -29.33 20.64
C GLU G 91 -8.72 -29.50 19.28
N LEU G 92 -9.09 -30.73 18.89
CA LEU G 92 -9.85 -30.95 17.66
C LEU G 92 -11.23 -30.27 17.71
N THR G 93 -11.91 -30.31 18.85
CA THR G 93 -13.22 -29.66 19.04
C THR G 93 -13.10 -28.14 18.94
N ILE G 94 -12.17 -27.51 19.66
CA ILE G 94 -11.95 -26.06 19.66
C ILE G 94 -11.48 -25.58 18.28
N GLY G 95 -10.63 -26.34 17.58
CA GLY G 95 -10.22 -26.03 16.21
C GLY G 95 -11.41 -25.98 15.24
N LEU G 96 -12.29 -26.96 15.29
CA LEU G 96 -13.51 -26.97 14.48
C LEU G 96 -14.47 -25.83 14.87
N LEU G 97 -14.62 -25.54 16.17
CA LEU G 97 -15.48 -24.46 16.64
C LEU G 97 -14.96 -23.06 16.29
N GLN G 98 -13.70 -22.73 16.47
CA GLN G 98 -13.15 -21.44 16.06
C GLN G 98 -13.28 -21.28 14.56
N ASN G 99 -13.08 -22.32 13.73
CA ASN G 99 -13.35 -22.20 12.30
C ASN G 99 -14.82 -21.90 12.02
N LEU G 100 -15.78 -22.54 12.72
CA LEU G 100 -17.19 -22.21 12.58
C LEU G 100 -17.47 -20.74 12.91
N LEU G 101 -17.00 -20.26 14.08
CA LEU G 101 -17.27 -18.89 14.49
C LEU G 101 -16.56 -17.86 13.59
N ASP G 102 -15.37 -18.12 13.08
CA ASP G 102 -14.76 -17.24 12.07
C ASP G 102 -15.53 -17.25 10.73
N VAL G 103 -16.13 -18.36 10.30
CA VAL G 103 -17.00 -18.35 9.11
C VAL G 103 -18.28 -17.54 9.35
N LEU G 104 -19.05 -17.82 10.41
CA LEU G 104 -20.28 -17.08 10.71
C LEU G 104 -20.02 -15.60 10.99
N ALA G 105 -18.83 -15.23 11.48
CA ALA G 105 -18.44 -13.84 11.62
C ALA G 105 -18.15 -13.17 10.26
N ASN G 106 -17.38 -13.82 9.37
CA ASN G 106 -16.94 -13.23 8.11
C ASN G 106 -18.02 -13.21 7.01
N VAL G 107 -19.05 -14.06 7.08
CA VAL G 107 -20.21 -13.98 6.19
C VAL G 107 -20.89 -12.62 6.35
N ASN G 108 -20.95 -11.85 5.27
CA ASN G 108 -21.47 -10.48 5.26
C ASN G 108 -22.81 -10.41 4.51
N ARG G 109 -23.80 -9.76 5.11
CA ARG G 109 -25.11 -9.54 4.55
C ARG G 109 -25.34 -8.08 4.70
N LYS G 110 -25.88 -7.42 3.73
CA LYS G 110 -26.25 -6.01 3.75
C LYS G 110 -27.29 -5.69 2.70
N CYS G 111 -27.99 -4.59 2.88
CA CYS G 111 -28.82 -3.99 1.85
C CYS G 111 -28.36 -2.55 1.68
N ALA G 112 -28.14 -2.08 0.46
CA ALA G 112 -28.16 -0.66 0.14
C ALA G 112 -29.61 -0.33 -0.22
N VAL G 113 -30.27 0.52 0.54
CA VAL G 113 -31.69 0.84 0.39
C VAL G 113 -31.85 2.25 -0.14
N GLY G 114 -31.97 2.40 -1.44
CA GLY G 114 -32.24 3.65 -2.11
C GLY G 114 -33.73 3.84 -2.34
N VAL G 115 -34.34 4.84 -1.71
CA VAL G 115 -35.77 5.18 -1.90
C VAL G 115 -35.88 6.61 -2.39
N ASP G 116 -36.33 6.81 -3.62
CA ASP G 116 -36.27 8.08 -4.34
C ASP G 116 -37.65 8.73 -4.39
N ASN G 117 -37.75 9.96 -3.87
CA ASN G 117 -39.00 10.68 -3.74
C ASN G 117 -39.28 11.57 -4.96
N GLU G 118 -39.95 11.03 -5.97
CA GLU G 118 -40.51 11.80 -7.08
C GLU G 118 -42.03 12.07 -6.88
N SER G 119 -42.54 11.94 -5.66
CA SER G 119 -43.98 11.91 -5.36
C SER G 119 -44.66 13.29 -5.36
N GLY G 120 -43.90 14.39 -5.44
CA GLY G 120 -44.42 15.75 -5.30
C GLY G 120 -44.70 16.19 -3.86
N PHE G 121 -44.53 15.31 -2.86
CA PHE G 121 -44.79 15.58 -1.45
C PHE G 121 -43.55 15.36 -0.59
N ARG G 122 -43.31 16.23 0.40
CA ARG G 122 -42.20 16.11 1.35
C ARG G 122 -42.49 15.04 2.40
N TRP G 123 -41.53 14.16 2.64
CA TRP G 123 -41.59 13.12 3.67
C TRP G 123 -40.87 13.57 4.94
N GLN G 124 -41.27 13.16 6.13
CA GLN G 124 -40.64 13.58 7.39
C GLN G 124 -40.71 12.52 8.49
N GLU G 125 -39.91 12.71 9.55
CA GLU G 125 -39.89 11.88 10.76
C GLU G 125 -39.45 10.44 10.47
N GLY G 126 -38.33 10.29 9.79
CA GLY G 126 -37.77 8.99 9.40
C GLY G 126 -37.65 8.03 10.59
N SER G 127 -38.37 6.93 10.53
CA SER G 127 -38.48 5.90 11.57
C SER G 127 -37.94 4.58 11.05
N THR G 128 -37.33 3.75 11.89
CA THR G 128 -36.77 2.45 11.45
C THR G 128 -37.03 1.34 12.46
N TYR G 129 -37.22 0.13 11.97
CA TYR G 129 -37.30 -1.07 12.78
C TYR G 129 -36.40 -2.15 12.20
N PHE G 130 -35.68 -2.89 13.06
CA PHE G 130 -34.91 -4.05 12.65
C PHE G 130 -35.42 -5.30 13.34
N PHE G 131 -35.87 -6.28 12.56
CA PHE G 131 -36.06 -7.65 13.04
C PHE G 131 -34.70 -8.36 13.14
N SER G 132 -33.80 -8.08 12.20
CA SER G 132 -32.42 -8.55 12.20
C SER G 132 -31.51 -7.46 11.64
N GLY G 133 -30.30 -7.33 12.17
CA GLY G 133 -29.33 -6.35 11.68
C GLY G 133 -29.47 -4.97 12.31
N THR G 134 -28.70 -4.02 11.78
CA THR G 134 -28.54 -2.64 12.28
C THR G 134 -28.08 -1.73 11.13
N ALA G 135 -27.98 -0.42 11.33
CA ALA G 135 -27.28 0.48 10.40
C ALA G 135 -26.36 1.46 11.15
N ASP G 136 -25.19 1.78 10.60
CA ASP G 136 -24.19 2.70 11.19
C ASP G 136 -24.47 4.20 10.94
N GLU G 137 -25.67 4.54 10.46
CA GLU G 137 -26.05 5.89 10.05
C GLU G 137 -27.53 6.16 10.35
N ASN G 138 -27.92 7.42 10.43
CA ASN G 138 -29.32 7.81 10.59
C ASN G 138 -30.01 7.92 9.23
N LEU G 139 -31.32 7.78 9.19
CA LEU G 139 -32.12 8.31 8.09
C LEU G 139 -31.99 9.83 7.98
N PRO G 140 -32.18 10.45 6.82
CA PRO G 140 -32.54 11.86 6.76
C PRO G 140 -33.78 12.15 7.61
N TYR G 141 -33.87 13.30 8.27
CA TYR G 141 -35.11 13.65 8.99
C TYR G 141 -36.29 13.76 8.03
N SER G 142 -36.05 14.33 6.85
CA SER G 142 -37.05 14.57 5.83
C SER G 142 -36.50 14.35 4.43
N VAL G 143 -37.39 14.15 3.47
CA VAL G 143 -37.05 13.93 2.06
C VAL G 143 -37.96 14.81 1.21
N SER G 144 -37.43 15.93 0.74
CA SER G 144 -38.13 16.81 -0.19
C SER G 144 -38.24 16.20 -1.60
N ASP G 145 -39.14 16.71 -2.42
CA ASP G 145 -39.38 16.19 -3.78
C ASP G 145 -38.12 16.32 -4.67
N GLY G 146 -37.71 15.24 -5.33
CA GLY G 146 -36.52 15.19 -6.16
C GLY G 146 -35.24 14.77 -5.44
N TYR G 147 -35.35 14.17 -4.25
CA TYR G 147 -34.22 13.68 -3.45
C TYR G 147 -34.47 12.27 -2.93
N ALA G 148 -33.40 11.53 -2.60
CA ALA G 148 -33.48 10.12 -2.23
C ALA G 148 -32.96 9.85 -0.82
N VAL G 149 -33.62 8.93 -0.11
CA VAL G 149 -33.07 8.24 1.05
C VAL G 149 -32.01 7.27 0.54
N LEU G 150 -30.77 7.41 0.97
CA LEU G 150 -29.75 6.37 0.86
C LEU G 150 -29.48 5.86 2.27
N TYR G 151 -29.70 4.56 2.47
CA TYR G 151 -29.57 3.94 3.79
C TYR G 151 -28.87 2.59 3.65
N GLY G 152 -27.95 2.26 4.56
CA GLY G 152 -27.07 1.10 4.45
C GLY G 152 -27.19 0.11 5.61
N PRO G 153 -28.35 -0.53 5.81
CA PRO G 153 -28.52 -1.55 6.82
C PRO G 153 -27.70 -2.82 6.55
N ARG G 154 -27.19 -3.44 7.62
CA ARG G 154 -26.22 -4.55 7.59
C ARG G 154 -26.48 -5.58 8.68
N LYS G 155 -25.93 -6.78 8.52
CA LYS G 155 -25.91 -7.83 9.54
C LYS G 155 -25.17 -7.39 10.80
N THR G 156 -25.58 -7.88 11.96
CA THR G 156 -24.88 -7.65 13.24
C THR G 156 -23.47 -8.25 13.22
N ASN G 157 -22.46 -7.55 13.73
CA ASN G 157 -21.08 -8.08 13.74
C ASN G 157 -20.93 -9.23 14.75
N GLY G 158 -19.92 -10.07 14.52
CA GLY G 158 -19.73 -11.33 15.23
C GLY G 158 -20.53 -12.50 14.61
N PRO G 159 -20.41 -13.71 15.16
CA PRO G 159 -21.00 -14.93 14.61
C PRO G 159 -22.50 -15.07 14.91
N VAL G 160 -23.31 -14.09 14.51
CA VAL G 160 -24.73 -13.99 14.92
C VAL G 160 -25.68 -14.91 14.13
N ALA G 161 -25.34 -15.29 12.90
CA ALA G 161 -26.15 -16.16 12.04
C ALA G 161 -27.58 -15.67 11.72
N THR G 162 -27.77 -14.35 11.67
CA THR G 162 -29.02 -13.69 11.24
C THR G 162 -28.71 -12.68 10.13
N GLY G 163 -29.65 -12.46 9.21
CA GLY G 163 -29.47 -11.55 8.08
C GLY G 163 -29.77 -10.09 8.40
N VAL G 164 -30.21 -9.34 7.39
CA VAL G 164 -30.75 -7.98 7.55
C VAL G 164 -32.24 -8.00 7.26
N VAL G 165 -33.07 -7.55 8.17
CA VAL G 165 -34.52 -7.58 7.99
C VAL G 165 -35.08 -6.39 8.73
N GLY G 166 -35.79 -5.52 8.06
CA GLY G 166 -36.24 -4.30 8.69
C GLY G 166 -37.22 -3.52 7.86
N VAL G 167 -37.73 -2.46 8.48
CA VAL G 167 -38.68 -1.51 7.92
C VAL G 167 -38.09 -0.12 8.07
N LEU G 168 -38.26 0.76 7.09
CA LEU G 168 -38.10 2.20 7.28
C LEU G 168 -39.42 2.86 6.91
N ALA G 169 -39.82 3.89 7.64
CA ALA G 169 -41.08 4.58 7.40
C ALA G 169 -40.95 6.09 7.58
N TYR G 170 -41.70 6.85 6.79
CA TYR G 170 -41.77 8.30 6.83
C TYR G 170 -43.21 8.76 6.85
N TYR G 171 -43.53 9.81 7.59
CA TYR G 171 -44.81 10.47 7.49
C TYR G 171 -44.87 11.38 6.26
N ILE G 172 -46.00 11.40 5.56
CA ILE G 172 -46.27 12.27 4.42
C ILE G 172 -47.45 13.20 4.79
N PRO G 173 -47.18 14.37 5.39
CA PRO G 173 -48.23 15.24 5.92
C PRO G 173 -49.19 15.78 4.84
N SER G 174 -48.75 15.92 3.60
CA SER G 174 -49.59 16.37 2.48
C SER G 174 -50.74 15.42 2.12
N ILE G 175 -50.70 14.16 2.58
CA ILE G 175 -51.77 13.17 2.38
C ILE G 175 -52.26 12.52 3.68
N GLY G 176 -51.62 12.78 4.82
CA GLY G 176 -52.02 12.27 6.14
C GLY G 176 -51.75 10.78 6.34
N LYS G 177 -50.73 10.24 5.69
CA LYS G 177 -50.37 8.80 5.68
C LYS G 177 -48.88 8.62 5.85
N THR G 178 -48.42 7.43 6.23
CA THR G 178 -47.00 7.10 6.33
C THR G 178 -46.59 6.04 5.32
N LEU G 179 -45.58 6.34 4.51
CA LEU G 179 -44.95 5.38 3.61
C LEU G 179 -44.01 4.51 4.41
N ALA G 180 -44.17 3.19 4.35
CA ALA G 180 -43.22 2.23 4.87
C ALA G 180 -42.63 1.39 3.75
N VAL G 181 -41.37 1.03 3.89
CA VAL G 181 -40.60 0.17 2.99
C VAL G 181 -39.99 -0.94 3.82
N MET G 182 -40.08 -2.19 3.37
CA MET G 182 -39.53 -3.35 4.05
C MET G 182 -38.52 -4.04 3.15
N TRP G 183 -37.46 -4.57 3.74
CA TRP G 183 -36.55 -5.46 3.04
C TRP G 183 -36.21 -6.64 3.93
N SER G 184 -35.94 -7.77 3.32
CA SER G 184 -35.40 -8.95 3.97
C SER G 184 -34.26 -9.47 3.12
N VAL G 185 -33.09 -9.64 3.75
CA VAL G 185 -31.87 -10.16 3.16
C VAL G 185 -31.34 -11.24 4.11
N PRO G 186 -31.81 -12.49 4.00
CA PRO G 186 -31.56 -13.55 4.97
C PRO G 186 -30.09 -13.90 5.20
N PHE G 187 -29.82 -14.59 6.32
CA PHE G 187 -28.60 -15.38 6.42
C PHE G 187 -28.71 -16.67 5.61
N ASP G 188 -29.81 -17.42 5.72
CA ASP G 188 -29.88 -18.80 5.23
C ASP G 188 -30.70 -18.98 3.95
N TYR G 189 -30.04 -18.87 2.80
CA TYR G 189 -30.66 -19.03 1.49
C TYR G 189 -31.16 -20.44 1.15
N ASN G 190 -30.91 -21.43 2.00
CA ASN G 190 -31.53 -22.75 1.84
C ASN G 190 -33.03 -22.71 2.15
N PHE G 191 -33.47 -21.77 3.01
CA PHE G 191 -34.85 -21.71 3.53
C PHE G 191 -35.55 -20.39 3.21
N TYR G 192 -34.81 -19.37 2.83
CA TYR G 192 -35.29 -18.01 2.59
C TYR G 192 -34.69 -17.40 1.31
N GLN G 193 -35.23 -16.29 0.87
CA GLN G 193 -34.72 -15.50 -0.25
C GLN G 193 -34.92 -14.01 0.05
N ASN G 194 -34.36 -13.14 -0.79
CA ASN G 194 -34.56 -11.71 -0.64
C ASN G 194 -36.01 -11.32 -0.96
N TRP G 195 -36.63 -10.53 -0.11
CA TRP G 195 -37.96 -9.97 -0.31
C TRP G 195 -37.95 -8.48 -0.02
N TRP G 196 -38.82 -7.72 -0.66
CA TRP G 196 -39.08 -6.32 -0.32
C TRP G 196 -40.56 -5.99 -0.53
N ASN G 197 -41.02 -4.90 0.05
CA ASN G 197 -42.38 -4.39 -0.12
C ASN G 197 -42.43 -2.91 0.22
N ALA G 198 -43.48 -2.22 -0.19
CA ALA G 198 -43.79 -0.87 0.23
C ALA G 198 -45.31 -0.66 0.30
N LYS G 199 -45.78 0.17 1.24
CA LYS G 199 -47.20 0.50 1.38
C LYS G 199 -47.40 1.81 2.14
N LEU G 200 -48.56 2.45 1.97
CA LEU G 200 -49.02 3.57 2.80
C LEU G 200 -49.92 3.07 3.94
N TYR G 201 -49.73 3.59 5.15
CA TYR G 201 -50.62 3.39 6.31
C TYR G 201 -51.26 4.70 6.75
N SER G 202 -52.48 4.65 7.29
CA SER G 202 -53.21 5.84 7.71
C SER G 202 -52.58 6.51 8.95
N GLY G 203 -52.45 7.84 8.92
CA GLY G 203 -51.87 8.62 10.01
C GLY G 203 -50.36 8.46 10.18
N ASN G 204 -49.79 9.22 11.12
CA ASN G 204 -48.40 9.07 11.53
C ASN G 204 -48.22 7.80 12.39
N GLN G 205 -47.31 6.92 12.01
CA GLN G 205 -46.99 5.70 12.75
C GLN G 205 -45.47 5.47 12.79
N ASP G 206 -44.93 5.05 13.93
CA ASP G 206 -43.55 4.55 14.02
C ASP G 206 -43.44 3.21 13.27
N ALA G 207 -42.29 2.93 12.65
CA ALA G 207 -41.99 1.59 12.17
C ALA G 207 -41.80 0.64 13.35
N ASP G 208 -42.48 -0.51 13.36
CA ASP G 208 -42.30 -1.55 14.36
C ASP G 208 -42.67 -2.94 13.81
N TYR G 209 -42.68 -3.95 14.67
CA TYR G 209 -42.91 -5.34 14.28
C TYR G 209 -44.23 -5.56 13.53
N ASP G 210 -45.28 -4.79 13.83
CA ASP G 210 -46.58 -5.01 13.18
C ASP G 210 -46.60 -4.51 11.74
N HIS G 211 -45.75 -3.54 11.38
CA HIS G 211 -45.50 -3.19 9.97
C HIS G 211 -44.66 -4.27 9.30
N TYR G 212 -43.66 -4.84 9.97
CA TYR G 212 -42.88 -5.93 9.41
C TYR G 212 -43.78 -7.12 9.06
N VAL G 213 -44.64 -7.55 9.98
CA VAL G 213 -45.58 -8.64 9.75
C VAL G 213 -46.54 -8.33 8.60
N ASP G 214 -47.13 -7.14 8.56
CA ASP G 214 -48.02 -6.75 7.47
C ASP G 214 -47.29 -6.71 6.12
N LEU G 215 -46.13 -6.07 6.02
CA LEU G 215 -45.37 -5.97 4.78
C LEU G 215 -44.76 -7.31 4.32
N TYR G 216 -44.38 -8.19 5.23
CA TYR G 216 -43.71 -9.45 4.89
C TYR G 216 -44.65 -10.65 4.71
N TYR G 217 -45.80 -10.69 5.38
CA TYR G 217 -46.75 -11.81 5.26
C TYR G 217 -48.08 -11.43 4.62
N ASP G 218 -48.69 -10.33 5.05
CA ASP G 218 -50.09 -10.03 4.71
C ASP G 218 -50.27 -9.21 3.43
N ALA G 219 -49.27 -8.41 3.04
CA ALA G 219 -49.34 -7.45 1.95
C ALA G 219 -48.57 -7.86 0.67
N ASN G 220 -48.30 -9.15 0.49
CA ASN G 220 -47.72 -9.75 -0.73
C ASN G 220 -46.42 -9.07 -1.21
N PRO G 221 -45.28 -9.35 -0.56
CA PRO G 221 -43.98 -8.79 -0.95
C PRO G 221 -43.49 -9.30 -2.31
N PHE G 222 -42.49 -8.65 -2.87
CA PHE G 222 -41.86 -9.00 -4.13
C PHE G 222 -40.55 -9.78 -3.94
N LYS G 223 -40.28 -10.72 -4.83
CA LYS G 223 -39.00 -11.40 -4.95
C LYS G 223 -37.94 -10.48 -5.57
N ALA G 224 -36.68 -10.78 -5.34
CA ALA G 224 -35.55 -10.08 -5.94
C ALA G 224 -35.22 -10.57 -7.35
N ASN G 225 -36.14 -10.40 -8.30
CA ASN G 225 -36.10 -10.97 -9.64
C ASN G 225 -36.39 -9.93 -10.74
N GLY G 226 -35.87 -8.71 -10.59
CA GLY G 226 -36.07 -7.60 -11.52
C GLY G 226 -37.10 -6.58 -11.05
N TRP G 227 -37.46 -5.64 -11.92
CA TRP G 227 -38.33 -4.51 -11.60
C TRP G 227 -39.80 -4.88 -11.47
N HIS G 228 -40.45 -4.35 -10.44
CA HIS G 228 -41.88 -4.45 -10.18
C HIS G 228 -42.49 -3.08 -9.94
N GLU G 229 -43.77 -2.90 -10.24
CA GLU G 229 -44.50 -1.64 -10.05
C GLU G 229 -45.84 -1.90 -9.36
N ARG G 230 -46.30 -1.01 -8.48
CA ARG G 230 -47.58 -1.12 -7.79
C ARG G 230 -48.10 0.27 -7.37
N SER G 231 -49.42 0.43 -7.30
CA SER G 231 -50.04 1.63 -6.72
C SER G 231 -49.96 1.63 -5.19
N LEU G 232 -49.81 2.81 -4.59
CA LEU G 232 -49.91 3.01 -3.14
C LEU G 232 -51.31 3.42 -2.69
N GLY G 233 -52.17 3.84 -3.62
CA GLY G 233 -53.34 4.67 -3.32
C GLY G 233 -52.96 6.14 -3.15
N SER G 234 -53.92 7.00 -2.81
CA SER G 234 -53.70 8.43 -2.55
C SER G 234 -53.00 9.20 -3.69
N GLY G 235 -53.15 8.74 -4.92
CA GLY G 235 -52.52 9.30 -6.13
C GLY G 235 -51.05 8.91 -6.33
N LEU G 236 -50.48 8.06 -5.49
CA LEU G 236 -49.07 7.66 -5.56
C LEU G 236 -48.89 6.21 -6.02
N LYS G 237 -47.68 5.95 -6.50
CA LYS G 237 -47.25 4.70 -7.14
C LYS G 237 -45.78 4.46 -6.79
N PHE G 238 -45.31 3.23 -6.82
CA PHE G 238 -43.88 2.97 -6.81
C PHE G 238 -43.49 1.94 -7.84
N CYS G 239 -42.26 2.04 -8.34
CA CYS G 239 -41.57 0.96 -9.02
C CYS G 239 -40.26 0.70 -8.28
N GLY G 240 -39.83 -0.54 -8.18
CA GLY G 240 -38.58 -0.86 -7.53
C GLY G 240 -38.03 -2.21 -7.93
N SER G 241 -36.80 -2.48 -7.56
CA SER G 241 -36.18 -3.78 -7.74
C SER G 241 -35.18 -4.05 -6.63
N MET G 242 -34.87 -5.33 -6.43
CA MET G 242 -33.90 -5.78 -5.46
C MET G 242 -32.95 -6.79 -6.08
N SER G 243 -31.68 -6.71 -5.77
CA SER G 243 -30.73 -7.66 -6.20
C SER G 243 -30.97 -8.86 -5.42
N SER G 244 -30.64 -10.00 -5.96
CA SER G 244 -30.91 -11.23 -5.31
C SER G 244 -29.79 -11.76 -4.54
N SER G 245 -28.69 -11.06 -4.49
CA SER G 245 -27.54 -11.47 -3.79
C SER G 245 -27.77 -11.26 -2.38
N GLY G 246 -26.74 -11.36 -1.60
CA GLY G 246 -26.84 -11.25 -0.19
C GLY G 246 -26.15 -10.05 0.24
N GLN G 247 -25.84 -9.18 -0.68
CA GLN G 247 -25.26 -7.91 -0.42
C GLN G 247 -26.07 -7.24 -1.44
N ALA G 248 -27.31 -6.95 -1.15
CA ALA G 248 -28.24 -6.50 -2.09
C ALA G 248 -28.49 -5.07 -2.25
N THR G 249 -28.71 -4.60 -3.47
CA THR G 249 -29.19 -3.24 -3.70
C THR G 249 -30.70 -3.31 -3.82
N LEU G 250 -31.41 -2.53 -3.03
CA LEU G 250 -32.84 -2.26 -3.15
C LEU G 250 -32.98 -0.84 -3.67
N GLU G 251 -33.61 -0.67 -4.81
CA GLU G 251 -33.93 0.63 -5.40
C GLU G 251 -35.43 0.76 -5.56
N ILE G 252 -36.00 1.84 -5.06
CA ILE G 252 -37.43 2.15 -5.17
C ILE G 252 -37.55 3.60 -5.64
N HIS G 253 -38.39 3.85 -6.63
CA HIS G 253 -38.82 5.18 -7.04
C HIS G 253 -40.27 5.31 -6.66
N VAL G 254 -40.61 6.31 -5.84
CA VAL G 254 -41.98 6.63 -5.49
C VAL G 254 -42.41 7.83 -6.31
N LEU G 255 -43.53 7.69 -7.01
CA LEU G 255 -43.95 8.50 -8.13
C LEU G 255 -45.43 8.89 -7.95
N LYS G 256 -45.90 9.91 -8.66
CA LYS G 256 -47.35 10.10 -8.84
C LYS G 256 -47.88 9.11 -9.88
N GLU G 257 -49.15 8.72 -9.79
CA GLU G 257 -49.77 7.77 -10.73
C GLU G 257 -49.68 8.21 -12.20
N SER G 258 -49.67 9.52 -12.47
CA SER G 258 -49.52 10.12 -13.80
C SER G 258 -48.12 9.97 -14.43
N GLU G 259 -47.08 9.58 -13.68
CA GLU G 259 -45.69 9.60 -14.16
C GLU G 259 -45.21 8.22 -14.67
N THR G 260 -44.36 8.21 -15.70
CA THR G 260 -43.64 7.00 -16.14
C THR G 260 -42.42 6.74 -15.25
N CYS G 261 -42.36 5.47 -14.86
CA CYS G 261 -41.34 5.08 -13.95
C CYS G 261 -40.06 5.47 -14.58
N MET G 262 -39.14 5.95 -13.74
CA MET G 262 -37.89 6.49 -14.26
C MET G 262 -37.46 5.72 -15.51
N ALA H 82 -4.26 -45.33 21.49
CA ALA H 82 -5.10 -46.03 20.53
C ALA H 82 -5.86 -45.07 19.66
N ALA H 83 -6.87 -44.42 20.24
CA ALA H 83 -7.70 -43.47 19.52
C ALA H 83 -6.94 -42.25 19.07
N GLY H 84 -5.74 -42.04 19.62
CA GLY H 84 -4.92 -40.89 19.25
C GLY H 84 -4.67 -40.76 17.76
N THR H 85 -4.27 -41.85 17.13
CA THR H 85 -3.98 -41.83 15.70
C THR H 85 -5.27 -41.83 14.92
N ILE H 86 -6.38 -42.07 15.60
CA ILE H 86 -7.66 -42.02 14.93
C ILE H 86 -8.00 -40.55 14.88
N ILE H 87 -7.41 -39.77 15.76
CA ILE H 87 -7.60 -38.34 15.67
C ILE H 87 -6.67 -37.94 14.55
N ALA H 88 -5.45 -38.48 14.53
CA ALA H 88 -4.57 -38.24 13.38
C ALA H 88 -5.25 -38.48 12.02
N GLY H 89 -6.11 -39.50 11.90
CA GLY H 89 -6.91 -39.75 10.70
C GLY H 89 -7.99 -38.68 10.46
N ALA H 90 -8.60 -38.18 11.53
CA ALA H 90 -9.52 -37.03 11.47
C ALA H 90 -8.77 -35.77 11.02
N GLU H 91 -7.57 -35.51 11.54
CA GLU H 91 -6.75 -34.38 11.12
C GLU H 91 -6.37 -34.42 9.63
N LEU H 92 -5.94 -35.57 9.11
CA LEU H 92 -5.67 -35.72 7.67
C LEU H 92 -6.95 -35.51 6.83
N THR H 93 -8.09 -36.02 7.29
CA THR H 93 -9.38 -35.85 6.61
C THR H 93 -9.82 -34.38 6.58
N ILE H 94 -9.81 -33.70 7.73
CA ILE H 94 -10.20 -32.29 7.85
C ILE H 94 -9.24 -31.38 7.07
N GLY H 95 -7.94 -31.67 7.09
CA GLY H 95 -6.96 -30.94 6.28
C GLY H 95 -7.25 -31.01 4.78
N LEU H 96 -7.53 -32.20 4.26
CA LEU H 96 -7.93 -32.38 2.86
C LEU H 96 -9.29 -31.70 2.56
N LEU H 97 -10.27 -31.78 3.46
CA LEU H 97 -11.57 -31.15 3.27
C LEU H 97 -11.52 -29.62 3.32
N GLN H 98 -10.85 -28.98 4.26
CA GLN H 98 -10.71 -27.53 4.27
C GLN H 98 -9.97 -27.06 3.03
N ASN H 99 -8.96 -27.77 2.52
CA ASN H 99 -8.35 -27.41 1.25
C ASN H 99 -9.35 -27.51 0.09
N LEU H 100 -10.19 -28.54 0.03
CA LEU H 100 -11.26 -28.62 -0.97
C LEU H 100 -12.21 -27.43 -0.90
N LEU H 101 -12.73 -27.12 0.29
CA LEU H 101 -13.69 -26.02 0.44
C LEU H 101 -13.05 -24.66 0.18
N ASP H 102 -11.79 -24.42 0.54
CA ASP H 102 -11.10 -23.19 0.13
C ASP H 102 -10.86 -23.11 -1.39
N VAL H 103 -10.63 -24.21 -2.09
CA VAL H 103 -10.54 -24.19 -3.57
C VAL H 103 -11.91 -23.88 -4.21
N LEU H 104 -12.97 -24.62 -3.87
CA LEU H 104 -14.31 -24.37 -4.41
C LEU H 104 -14.85 -22.98 -4.04
N ALA H 105 -14.42 -22.40 -2.92
CA ALA H 105 -14.75 -21.02 -2.56
C ALA H 105 -14.00 -20.00 -3.44
N ASN H 106 -12.69 -20.17 -3.63
CA ASN H 106 -11.86 -19.20 -4.35
C ASN H 106 -11.98 -19.24 -5.87
N VAL H 107 -12.44 -20.35 -6.47
CA VAL H 107 -12.78 -20.42 -7.89
C VAL H 107 -13.88 -19.40 -8.21
N ASN H 108 -13.58 -18.45 -9.09
CA ASN H 108 -14.45 -17.34 -9.44
C ASN H 108 -15.00 -17.49 -10.86
N ARG H 109 -16.31 -17.32 -11.03
CA ARG H 109 -16.99 -17.38 -12.29
C ARG H 109 -17.81 -16.14 -12.34
N LYS H 110 -17.87 -15.46 -13.44
CA LYS H 110 -18.69 -14.26 -13.66
C LYS H 110 -18.93 -14.04 -15.13
N CYS H 111 -19.96 -13.27 -15.44
CA CYS H 111 -20.17 -12.72 -16.77
C CYS H 111 -20.28 -11.21 -16.63
N ALA H 112 -19.59 -10.42 -17.44
CA ALA H 112 -19.96 -9.05 -17.71
C ALA H 112 -20.91 -9.08 -18.90
N VAL H 113 -22.15 -8.67 -18.73
CA VAL H 113 -23.20 -8.77 -19.76
C VAL H 113 -23.54 -7.38 -20.28
N GLY H 114 -22.91 -6.98 -21.37
CA GLY H 114 -23.18 -5.74 -22.07
C GLY H 114 -24.19 -5.95 -23.18
N VAL H 115 -25.38 -5.36 -23.10
CA VAL H 115 -26.41 -5.43 -24.15
C VAL H 115 -26.74 -4.02 -24.60
N ASP H 116 -26.41 -3.69 -25.85
CA ASP H 116 -26.44 -2.33 -26.37
C ASP H 116 -27.64 -2.12 -27.28
N ASN H 117 -28.47 -1.13 -26.96
CA ASN H 117 -29.73 -0.87 -27.65
C ASN H 117 -29.54 0.16 -28.78
N GLU H 118 -29.23 -0.31 -29.98
CA GLU H 118 -29.27 0.50 -31.20
C GLU H 118 -30.56 0.25 -32.01
N SER H 119 -31.61 -0.32 -31.39
CA SER H 119 -32.79 -0.83 -32.07
C SER H 119 -33.80 0.25 -32.51
N GLY H 120 -33.63 1.50 -32.10
CA GLY H 120 -34.61 2.57 -32.33
C GLY H 120 -35.82 2.55 -31.39
N PHE H 121 -35.95 1.56 -30.51
CA PHE H 121 -37.07 1.40 -29.58
C PHE H 121 -36.60 1.37 -28.13
N ARG H 122 -37.34 2.01 -27.22
CA ARG H 122 -37.06 2.01 -25.78
C ARG H 122 -37.49 0.68 -25.14
N TRP H 123 -36.62 0.10 -24.34
CA TRP H 123 -36.85 -1.12 -23.57
C TRP H 123 -37.26 -0.78 -22.14
N GLN H 124 -38.09 -1.57 -21.47
CA GLN H 124 -38.54 -1.29 -20.10
C GLN H 124 -38.83 -2.54 -19.27
N GLU H 125 -38.96 -2.38 -17.96
CA GLU H 125 -39.34 -3.42 -17.00
C GLU H 125 -38.31 -4.57 -16.93
N GLY H 126 -37.04 -4.21 -16.75
CA GLY H 126 -35.94 -5.15 -16.69
C GLY H 126 -36.17 -6.28 -15.69
N SER H 127 -36.24 -7.51 -16.19
CA SER H 127 -36.54 -8.73 -15.44
C SER H 127 -35.35 -9.67 -15.49
N THR H 128 -35.08 -10.45 -14.44
CA THR H 128 -33.94 -11.38 -14.42
C THR H 128 -34.29 -12.72 -13.79
N TYR H 129 -33.68 -13.78 -14.28
CA TYR H 129 -33.76 -15.11 -13.71
C TYR H 129 -32.37 -15.71 -13.57
N PHE H 130 -32.07 -16.37 -12.45
CA PHE H 130 -30.85 -17.12 -12.27
C PHE H 130 -31.14 -18.60 -12.05
N PHE H 131 -30.64 -19.45 -12.92
CA PHE H 131 -30.54 -20.89 -12.66
C PHE H 131 -29.35 -21.16 -11.72
N SER H 132 -28.27 -20.42 -11.88
CA SER H 132 -27.09 -20.44 -11.00
C SER H 132 -26.53 -19.03 -10.86
N GLY H 133 -26.02 -18.67 -9.70
CA GLY H 133 -25.41 -17.37 -9.47
C GLY H 133 -26.40 -16.27 -9.06
N THR H 134 -25.92 -15.04 -9.00
CA THR H 134 -26.61 -13.84 -8.54
C THR H 134 -25.95 -12.59 -9.14
N ALA H 135 -26.49 -11.39 -8.93
CA ALA H 135 -25.79 -10.13 -9.21
C ALA H 135 -25.94 -9.12 -8.06
N ASP H 136 -24.90 -8.35 -7.75
CA ASP H 136 -24.89 -7.35 -6.67
C ASP H 136 -25.51 -5.98 -7.06
N GLU H 137 -26.21 -5.90 -8.18
CA GLU H 137 -26.76 -4.68 -8.75
C GLU H 137 -28.09 -4.94 -9.45
N ASN H 138 -28.90 -3.91 -9.65
CA ASN H 138 -30.14 -4.00 -10.41
C ASN H 138 -29.87 -3.79 -11.90
N LEU H 139 -30.75 -4.30 -12.77
CA LEU H 139 -30.85 -3.79 -14.13
C LEU H 139 -31.28 -2.32 -14.13
N PRO H 140 -30.97 -1.52 -15.16
CA PRO H 140 -31.72 -0.31 -15.44
C PRO H 140 -33.22 -0.62 -15.58
N TYR H 141 -34.11 0.26 -15.13
CA TYR H 141 -35.55 0.05 -15.36
C TYR H 141 -35.87 0.03 -16.85
N SER H 142 -35.23 0.90 -17.62
CA SER H 142 -35.44 1.06 -19.05
C SER H 142 -34.13 1.35 -19.77
N VAL H 143 -34.13 1.13 -21.08
CA VAL H 143 -32.98 1.36 -21.95
C VAL H 143 -33.45 2.10 -23.19
N SER H 144 -33.23 3.40 -23.24
CA SER H 144 -33.51 4.23 -24.41
C SER H 144 -32.53 3.96 -25.55
N ASP H 145 -32.88 4.36 -26.77
CA ASP H 145 -32.06 4.12 -27.96
C ASP H 145 -30.70 4.83 -27.86
N GLY H 146 -29.60 4.11 -28.11
CA GLY H 146 -28.24 4.61 -27.99
C GLY H 146 -27.59 4.44 -26.61
N TYR H 147 -28.13 3.57 -25.77
CA TYR H 147 -27.61 3.27 -24.42
C TYR H 147 -27.57 1.76 -24.17
N ALA H 148 -26.72 1.32 -23.24
CA ALA H 148 -26.45 -0.09 -22.99
C ALA H 148 -26.80 -0.52 -21.56
N VAL H 149 -27.35 -1.73 -21.43
CA VAL H 149 -27.37 -2.48 -20.17
C VAL H 149 -25.96 -2.95 -19.89
N LEU H 150 -25.37 -2.54 -18.77
CA LEU H 150 -24.18 -3.18 -18.21
C LEU H 150 -24.62 -3.91 -16.95
N TYR H 151 -24.41 -5.21 -16.91
CA TYR H 151 -24.85 -6.06 -15.81
C TYR H 151 -23.76 -7.07 -15.46
N GLY H 152 -23.52 -7.31 -14.17
CA GLY H 152 -22.38 -8.10 -13.69
C GLY H 152 -22.77 -9.32 -12.86
N PRO H 153 -23.47 -10.30 -13.44
CA PRO H 153 -23.81 -11.54 -12.75
C PRO H 153 -22.58 -12.40 -12.43
N ARG H 154 -22.61 -13.08 -11.29
CA ARG H 154 -21.47 -13.81 -10.69
C ARG H 154 -21.91 -15.09 -9.99
N LYS H 155 -20.97 -16.00 -9.75
CA LYS H 155 -21.15 -17.21 -8.95
C LYS H 155 -21.53 -16.87 -7.51
N THR H 156 -22.31 -17.72 -6.86
CA THR H 156 -22.66 -17.60 -5.44
C THR H 156 -21.41 -17.73 -4.55
N ASN H 157 -21.25 -16.91 -3.53
CA ASN H 157 -20.08 -16.98 -2.64
C ASN H 157 -20.11 -18.24 -1.76
N GLY H 158 -18.94 -18.67 -1.29
CA GLY H 158 -18.75 -19.94 -0.61
C GLY H 158 -18.51 -21.11 -1.58
N PRO H 159 -18.28 -22.33 -1.07
CA PRO H 159 -17.93 -23.50 -1.86
C PRO H 159 -19.13 -24.15 -2.58
N VAL H 160 -19.84 -23.39 -3.41
CA VAL H 160 -21.14 -23.82 -3.99
C VAL H 160 -21.01 -24.76 -5.19
N ALA H 161 -19.89 -24.73 -5.93
CA ALA H 161 -19.63 -25.58 -7.11
C ALA H 161 -20.65 -25.47 -8.26
N THR H 162 -21.28 -24.30 -8.43
CA THR H 162 -22.15 -23.96 -9.56
C THR H 162 -21.66 -22.67 -10.23
N GLY H 163 -21.88 -22.53 -11.53
CA GLY H 163 -21.43 -21.37 -12.30
C GLY H 163 -22.39 -20.18 -12.26
N VAL H 164 -22.39 -19.38 -13.33
CA VAL H 164 -23.39 -18.32 -13.55
C VAL H 164 -24.26 -18.72 -14.72
N VAL H 165 -25.58 -18.76 -14.55
CA VAL H 165 -26.50 -19.18 -15.60
C VAL H 165 -27.77 -18.42 -15.39
N GLY H 166 -28.21 -17.67 -16.37
CA GLY H 166 -29.37 -16.83 -16.18
C GLY H 166 -29.88 -16.20 -17.45
N VAL H 167 -31.02 -15.52 -17.29
CA VAL H 167 -31.72 -14.79 -18.33
C VAL H 167 -31.91 -13.36 -17.85
N LEU H 168 -31.80 -12.37 -18.72
CA LEU H 168 -32.34 -11.03 -18.49
C LEU H 168 -33.31 -10.73 -19.61
N ALA H 169 -34.43 -10.06 -19.31
CA ALA H 169 -35.44 -9.74 -20.29
C ALA H 169 -36.03 -8.35 -20.09
N TYR H 170 -36.39 -7.69 -21.18
CA TYR H 170 -37.01 -6.37 -21.21
C TYR H 170 -38.23 -6.39 -22.12
N TYR H 171 -39.29 -5.68 -21.74
CA TYR H 171 -40.40 -5.44 -22.64
C TYR H 171 -40.06 -4.32 -23.63
N ILE H 172 -40.47 -4.47 -24.89
CA ILE H 172 -40.32 -3.48 -25.95
C ILE H 172 -41.73 -3.06 -26.41
N PRO H 173 -42.34 -2.04 -25.79
CA PRO H 173 -43.73 -1.67 -26.05
C PRO H 173 -43.99 -1.20 -27.49
N SER H 174 -42.99 -0.65 -28.19
CA SER H 174 -43.11 -0.22 -29.59
C SER H 174 -43.35 -1.36 -30.59
N ILE H 175 -43.12 -2.62 -30.19
CA ILE H 175 -43.39 -3.82 -31.02
C ILE H 175 -44.26 -4.86 -30.31
N GLY H 176 -44.58 -4.69 -29.02
CA GLY H 176 -45.44 -5.60 -28.26
C GLY H 176 -44.80 -6.95 -27.92
N LYS H 177 -43.48 -6.99 -27.77
CA LYS H 177 -42.68 -8.21 -27.54
C LYS H 177 -41.64 -7.97 -26.47
N THR H 178 -41.09 -9.03 -25.87
CA THR H 178 -40.00 -8.93 -24.90
C THR H 178 -38.71 -9.55 -25.41
N LEU H 179 -37.63 -8.78 -25.41
CA LEU H 179 -36.29 -9.27 -25.69
C LEU H 179 -35.75 -9.98 -24.46
N ALA H 180 -35.33 -11.24 -24.61
CA ALA H 180 -34.60 -11.96 -23.59
C ALA H 180 -33.19 -12.30 -24.09
N VAL H 181 -32.24 -12.30 -23.17
CA VAL H 181 -30.83 -12.65 -23.38
C VAL H 181 -30.47 -13.69 -22.35
N MET H 182 -29.79 -14.77 -22.74
CA MET H 182 -29.36 -15.84 -21.85
C MET H 182 -27.85 -15.96 -21.90
N TRP H 183 -27.23 -16.27 -20.78
CA TRP H 183 -25.83 -16.66 -20.73
C TRP H 183 -25.68 -17.86 -19.81
N SER H 184 -24.69 -18.69 -20.11
CA SER H 184 -24.25 -19.77 -19.26
C SER H 184 -22.73 -19.71 -19.18
N VAL H 185 -22.19 -19.67 -17.98
CA VAL H 185 -20.77 -19.65 -17.65
C VAL H 185 -20.55 -20.71 -16.57
N PRO H 186 -20.34 -21.98 -16.94
CA PRO H 186 -20.34 -23.11 -16.02
C PRO H 186 -19.29 -23.06 -14.91
N PHE H 187 -19.50 -23.87 -13.87
CA PHE H 187 -18.38 -24.27 -13.01
C PHE H 187 -17.49 -25.30 -13.69
N ASP H 188 -18.06 -26.35 -14.30
CA ASP H 188 -17.29 -27.53 -14.72
C ASP H 188 -17.06 -27.64 -16.23
N TYR H 189 -15.95 -27.07 -16.70
CA TYR H 189 -15.57 -27.09 -18.11
C TYR H 189 -15.20 -28.47 -18.67
N ASN H 190 -15.14 -29.51 -17.85
CA ASN H 190 -14.99 -30.88 -18.36
C ASN H 190 -16.26 -31.37 -19.06
N PHE H 191 -17.42 -30.83 -18.69
CA PHE H 191 -18.74 -31.30 -19.15
C PHE H 191 -19.57 -30.22 -19.86
N TYR H 192 -19.19 -28.96 -19.69
CA TYR H 192 -19.91 -27.80 -20.19
C TYR H 192 -18.97 -26.76 -20.81
N GLN H 193 -19.51 -25.78 -21.49
CA GLN H 193 -18.79 -24.63 -22.05
C GLN H 193 -19.67 -23.39 -21.96
N ASN H 194 -19.12 -22.22 -22.25
CA ASN H 194 -19.89 -20.99 -22.28
C ASN H 194 -20.86 -20.99 -23.45
N TRP H 195 -22.12 -20.64 -23.18
CA TRP H 195 -23.16 -20.47 -24.19
C TRP H 195 -23.89 -19.16 -23.97
N TRP H 196 -24.43 -18.57 -25.02
CA TRP H 196 -25.34 -17.43 -24.94
C TRP H 196 -26.39 -17.51 -26.03
N ASN H 197 -27.49 -16.78 -25.88
CA ASN H 197 -28.55 -16.68 -26.89
C ASN H 197 -29.34 -15.40 -26.65
N ALA H 198 -30.11 -14.98 -27.65
CA ALA H 198 -31.10 -13.91 -27.52
C ALA H 198 -32.31 -14.19 -28.43
N LYS H 199 -33.50 -13.78 -28.01
CA LYS H 199 -34.73 -13.93 -28.80
C LYS H 199 -35.82 -12.96 -28.35
N LEU H 200 -36.79 -12.67 -29.22
CA LEU H 200 -38.03 -11.97 -28.88
C LEU H 200 -39.16 -12.97 -28.56
N TYR H 201 -39.93 -12.72 -27.51
CA TYR H 201 -41.17 -13.43 -27.17
C TYR H 201 -42.38 -12.52 -27.25
N SER H 202 -43.55 -13.06 -27.60
CA SER H 202 -44.78 -12.27 -27.74
C SER H 202 -45.30 -11.76 -26.40
N GLY H 203 -45.70 -10.48 -26.35
CA GLY H 203 -46.23 -9.84 -25.13
C GLY H 203 -45.18 -9.57 -24.05
N ASN H 204 -45.61 -8.92 -22.96
CA ASN H 204 -44.80 -8.74 -21.76
C ASN H 204 -44.71 -10.07 -20.98
N GLN H 205 -43.50 -10.52 -20.69
CA GLN H 205 -43.23 -11.73 -19.90
C GLN H 205 -42.09 -11.50 -18.91
N ASP H 206 -42.21 -11.99 -17.68
CA ASP H 206 -41.08 -12.07 -16.74
C ASP H 206 -40.06 -13.09 -17.24
N ALA H 207 -38.77 -12.86 -16.99
CA ALA H 207 -37.76 -13.91 -17.16
C ALA H 207 -37.96 -15.01 -16.11
N ASP H 208 -38.01 -16.27 -16.53
CA ASP H 208 -38.08 -17.42 -15.64
C ASP H 208 -37.50 -18.68 -16.29
N TYR H 209 -37.62 -19.83 -15.62
CA TYR H 209 -37.03 -21.08 -16.05
C TYR H 209 -37.46 -21.51 -17.47
N ASP H 210 -38.67 -21.18 -17.91
CA ASP H 210 -39.14 -21.62 -19.23
C ASP H 210 -38.49 -20.83 -20.36
N HIS H 211 -38.05 -19.58 -20.11
CA HIS H 211 -37.16 -18.86 -21.04
C HIS H 211 -35.76 -19.45 -21.03
N TYR H 212 -35.23 -19.83 -19.87
CA TYR H 212 -33.92 -20.48 -19.80
C TYR H 212 -33.92 -21.77 -20.63
N VAL H 213 -34.91 -22.63 -20.46
CA VAL H 213 -35.03 -23.87 -21.23
C VAL H 213 -35.16 -23.61 -22.73
N ASP H 214 -36.00 -22.67 -23.14
CA ASP H 214 -36.15 -22.32 -24.55
C ASP H 214 -34.85 -21.75 -25.14
N LEU H 215 -34.20 -20.78 -24.48
CA LEU H 215 -32.96 -20.17 -24.96
C LEU H 215 -31.76 -21.12 -24.92
N TYR H 216 -31.68 -22.04 -23.97
CA TYR H 216 -30.53 -22.92 -23.80
C TYR H 216 -30.64 -24.27 -24.53
N TYR H 217 -31.84 -24.81 -24.74
CA TYR H 217 -32.02 -26.10 -25.42
C TYR H 217 -32.74 -25.99 -26.76
N ASP H 218 -33.86 -25.26 -26.82
CA ASP H 218 -34.76 -25.32 -27.98
C ASP H 218 -34.44 -24.31 -29.09
N ALA H 219 -33.80 -23.19 -28.76
CA ALA H 219 -33.57 -22.06 -29.66
C ALA H 219 -32.13 -21.91 -30.15
N ASN H 220 -31.33 -22.99 -30.12
CA ASN H 220 -29.98 -23.08 -30.69
C ASN H 220 -29.02 -21.95 -30.24
N PRO H 221 -28.48 -22.02 -29.02
CA PRO H 221 -27.54 -21.02 -28.50
C PRO H 221 -26.20 -21.04 -29.25
N PHE H 222 -25.39 -20.00 -29.04
CA PHE H 222 -24.07 -19.84 -29.61
C PHE H 222 -22.96 -20.21 -28.63
N LYS H 223 -21.88 -20.80 -29.16
CA LYS H 223 -20.64 -21.01 -28.42
C LYS H 223 -19.87 -19.71 -28.24
N ALA H 224 -18.98 -19.66 -27.26
CA ALA H 224 -18.09 -18.53 -27.02
C ALA H 224 -16.83 -18.56 -27.91
N ASN H 225 -17.01 -18.46 -29.22
CA ASN H 225 -15.97 -18.65 -30.23
C ASN H 225 -15.93 -17.52 -31.27
N GLY H 226 -16.11 -16.27 -30.83
CA GLY H 226 -16.13 -15.08 -31.69
C GLY H 226 -17.53 -14.56 -31.98
N TRP H 227 -17.63 -13.59 -32.89
CA TRP H 227 -18.87 -12.88 -33.21
C TRP H 227 -19.84 -13.69 -34.03
N HIS H 228 -21.12 -13.64 -33.65
CA HIS H 228 -22.26 -14.22 -34.36
C HIS H 228 -23.36 -13.19 -34.56
N GLU H 229 -24.16 -13.33 -35.60
CA GLU H 229 -25.27 -12.43 -35.92
C GLU H 229 -26.54 -13.23 -36.24
N ARG H 230 -27.72 -12.75 -35.85
CA ARG H 230 -29.01 -13.40 -36.13
C ARG H 230 -30.14 -12.37 -36.15
N SER H 231 -31.19 -12.62 -36.93
CA SER H 231 -32.42 -11.83 -36.88
C SER H 231 -33.27 -12.17 -35.65
N LEU H 232 -33.97 -11.17 -35.10
CA LEU H 232 -34.95 -11.36 -34.03
C LEU H 232 -36.39 -11.50 -34.58
N GLY H 233 -36.62 -11.16 -35.84
CA GLY H 233 -37.95 -10.80 -36.35
C GLY H 233 -38.33 -9.37 -36.00
N SER H 234 -39.54 -8.94 -36.34
CA SER H 234 -40.08 -7.61 -36.02
C SER H 234 -39.21 -6.42 -36.46
N GLY H 235 -38.40 -6.61 -37.51
CA GLY H 235 -37.46 -5.62 -38.04
C GLY H 235 -36.15 -5.49 -37.28
N LEU H 236 -35.90 -6.30 -36.26
CA LEU H 236 -34.71 -6.24 -35.41
C LEU H 236 -33.75 -7.41 -35.64
N LYS H 237 -32.50 -7.19 -35.25
CA LYS H 237 -31.35 -8.06 -35.46
C LYS H 237 -30.42 -7.93 -34.26
N PHE H 238 -29.60 -8.92 -33.98
CA PHE H 238 -28.48 -8.73 -33.05
C PHE H 238 -27.20 -9.33 -33.60
N CYS H 239 -26.08 -8.76 -33.22
CA CYS H 239 -24.77 -9.39 -33.29
C CYS H 239 -24.17 -9.42 -31.89
N GLY H 240 -23.45 -10.46 -31.53
CA GLY H 240 -22.82 -10.53 -30.23
C GLY H 240 -21.68 -11.52 -30.19
N SER H 241 -20.92 -11.49 -29.12
CA SER H 241 -19.87 -12.47 -28.85
C SER H 241 -19.71 -12.68 -27.37
N MET H 242 -19.12 -13.82 -27.01
CA MET H 242 -18.84 -14.18 -25.64
C MET H 242 -17.40 -14.68 -25.50
N SER H 243 -16.71 -14.30 -24.47
CA SER H 243 -15.41 -14.80 -24.19
C SER H 243 -15.59 -16.16 -23.72
N SER H 244 -14.61 -16.99 -23.93
CA SER H 244 -14.71 -18.36 -23.58
C SER H 244 -14.17 -18.70 -22.28
N SER H 245 -13.67 -17.73 -21.55
CA SER H 245 -13.11 -17.94 -20.28
C SER H 245 -14.17 -18.14 -19.33
N GLY H 246 -13.85 -18.11 -18.07
CA GLY H 246 -14.80 -18.37 -17.05
C GLY H 246 -15.01 -17.15 -16.29
N GLN H 247 -14.59 -16.04 -16.81
CA GLN H 247 -14.80 -14.75 -16.25
C GLN H 247 -15.04 -14.12 -17.55
N ALA H 248 -16.21 -14.31 -18.12
CA ALA H 248 -16.49 -13.95 -19.44
C ALA H 248 -17.12 -12.67 -19.73
N THR H 249 -16.74 -12.00 -20.81
CA THR H 249 -17.45 -10.84 -21.32
C THR H 249 -18.44 -11.32 -22.36
N LEU H 250 -19.72 -10.99 -22.20
CA LEU H 250 -20.76 -11.15 -23.21
C LEU H 250 -21.10 -9.75 -23.71
N GLU H 251 -20.94 -9.52 -24.99
CA GLU H 251 -21.31 -8.27 -25.65
C GLU H 251 -22.34 -8.56 -26.74
N ILE H 252 -23.46 -7.85 -26.72
CA ILE H 252 -24.52 -7.96 -27.71
C ILE H 252 -24.89 -6.55 -28.15
N HIS H 253 -24.99 -6.33 -29.46
CA HIS H 253 -25.57 -5.13 -30.05
C HIS H 253 -26.88 -5.53 -30.68
N VAL H 254 -27.97 -4.90 -30.27
CA VAL H 254 -29.30 -5.09 -30.86
C VAL H 254 -29.57 -3.92 -31.79
N LEU H 255 -29.90 -4.22 -33.03
CA LEU H 255 -29.86 -3.33 -34.17
C LEU H 255 -31.16 -3.45 -34.96
N LYS H 256 -31.47 -2.48 -35.83
CA LYS H 256 -32.47 -2.70 -36.88
C LYS H 256 -31.87 -3.53 -38.01
N GLU H 257 -32.67 -4.29 -38.74
CA GLU H 257 -32.21 -5.13 -39.85
C GLU H 257 -31.45 -4.35 -40.95
N SER H 258 -31.78 -3.07 -41.15
CA SER H 258 -31.11 -2.16 -42.09
C SER H 258 -29.69 -1.74 -41.70
N GLU H 259 -29.24 -1.96 -40.46
CA GLU H 259 -27.97 -1.42 -39.95
C GLU H 259 -26.81 -2.43 -40.03
N THR H 260 -25.60 -1.94 -40.28
CA THR H 260 -24.36 -2.75 -40.17
C THR H 260 -23.91 -2.84 -38.71
N CYS H 261 -23.62 -4.08 -38.35
CA CYS H 261 -23.26 -4.35 -37.00
C CYS H 261 -22.13 -3.46 -36.68
N MET H 262 -22.14 -2.94 -35.45
CA MET H 262 -21.16 -1.95 -35.07
C MET H 262 -19.82 -2.23 -35.75
C23 A1H8M I . -8.94 -27.02 -13.38
C22 A1H8M I . -9.11 -26.71 -14.90
C21 A1H8M I . -10.01 -25.46 -15.14
C7 A1H8M I . -10.24 -22.89 -14.60
C5 A1H8M I . -11.94 -24.53 -19.98
C01 A1H8M I . -11.00 -22.68 -13.29
C02 A1H8M I . -10.83 -23.89 -12.37
C03 A1H8M I . -10.31 -24.58 -11.33
C04 A1H8M I . -9.36 -24.80 -10.10
C05 A1H8M I . -9.35 -26.34 -9.81
C6 A1H8M I . -11.17 -22.79 -15.83
C1 A1H8M I . -11.75 -22.17 -18.81
C2 A1H8M I . -12.21 -22.20 -20.28
C3 A1H8M I . -10.27 -23.30 -21.08
C4 A1H8M I . -12.38 -23.69 -22.16
N21 A1H8M I . -9.58 -24.20 -14.53
N2 A1H8M I . -11.71 -23.42 -20.89
O01 A1H8M I . -10.44 -21.62 -12.59
O21 A1H8M I . -10.98 -25.55 -15.80
O2 A1H8M I . -11.47 -21.42 -16.02
O1 A1H8M I . -11.34 -19.16 -17.20
O3 A1H8M I . -10.74 -21.22 -18.63
O4 A1H8M I . -9.34 -20.13 -16.72
P A1H8M I . -10.70 -20.49 -17.16
C06 A1H8M I . -10.62 -26.84 -9.04
C07 A1H8M I . -10.66 -28.41 -8.95
C08 A1H8M I . -12.11 -28.97 -9.15
C09 A1H8M I . -12.56 -29.91 -7.98
C10 A1H8M I . -11.87 -31.32 -8.05
C11 A1H8M I . -11.33 -31.79 -6.66
C12 A1H8M I . -10.82 -33.27 -6.72
C13 A1H8M I . -11.59 -34.21 -5.75
C24 A1H8M I . -8.64 -28.51 -13.10
C25 A1H8M I . -7.64 -28.74 -11.93
C26 A1H8M I . -6.60 -29.87 -12.21
C27 A1H8M I . -6.86 -31.20 -11.44
C28 A1H8M I . -5.82 -31.53 -10.32
C29 A1H8M I . -5.02 -32.85 -10.62
C30 A1H8M I . -5.13 -33.98 -9.54
C23 A1H8M J . 2.96 -30.58 -20.54
C23 A1H8M J . 0.18 -32.75 -20.58
C22 A1H8M J . 2.83 -29.35 -21.47
C22 A1H8M J . -0.84 -31.62 -20.90
C21 A1H8M J . 2.14 -29.65 -22.81
C21 A1H8M J . -1.04 -31.47 -22.42
C7 A1H8M J . 0.15 -30.78 -24.09
C7 A1H8M J . -0.13 -30.91 -24.70
C5 A1H8M J . 2.16 -28.27 -30.81
C5 A1H8M J . 2.21 -28.21 -30.76
C01 A1H8M J . 1.07 -31.48 -25.10
C01 A1H8M J . 1.19 -31.07 -25.44
C02 A1H8M J . 0.80 -33.01 -25.12
C02 A1H8M J . 2.05 -32.21 -24.84
C03 A1H8M J . 0.54 -34.15 -25.82
C03 A1H8M J . 3.02 -33.17 -24.85
C04 A1H8M J . 0.25 -35.68 -26.04
C04 A1H8M J . 3.86 -34.31 -24.17
C05 A1H8M J . 1.04 -36.52 -24.99
C05 A1H8M J . 3.60 -34.32 -22.62
C6 A1H8M J . -0.47 -29.48 -24.67
C6 A1H8M J . -0.71 -29.49 -24.95
C1 A1H8M J . 2.01 -26.60 -27.61
C1 A1H8M J . 2.06 -26.57 -27.60
C2 A1H8M J . 2.11 -27.88 -28.46
C2 A1H8M J . 2.01 -27.89 -28.40
C3 A1H8M J . 0.99 -26.35 -29.95
C3 A1H8M J . 0.98 -26.32 -29.93
C4 A1H8M J . 0.13 -28.55 -29.64
C4 A1H8M J . 0.11 -28.53 -29.73
N21 A1H8M J . 0.88 -30.44 -22.85
N21 A1H8M J . 0.07 -31.05 -23.27
N2 A1H8M J . 1.35 -27.75 -29.72
N2 A1H8M J . 1.33 -27.72 -29.70
O01 A1H8M J . 0.81 -31.08 -26.40
O01 A1H8M J . 0.90 -31.37 -26.77
O21 A1H8M J . 2.63 -29.23 -23.81
O21 A1H8M J . -2.11 -31.69 -22.90
O2 A1H8M J . 0.46 -28.80 -25.48
O2 A1H8M J . 0.12 -28.80 -25.86
O1 A1H8M J . -0.66 -26.60 -24.79
O1 A1H8M J . -0.62 -26.60 -24.80
O3 A1H8M J . 0.74 -26.57 -26.99
O3 A1H8M J . 0.82 -26.42 -26.93
O4 A1H8M J . 1.76 -26.74 -24.63
O4 A1H8M J . 1.74 -27.18 -24.64
P A1H8M J . 0.57 -27.14 -25.44
P A1H8M J . 0.53 -27.23 -25.52
C06 A1H8M J . 2.04 -37.53 -25.65
C06 A1H8M J . 4.93 -34.47 -21.79
C07 A1H8M J . 2.87 -38.31 -24.58
C07 A1H8M J . 4.81 -35.44 -20.56
C08 A1H8M J . 3.33 -39.71 -25.08
C08 A1H8M J . 6.17 -36.06 -20.10
C09 A1H8M J . 3.64 -40.69 -23.89
C09 A1H8M J . 6.12 -36.73 -18.68
C24 A1H8M J . 4.14 -30.46 -19.54
C24 A1H8M J . -0.51 -33.95 -19.88
C25 A1H8M J . 3.68 -30.64 -18.06
C25 A1H8M J . -0.18 -33.99 -18.37
C26 A1H8M J . 4.88 -30.83 -17.08
C26 A1H8M J . 0.20 -32.59 -17.81
C27 A1H8M J . 4.40 -31.18 -15.63
C27 A1H8M J . 0.97 -32.66 -16.46
C23 A1H8M K . 12.14 -31.80 -28.47
C22 A1H8M K . 11.46 -32.26 -29.80
C21 A1H8M K . 10.86 -31.15 -30.76
C7 A1H8M K . 8.26 -31.57 -30.54
C5 A1H8M K . 5.85 -25.44 -36.32
C01 A1H8M K . 8.36 -33.07 -30.44
C02 A1H8M K . 7.08 -33.52 -29.72
C03 A1H8M K . 6.35 -33.86 -28.63
C04 A1H8M K . 6.15 -34.09 -27.10
C6 A1H8M K . 7.24 -31.26 -31.63
C1 A1H8M K . 7.22 -27.45 -34.98
C2 A1H8M K . 7.35 -27.24 -36.50
C3 A1H8M K . 5.01 -27.65 -36.61
C4 A1H8M K . 6.11 -26.52 -38.41
N21 A1H8M K . 9.44 -30.93 -31.04
N2 A1H8M K . 6.08 -26.72 -36.96
O01 A1H8M K . 8.38 -33.61 -31.71
O21 A1H8M K . 11.50 -30.41 -31.42
O2 A1H8M K . 7.79 -30.34 -32.55
O1 A1H8M K . 6.71 -28.02 -32.31
O3 A1H8M K . 7.06 -28.82 -34.72
O4 A1H8M K . 5.36 -29.91 -33.07
P A1H8M K . 6.71 -29.26 -33.17
C24 A1H8M K . 13.35 -32.66 -27.94
C25 A1H8M K . 13.19 -33.48 -26.60
C26 A1H8M K . 13.80 -32.80 -25.32
C27 A1H8M K . 14.22 -33.70 -24.10
C28 A1H8M K . 14.27 -32.88 -22.77
C29 A1H8M K . 13.65 -33.68 -21.58
C30 A1H8M K . 13.28 -32.76 -20.39
C31 A1H8M K . 11.74 -32.72 -20.13
C23 A1H8M L . -5.59 -32.62 -19.21
C23 A1H8M L . -4.51 -32.15 -18.95
C22 A1H8M L . -4.81 -31.33 -19.57
C22 A1H8M L . -4.31 -30.99 -19.96
C21 A1H8M L . -5.56 -29.97 -19.69
C21 A1H8M L . -5.53 -30.05 -19.96
C7 A1H8M L . -7.22 -28.29 -18.58
C7 A1H8M L . -6.98 -28.34 -18.70
C5 A1H8M L . -5.90 -29.77 -26.13
C5 A1H8M L . -5.95 -30.19 -26.06
C01 A1H8M L . -8.62 -28.76 -18.93
C01 A1H8M L . -8.27 -29.13 -18.91
C02 A1H8M L . -8.93 -29.98 -18.02
C02 A1H8M L . -8.53 -30.02 -17.68
C03 A1H8M L . -8.59 -30.92 -17.09
C03 A1H8M L . -8.64 -31.18 -16.98
C04 A1H8M L . -8.84 -32.14 -16.13
C04 A1H8M L . -8.91 -32.01 -15.67
C05 A1H8M L . -8.42 -33.46 -16.86
C05 A1H8M L . -8.16 -33.38 -15.74
C6 A1H8M L . -6.76 -27.22 -19.59
C6 A1H8M L . -6.81 -27.22 -19.75
C1 A1H8M L . -6.16 -28.23 -23.44
C1 A1H8M L . -6.86 -28.75 -23.80
C2 A1H8M L . -5.08 -28.15 -24.54
C2 A1H8M L . -5.55 -28.36 -24.53
C3 A1H8M L . -4.80 -30.49 -24.12
C3 A1H8M L . -4.53 -30.51 -24.12
C4 A1H8M L . -3.53 -29.43 -25.86
C4 A1H8M L . -3.79 -29.17 -25.96
N21 A1H8M L . -6.41 -29.50 -18.57
N21 A1H8M L . -5.83 -29.24 -18.76
N2 A1H8M L . -4.83 -29.46 -25.16
N2 A1H8M L . -4.96 -29.56 -25.17
O01 A1H8M L . -9.55 -27.75 -18.69
O01 A1H8M L . -9.34 -28.25 -19.05
O21 A1H8M L . -5.51 -29.38 -20.70
O21 A1H8M L . -6.23 -30.00 -20.92
O2 A1H8M L . -7.47 -27.35 -20.80
O2 A1H8M L . -7.57 -27.50 -20.91
O1 A1H8M L . -8.34 -25.32 -22.16
O1 A1H8M L . -7.96 -25.32 -22.28
O3 A1H8M L . -6.84 -26.99 -23.42
O3 A1H8M L . -7.61 -27.57 -23.60
O4 A1H8M L . -5.98 -25.37 -21.57
O4 A1H8M L . -5.74 -26.36 -22.35
P A1H8M L . -7.14 -26.23 -21.99
P A1H8M L . -7.22 -26.64 -22.28
C06 A1H8M L . -8.70 -34.72 -15.97
C06 A1H8M L . -8.78 -34.45 -14.76
C07 A1H8M L . -8.26 -34.49 -14.46
C07 A1H8M L . -7.74 -34.94 -13.68
C08 A1H8M L . -9.07 -35.39 -13.48
C08 A1H8M L . -8.08 -34.42 -12.26
C09 A1H8M L . -8.60 -35.19 -11.98
C09 A1H8M L . -8.77 -35.51 -11.36
C24 A1H8M L . -4.60 -33.80 -19.35
C24 A1H8M L . -4.22 -31.69 -17.47
C25 A1H8M L . -5.25 -35.17 -19.04
C25 A1H8M L . -2.79 -31.99 -16.93
C26 A1H8M L . -5.77 -35.24 -17.59
C26 A1H8M L . -2.59 -31.82 -15.38
C27 A1H8M L . -6.48 -36.60 -17.31
C27 A1H8M L . -1.81 -33.00 -14.69
C28 A1H8M L . -5.82 -37.38 -16.15
C28 A1H8M L . -1.26 -32.72 -13.24
C29 A1H8M L . -6.78 -37.51 -14.93
C29 A1H8M L . -0.90 -34.02 -12.43
C30 A1H8M L . -6.08 -37.13 -13.59
C30 A1H8M L . 0.02 -33.86 -11.16
C31 A1H8M L . -6.61 -37.98 -12.40
C31 A1H8M L . 0.37 -35.22 -10.49
C23 A1H8M M . 0.72 -37.42 -29.89
C22 A1H8M M . 0.94 -35.89 -30.06
C21 A1H8M M . -0.35 -35.09 -29.76
C7 A1H8M M . -1.54 -33.09 -28.77
C5 A1H8M M . -0.95 -33.50 -37.38
C01 A1H8M M . -2.51 -33.96 -27.97
C02 A1H8M M . -2.45 -33.73 -26.42
C03 A1H8M M . -2.63 -34.16 -25.13
C04 A1H8M M . -2.98 -35.24 -24.04
C05 A1H8M M . -1.71 -35.62 -23.18
C6 A1H8M M . -2.20 -32.80 -30.13
C1 A1H8M M . -1.56 -34.00 -33.70
C2 A1H8M M . -0.85 -34.18 -35.08
C3 A1H8M M . -2.28 -32.34 -35.74
C4 A1H8M M . -2.86 -34.56 -36.32
N21 A1H8M M . -0.30 -33.82 -29.03
N2 A1H8M M . -1.72 -33.64 -36.13
O01 A1H8M M . -3.79 -33.65 -28.40
O21 A1H8M M . -1.38 -35.54 -30.12
O2 A1H8M M . -1.58 -31.74 -30.84
O1 A1H8M M . -3.38 -32.01 -32.64
O3 A1H8M M . -0.97 -32.86 -33.12
O4 A1H8M M . -1.59 -30.35 -33.03
P A1H8M M . -1.93 -31.69 -32.46
C06 A1H8M M . -1.55 -37.16 -22.91
C07 A1H8M M . -1.44 -37.55 -21.40
C08 A1H8M M . -0.26 -38.54 -21.07
C09 A1H8M M . -0.37 -39.18 -19.64
C10 A1H8M M . 0.96 -39.24 -18.80
C24 A1H8M M . 0.00 -37.76 -28.55
C25 A1H8M M . 0.29 -39.20 -28.07
C26 A1H8M M . -0.55 -39.57 -26.81
C27 A1H8M M . 0.31 -40.17 -25.67
C28 A1H8M M . -0.56 -40.77 -24.53
C29 A1H8M M . 0.22 -41.88 -23.76
C30 A1H8M M . -0.35 -42.15 -22.33
C31 A1H8M M . 0.67 -42.94 -21.45
C23 A1H8M N . -4.94 -29.19 -3.18
C22 A1H8M N . -4.53 -27.73 -3.56
C21 A1H8M N . -4.67 -27.26 -5.05
C7 A1H8M N . -6.25 -26.46 -7.00
C5 A1H8M N . -4.47 -19.24 -7.46
C01 A1H8M N . -6.11 -27.59 -8.01
C02 A1H8M N . -6.72 -28.80 -7.28
C03 A1H8M N . -7.20 -30.05 -7.08
C04 A1H8M N . -7.61 -31.50 -7.50
C05 A1H8M N . -8.71 -31.33 -8.60
C6 A1H8M N . -5.26 -25.36 -7.39
C1 A1H8M N . -4.47 -21.39 -8.59
C2 A1H8M N . -5.90 -20.79 -8.59
C3 A1H8M N . -6.78 -19.41 -6.82
C4 A1H8M N . -6.22 -18.42 -8.92
N21 A1H8M N . -5.99 -26.93 -5.63
N2 A1H8M N . -5.85 -19.46 -7.95
O01 A1H8M N . -6.77 -27.22 -9.19
O21 A1H8M N . -3.70 -27.17 -5.72
O2 A1H8M N . -5.35 -24.44 -6.34
O1 A1H8M N . -3.14 -23.10 -6.02
O3 A1H8M N . -4.57 -22.72 -8.16
O4 A1H8M N . -5.26 -21.90 -5.76
P A1H8M N . -4.55 -23.00 -6.53
C24 A1H8M N . -4.76 -29.47 -1.65
C25 A1H8M N . -5.17 -30.90 -1.11
C23 A1H8M O . 11.72 -24.52 -15.82
C22 A1H8M O . 12.37 -23.93 -17.10
C21 A1H8M O . 11.41 -22.99 -17.87
C7 A1H8M O . 9.95 -20.81 -17.62
C5 A1H8M O . 12.51 -21.57 -22.85
C01 A1H8M O . 8.56 -21.14 -17.08
C02 A1H8M O . 8.59 -22.43 -16.26
C03 A1H8M O . 8.61 -23.16 -15.11
C04 A1H8M O . 8.65 -23.37 -13.57
C05 A1H8M O . 9.07 -24.85 -13.31
C6 A1H8M O . 9.97 -20.70 -19.16
C1 A1H8M O . 11.08 -19.61 -21.84
C2 A1H8M O . 11.61 -19.42 -23.27
C3 A1H8M O . 13.90 -19.68 -22.65
C4 A1H8M O . 13.16 -20.41 -24.81
N21 A1H8M O . 10.87 -21.84 -17.12
N2 A1H8M O . 12.79 -20.26 -23.42
O01 A1H8M O . 8.14 -20.17 -16.20
O21 A1H8M O . 11.13 -23.21 -18.99
O2 A1H8M O . 9.35 -19.48 -19.50
O1 A1H8M O . 9.27 -17.08 -20.36
O3 A1H8M O . 11.32 -18.46 -21.07
O4 A1H8M O . 10.78 -17.49 -18.71
P A1H8M O . 10.22 -18.12 -19.90
C06 A1H8M O . 7.90 -25.88 -13.51
C07 A1H8M O . 8.41 -27.37 -13.47
C08 A1H8M O . 7.71 -28.26 -14.53
C09 A1H8M O . 7.07 -29.55 -13.90
C10 A1H8M O . 8.13 -30.63 -13.51
C11 A1H8M O . 7.88 -31.24 -12.09
C12 A1H8M O . 8.83 -32.43 -11.80
C13 A1H8M O . 8.08 -33.77 -11.54
C24 A1H8M O . 12.34 -25.88 -15.40
C25 A1H8M O . 12.46 -26.07 -13.86
C26 A1H8M O . 13.80 -26.74 -13.41
C27 A1H8M O . 13.66 -28.24 -12.97
C28 A1H8M O . 13.87 -28.48 -11.44
C29 A1H8M O . 15.12 -29.40 -11.15
C30 A1H8M O . 14.82 -30.73 -10.37
C23 A1H8M P . 25.79 -22.60 -13.81
C23 A1H8M P . 24.65 -25.42 -15.58
C22 A1H8M P . 25.78 -21.27 -14.61
C22 A1H8M P . 23.67 -24.60 -16.47
C21 A1H8M P . 26.18 -21.44 -16.09
C21 A1H8M P . 24.36 -24.17 -17.79
C7 A1H8M P . 25.94 -22.78 -18.33
C7 A1H8M P . 26.14 -22.84 -18.98
C5 A1H8M P . 30.38 -18.29 -22.28
C5 A1H8M P . 30.36 -18.23 -22.21
C01 A1H8M P . 27.45 -22.93 -18.52
C01 A1H8M P . 27.59 -22.43 -18.72
C02 A1H8M P . 27.86 -24.40 -18.69
C02 A1H8M P . 28.27 -23.37 -17.69
C03 A1H8M P . 28.52 -25.38 -19.40
C03 A1H8M P . 29.35 -23.97 -17.09
C04 A1H8M P . 29.02 -26.83 -19.74
C04 A1H8M P . 29.97 -24.92 -16.02
C05 A1H8M P . 29.28 -27.62 -18.42
C05 A1H8M P . 28.88 -25.37 -14.98
C6 A1H8M P . 25.34 -21.63 -19.17
C6 A1H8M P . 25.34 -21.65 -19.55
C1 A1H8M P . 27.75 -17.54 -19.90
C1 A1H8M P . 27.77 -17.50 -19.88
C2 A1H8M P . 28.82 -18.49 -20.49
C2 A1H8M P . 28.71 -18.54 -20.51
C3 A1H8M P . 28.31 -17.06 -22.37
C3 A1H8M P . 28.28 -17.03 -22.36
C4 A1H8M P . 28.34 -19.42 -22.66
C4 A1H8M P . 28.38 -19.39 -22.74
N21 A1H8M P . 25.60 -22.55 -16.91
N21 A1H8M P . 25.50 -23.25 -17.74
N2 A1H8M P . 28.95 -18.30 -21.95
N2 A1H8M P . 28.92 -18.29 -21.95
O01 A1H8M P . 27.88 -22.33 -19.70
O01 A1H8M P . 28.28 -22.48 -19.92
O21 A1H8M P . 26.96 -20.67 -16.55
O21 A1H8M P . 23.97 -24.58 -18.83
O2 A1H8M P . 26.23 -20.53 -19.22
O2 A1H8M P . 26.21 -20.55 -19.73
O1 A1H8M P . 24.19 -19.00 -19.42
O1 A1H8M P . 24.21 -18.98 -19.39
O3 A1H8M P . 26.47 -18.03 -20.23
O3 A1H8M P . 26.43 -17.88 -20.13
O4 A1H8M P . 25.87 -18.44 -17.76
O4 A1H8M P . 26.04 -18.85 -17.77
P A1H8M P . 25.66 -18.97 -19.13
P A1H8M P . 25.70 -19.05 -19.22
C06 A1H8M P . 30.77 -28.10 -18.29
C06 A1H8M P . 29.40 -25.31 -13.50
C07 A1H8M P . 31.02 -28.83 -16.93
C07 A1H8M P . 28.96 -26.54 -12.61
C08 A1H8M P . 32.18 -29.86 -17.01
C08 A1H8M P . 29.89 -26.81 -11.39
C09 A1H8M P . 32.07 -30.96 -15.89
C09 A1H8M P . 29.28 -27.77 -10.31
C24 A1H8M P . 25.99 -22.36 -12.28
C24 A1H8M P . 24.20 -26.90 -15.46
C25 A1H8M P . 24.87 -23.01 -11.42
C25 A1H8M P . 23.56 -27.19 -14.07
C26 A1H8M P . 25.21 -23.07 -9.91
C26 A1H8M P . 22.97 -25.92 -13.42
C27 A1H8M P . 24.16 -23.87 -9.09
C27 A1H8M P . 22.75 -26.07 -11.88
C23 A1H8M Q . 37.47 -19.13 -14.12
C22 A1H8M Q . 37.94 -19.44 -15.59
C21 A1H8M Q . 37.66 -18.37 -16.72
C7 A1H8M Q . 35.83 -19.58 -18.19
C5 A1H8M Q . 35.17 -13.27 -24.22
C01 A1H8M Q . 36.40 -20.96 -18.03
C02 A1H8M Q . 35.24 -21.93 -18.28
C03 A1H8M Q . 34.21 -22.72 -17.90
C04 A1H8M Q . 33.25 -23.35 -16.83
C6 A1H8M Q . 35.62 -19.35 -19.68
C1 A1H8M Q . 36.12 -15.04 -22.31
C2 A1H8M Q . 37.04 -14.45 -23.40
C3 A1H8M Q . 35.59 -15.50 -24.97
C4 A1H8M Q . 37.00 -13.71 -25.68
N21 A1H8M Q . 36.73 -18.52 -17.83
N2 A1H8M Q . 36.20 -14.24 -24.57
O01 A1H8M Q . 37.38 -21.16 -19.00
O21 A1H8M Q . 38.21 -17.33 -16.82
O2 A1H8M Q . 36.21 -18.11 -20.05
O1 A1H8M Q . 34.41 -16.34 -20.56
O3 A1H8M Q . 36.38 -16.42 -22.20
O4 A1H8M Q . 34.61 -18.32 -22.00
P A1H8M Q . 35.38 -17.29 -21.21
C24 A1H8M Q . 38.35 -19.69 -12.94
C25 A1H8M Q . 37.76 -20.80 -12.00
C26 A1H8M Q . 37.19 -20.30 -10.62
C27 A1H8M Q . 37.11 -21.28 -9.41
C28 A1H8M Q . 36.05 -20.83 -8.36
C29 A1H8M Q . 35.22 -22.03 -7.83
C30 A1H8M Q . 33.90 -21.57 -7.14
C31 A1H8M Q . 32.63 -22.05 -7.91
C23 A1H8M R . 19.67 -27.34 -18.17
C23 A1H8M R . 20.11 -26.64 -17.28
C22 A1H8M R . 19.94 -25.83 -17.96
C22 A1H8M R . 20.41 -25.27 -17.95
C21 A1H8M R . 18.96 -24.77 -18.54
C21 A1H8M R . 19.18 -24.77 -18.74
C7 A1H8M R . 16.49 -23.97 -18.74
C7 A1H8M R . 16.75 -23.92 -18.69
C5 A1H8M R . 22.44 -23.17 -23.74
C5 A1H8M R . 22.51 -23.60 -23.72
C01 A1H8M R . 15.87 -24.74 -19.89
C01 A1H8M R . 16.26 -24.98 -19.66
C02 A1H8M R . 15.58 -26.18 -19.38
C02 A1H8M R . 15.69 -26.17 -18.85
C03 A1H8M R . 15.63 -27.16 -18.43
C03 A1H8M R . 15.64 -27.45 -18.39
C04 A1H8M R . 15.36 -28.59 -17.85
C04 A1H8M R . 14.98 -28.60 -17.54
C05 A1H8M R . 16.58 -29.52 -18.13
C05 A1H8M R . 16.08 -29.63 -17.10
C6 A1H8M R . 17.01 -22.60 -19.24
C6 A1H8M R . 17.07 -22.59 -19.40
C1 A1H8M R . 20.08 -22.46 -21.83
C1 A1H8M R . 19.99 -23.06 -22.55
C2 A1H8M R . 21.47 -21.80 -22.00
C2 A1H8M R . 21.21 -22.15 -22.29
C3 A1H8M R . 22.31 -23.98 -21.48
C3 A1H8M R . 22.52 -23.92 -21.32
C4 A1H8M R . 23.83 -22.22 -22.03
C4 A1H8M R . 23.61 -22.03 -22.29
N21 A1H8M R . 17.53 -24.85 -18.20
N21 A1H8M R . 17.95 -24.39 -18.01
N2 A1H8M R . 22.51 -22.80 -22.32
N2 A1H8M R . 22.46 -22.93 -22.41
O01 A1H8M R . 14.68 -24.14 -20.31
O01 A1H8M R . 15.24 -24.46 -20.45
O21 A1H8M R . 19.38 -23.96 -19.29
O21 A1H8M R . 19.22 -24.71 -19.92
O2 A1H8M R . 17.28 -22.65 -20.63
O2 A1H8M R . 17.31 -22.79 -20.77
O1 A1H8M R . 16.67 -20.72 -22.25
O1 A1H8M R . 17.01 -20.57 -22.10
O3 A1H8M R . 19.12 -21.52 -22.26
O3 A1H8M R . 18.89 -22.25 -22.88
O4 A1H8M R . 18.04 -20.19 -20.30
O4 A1H8M R . 19.03 -20.86 -20.75
P A1H8M R . 17.77 -21.24 -21.35
P A1H8M R . 18.04 -21.57 -21.62
C06 A1H8M R . 16.34 -30.97 -17.60
C06 A1H8M R . 15.46 -31.03 -16.72
C07 A1H8M R . 15.68 -30.98 -16.17
C07 A1H8M R . 15.76 -31.43 -15.23
C08 A1H8M R . 14.86 -32.28 -15.90
C08 A1H8M R . 14.48 -31.38 -14.34
C09 A1H8M R . 14.25 -32.31 -14.45
C09 A1H8M R . 13.89 -32.81 -14.08
C24 A1H8M R . 20.92 -28.10 -17.64
C24 A1H8M R . 19.27 -26.48 -15.96
C25 A1H8M R . 20.78 -29.64 -17.81
C25 A1H8M R . 20.09 -26.46 -14.63
C26 A1H8M R . 19.58 -30.20 -17.00
C26 A1H8M R . 19.26 -26.60 -13.30
C27 A1H8M R . 19.42 -31.73 -17.23
C27 A1H8M R . 19.86 -27.62 -12.27
C28 A1H8M R . 19.51 -32.53 -15.91
C28 A1H8M R . 19.28 -27.54 -10.80
C29 A1H8M R . 18.15 -33.22 -15.56
C29 A1H8M R . 19.57 -28.83 -9.94
C30 A1H8M R . 17.73 -32.98 -14.09
C30 A1H8M R . 19.42 -28.71 -8.38
C31 A1H8M R . 16.96 -34.21 -13.50
C31 A1H8M R . 19.78 -30.02 -7.63
C23 A1H8M S . 32.28 -27.39 -22.41
C22 A1H8M S . 31.95 -25.88 -22.41
C21 A1H8M S . 30.55 -25.59 -23.01
C7 A1H8M S . 28.36 -24.33 -23.01
C5 A1H8M S . 33.99 -22.51 -29.30
C01 A1H8M S . 27.52 -25.61 -22.98
C02 A1H8M S . 26.57 -25.74 -21.76
C03 A1H8M S . 25.85 -26.49 -20.86
C04 A1H8M S . 25.37 -27.86 -20.24
C05 A1H8M S . 25.91 -28.03 -18.77
C6 A1H8M S . 28.58 -23.94 -24.48
C1 A1H8M S . 31.59 -24.02 -26.82
C2 A1H8M S . 32.97 -23.65 -27.45
C3 A1H8M S . 31.65 -22.21 -28.87
C4 A1H8M S . 32.41 -24.31 -29.67
N21 A1H8M S . 29.68 -24.57 -22.42
N2 A1H8M S . 32.76 -23.17 -28.82
O01 A1H8M S . 26.75 -25.61 -24.14
O21 A1H8M S . 30.20 -26.23 -23.94
O2 A1H8M S . 29.04 -22.60 -24.63
O1 A1H8M S . 28.92 -22.97 -27.18
O3 A1H8M S . 31.24 -22.93 -26.02
O4 A1H8M S . 29.80 -20.80 -26.36
P A1H8M S . 29.72 -22.28 -26.11
C06 A1H8M S . 26.45 -29.47 -18.45
C07 A1H8M S . 25.80 -30.15 -17.20
C08 A1H8M S . 26.82 -30.80 -16.20
C09 A1H8M S . 26.13 -31.76 -15.15
C10 A1H8M S . 26.62 -31.61 -13.65
C24 A1H8M S . 31.11 -28.24 -21.83
C25 A1H8M S . 31.58 -29.60 -21.26
C26 A1H8M S . 30.38 -30.49 -20.81
C27 A1H8M S . 30.54 -31.05 -19.37
C28 A1H8M S . 29.48 -32.14 -19.04
C29 A1H8M S . 30.00 -33.11 -17.94
C30 A1H8M S . 28.86 -33.86 -17.20
C31 A1H8M S . 29.37 -34.50 -15.86
C23 A1H8M T . 9.41 -27.74 -5.37
C22 A1H8M T . 9.37 -26.18 -5.42
C21 A1H8M T . 9.97 -25.44 -6.67
C7 A1H8M T . 9.69 -24.70 -9.18
C5 A1H8M T . 8.48 -17.38 -8.46
C01 A1H8M T . 10.80 -25.47 -9.86
C02 A1H8M T . 10.40 -26.94 -9.67
C03 A1H8M T . 10.41 -28.29 -9.81
C04 A1H8M T . 10.92 -29.65 -10.39
C05 A1H8M T . 10.72 -29.56 -11.93
C6 A1H8M T . 10.20 -23.30 -8.86
C1 A1H8M T . 9.96 -19.11 -9.32
C2 A1H8M T . 8.72 -18.98 -10.23
C3 A1H8M T . 6.51 -18.39 -9.42
C4 A1H8M T . 7.79 -16.81 -10.71
N21 A1H8M T . 9.24 -25.38 -7.95
N2 A1H8M T . 7.87 -17.89 -9.71
O01 A1H8M T . 10.88 -25.05 -11.20
O21 A1H8M T . 11.02 -24.90 -6.57
O2 A1H8M T . 9.17 -22.72 -8.11
O1 A1H8M T . 10.06 -20.90 -6.47
O3 A1H8M T . 10.15 -20.47 -9.04
O4 A1H8M T . 7.94 -20.48 -7.62
P A1H8M T . 9.31 -21.11 -7.77
C24 A1H8M T . 8.75 -28.30 -4.06
C25 A1H8M T . 8.68 -29.87 -3.90
C23 A1H8M U . 26.97 -15.48 -4.64
C22 A1H8M U . 27.97 -14.44 -5.23
C21 A1H8M U . 27.38 -13.67 -6.44
C7 A1H8M U . 25.35 -12.15 -7.18
C5 A1H8M U . 30.54 -10.86 -9.61
C01 A1H8M U . 24.17 -13.00 -7.65
C02 A1H8M U . 24.20 -14.38 -6.98
C03 A1H8M U . 23.82 -15.31 -6.07
C04 A1H8M U . 23.02 -15.86 -4.85
C05 A1H8M U . 23.74 -17.17 -4.38
C6 A1H8M U . 26.23 -11.69 -8.37
C1 A1H8M U . 28.19 -9.71 -9.75
C2 A1H8M U . 29.34 -9.05 -10.52
C3 A1H8M U . 30.70 -8.75 -8.60
C4 A1H8M U . 31.73 -9.14 -10.74
N21 A1H8M U . 26.12 -12.95 -6.22
N2 A1H8M U . 30.58 -9.43 -9.88
O01 A1H8M U . 22.98 -12.43 -7.24
O21 A1H8M U . 27.91 -13.70 -7.48
O2 A1H8M U . 25.54 -10.66 -9.04
O1 A1H8M U . 25.06 -8.26 -9.76
O3 A1H8M U . 27.47 -8.76 -9.01
O4 A1H8M U . 25.33 -8.58 -7.52
P A1H8M U . 25.87 -9.05 -8.81
C06 A1H8M U . 23.41 -18.42 -5.27
C07 A1H8M U . 24.31 -19.65 -4.89
C08 A1H8M U . 24.77 -20.44 -6.16
C09 A1H8M U . 24.42 -21.97 -6.07
C10 A1H8M U . 25.36 -22.75 -5.09
C11 A1H8M U . 24.58 -23.71 -4.14
C12 A1H8M U . 25.55 -24.61 -3.30
C13 A1H8M U . 25.35 -26.13 -3.57
C24 A1H8M U . 27.68 -16.65 -3.92
C25 A1H8M U . 26.93 -17.15 -2.65
C26 A1H8M U . 27.89 -17.48 -1.44
C27 A1H8M U . 28.09 -19.01 -1.18
C28 A1H8M U . 27.44 -19.54 0.13
C29 A1H8M U . 28.51 -20.08 1.15
C30 A1H8M U . 28.35 -21.58 1.58
C23 A1H8M V . 35.11 -9.98 5.80
C23 A1H8M V . 36.41 -12.51 3.73
C22 A1H8M V . 35.07 -8.57 5.16
C22 A1H8M V . 35.93 -11.83 2.41
C21 A1H8M V . 36.30 -8.26 4.27
C21 A1H8M V . 37.03 -10.92 1.83
C7 A1H8M V . 37.95 -9.05 2.39
C7 A1H8M V . 38.50 -8.88 2.02
C5 A1H8M V . 41.74 -2.64 2.11
C5 A1H8M V . 41.66 -2.61 2.15
C01 A1H8M V . 39.20 -8.68 3.20
C01 A1H8M V . 39.22 -8.13 3.13
C02 A1H8M V . 40.15 -9.89 3.34
C02 A1H8M V . 39.47 -9.04 4.37
C03 A1H8M V . 41.41 -10.43 3.22
C03 A1H8M V . 40.10 -9.41 5.52
C04 A1H8M V . 42.51 -11.54 3.28
C04 A1H8M V . 40.29 -10.36 6.75
C05 A1H8M V . 42.22 -12.50 4.47
C05 A1H8M V . 39.07 -11.35 6.87
C6 A1H8M V . 37.58 -7.96 1.35
C6 A1H8M V . 37.81 -7.89 1.07
C1 A1H8M V . 38.18 -3.29 2.28
C1 A1H8M V . 38.16 -3.25 2.32
C2 A1H8M V . 39.65 -3.71 2.51
C2 A1H8M V . 39.61 -3.79 2.43
C3 A1H8M V . 39.85 -2.09 0.73
C3 A1H8M V . 39.81 -2.09 0.70
C4 A1H8M V . 40.94 -4.20 0.54
C4 A1H8M V . 41.00 -4.14 0.50
N21 A1H8M V . 36.79 -9.25 3.29
N21 A1H8M V . 37.47 -9.74 2.58
N2 A1H8M V . 40.53 -3.15 1.46
N2 A1H8M V . 40.50 -3.15 1.44
O01 A1H8M V . 39.97 -7.72 2.56
O01 A1H8M V . 40.45 -7.69 2.64
O21 A1H8M V . 36.83 -7.20 4.40
O21 A1H8M V . 37.52 -11.17 0.77
O2 A1H8M V . 37.83 -6.66 1.87
O2 A1H8M V . 38.12 -6.56 1.47
O1 A1H8M V . 35.90 -5.81 0.42
O1 A1H8M V . 35.90 -5.79 0.45
O3 A1H8M V . 37.64 -4.04 1.22
O3 A1H8M V . 37.51 -3.94 1.27
O4 A1H8M V . 35.92 -5.18 2.76
O4 A1H8M V . 36.20 -5.51 2.86
P A1H8M V . 36.77 -5.42 1.56
P A1H8M V . 36.89 -5.45 1.52
C06 A1H8M V . 43.40 -12.53 5.52
C06 A1H8M V . 38.55 -11.48 8.35
C07 A1H8M V . 43.05 -13.45 6.74
C07 A1H8M V . 38.17 -12.96 8.76
C08 A1H8M V . 44.32 -14.04 7.42
C08 A1H8M V . 38.23 -13.22 10.30
C09 A1H8M V . 44.00 -15.36 8.23
C09 A1H8M V . 37.52 -14.54 10.76
C24 A1H8M V . 34.27 -10.06 7.11
C24 A1H8M V . 36.58 -14.05 3.55
C25 A1H8M V . 33.21 -11.20 7.06
C25 A1H8M V . 35.43 -14.84 4.21
C26 A1H8M V . 32.59 -11.50 8.46
C26 A1H8M V . 34.13 -13.98 4.35
C27 A1H8M V . 31.66 -12.75 8.43
C27 A1H8M V . 33.13 -14.55 5.39
C23 A1H8M W . 42.33 -3.21 12.92
C22 A1H8M W . 43.64 -3.02 12.08
C21 A1H8M W . 43.70 -1.84 11.02
C7 A1H8M W . 43.72 -3.17 8.74
C5 A1H8M W . 44.41 3.89 3.60
C01 A1H8M W . 44.56 -4.31 9.23
C02 A1H8M W . 44.25 -5.50 8.31
C03 A1H8M W . 43.58 -6.62 7.96
C04 A1H8M W . 42.51 -7.74 8.18
C6 A1H8M W . 44.36 -2.66 7.45
C1 A1H8M W . 44.63 2.09 5.69
C2 A1H8M W . 45.70 3.16 5.43
C3 A1H8M W . 45.98 2.13 3.30
C4 A1H8M W . 46.73 4.37 3.63
N21 A1H8M W . 43.76 -2.00 9.58
N2 A1H8M W . 45.71 3.39 3.99
O01 A1H8M W . 45.90 -3.98 9.10
O21 A1H8M W . 43.77 -0.70 11.29
O2 A1H8M W . 44.53 -1.25 7.53
O1 A1H8M W . 42.88 -0.04 5.98
O3 A1H8M W . 45.27 0.86 5.96
O4 A1H8M W . 44.61 -1.47 5.01
P A1H8M W . 44.31 -0.47 6.09
C24 A1H8M W . 42.48 -3.74 14.40
C25 A1H8M W . 41.92 -5.18 14.76
C26 A1H8M W . 40.52 -5.20 15.46
C27 A1H8M W . 40.13 -6.42 16.36
C28 A1H8M W . 38.57 -6.56 16.50
C29 A1H8M W . 38.12 -8.05 16.39
C30 A1H8M W . 36.60 -8.18 16.09
C31 A1H8M W . 36.33 -8.82 14.69
C23 A1H8M X . 35.10 -15.17 -1.41
C23 A1H8M X . 34.63 -14.60 -0.46
C22 A1H8M X . 34.61 -13.73 -1.09
C22 A1H8M X . 34.72 -13.09 -0.80
C21 A1H8M X . 33.84 -12.91 -2.17
C21 A1H8M X . 34.11 -12.80 -2.19
C7 A1H8M X . 31.89 -12.87 -3.89
C7 A1H8M X . 32.02 -12.75 -3.69
C5 A1H8M X . 38.78 -9.18 -4.01
C5 A1H8M X . 38.98 -9.56 -3.94
C01 A1H8M X . 32.42 -13.49 -5.17
C01 A1H8M X . 32.64 -13.65 -4.75
C02 A1H8M X . 32.45 -15.03 -4.95
C02 A1H8M X . 32.22 -15.11 -4.48
C03 A1H8M X . 32.30 -16.15 -4.18
C03 A1H8M X . 32.39 -16.41 -4.13
C04 A1H8M X . 32.31 -17.68 -3.88
C04 A1H8M X . 31.86 -17.88 -3.88
C05 A1H8M X . 33.70 -18.11 -3.32
C05 A1H8M X . 32.78 -18.61 -2.84
C6 A1H8M X . 32.04 -11.33 -3.97
C6 A1H8M X . 32.16 -11.26 -4.05
C1 A1H8M X . 35.70 -9.67 -4.03
C1 A1H8M X . 36.29 -10.09 -4.64
C2 A1H8M X . 36.54 -8.60 -3.29
C2 A1H8M X . 36.65 -8.94 -3.67
C3 A1H8M X . 37.66 -10.50 -2.34
C3 A1H8M X . 37.69 -10.42 -2.08
C4 A1H8M X . 38.41 -8.28 -1.81
C4 A1H8M X . 38.33 -8.11 -2.14
N21 A1H8M X . 32.65 -13.50 -2.82
N21 A1H8M X . 32.66 -12.99 -2.39
N2 A1H8M X . 37.85 -9.15 -2.87
N2 A1H8M X . 37.92 -9.26 -2.96
O01 A1H8M X . 31.59 -13.19 -6.25
O01 A1H8M X . 32.18 -13.29 -6.00
O21 A1H8M X . 34.27 -11.87 -2.50
O21 A1H8M X . 34.82 -12.45 -3.07
O2 A1H8M X . 33.06 -10.97 -4.87
O2 A1H8M X . 33.23 -11.05 -4.95
O1 A1H8M X . 32.84 -8.98 -6.52
O1 A1H8M X . 32.95 -8.78 -6.19
O3 A1H8M X . 34.90 -8.99 -4.97
O3 A1H8M X . 35.38 -9.58 -5.60
O4 A1H8M X . 32.48 -8.54 -4.15
O4 A1H8M X . 33.70 -8.76 -3.86
P A1H8M X . 33.30 -9.35 -5.13
P A1H8M X . 33.78 -9.51 -5.16
C06 A1H8M X . 33.77 -19.65 -3.06
C06 A1H8M X . 32.65 -20.17 -2.93
C07 A1H8M X . 32.46 -20.20 -2.36
C07 A1H8M X . 32.14 -20.80 -1.58
C08 A1H8M X . 32.22 -21.71 -2.67
C08 A1H8M X . 30.68 -21.35 -1.70
C09 A1H8M X . 30.93 -22.26 -1.93
C09 A1H8M X . 30.63 -22.92 -1.87
C24 A1H8M X . 35.97 -15.63 -0.22
C24 A1H8M X . 33.19 -15.01 0.04
C25 A1H8M X . 36.55 -17.05 -0.41
C25 A1H8M X . 33.00 -15.06 1.58
C26 A1H8M X . 35.44 -18.11 -0.55
C26 A1H8M X . 31.68 -15.75 2.09
C27 A1H8M X . 36.04 -19.53 -0.81
C27 A1H8M X . 31.88 -16.76 3.27
C28 A1H8M X . 35.64 -20.55 0.27
C28 A1H8M X . 30.58 -17.19 4.05
C29 A1H8M X . 34.72 -21.67 -0.32
C29 A1H8M X . 30.77 -18.50 4.91
C30 A1H8M X . 33.46 -21.92 0.56
C30 A1H8M X . 29.69 -18.80 6.02
C31 A1H8M X . 33.03 -23.42 0.54
C31 A1H8M X . 30.01 -20.08 6.84
C23 A1H8M Y . 46.63 -10.46 3.28
C22 A1H8M Y . 45.82 -9.16 3.06
C21 A1H8M Y . 45.06 -9.17 1.71
C7 A1H8M Y . 43.02 -8.65 0.32
C5 A1H8M Y . 50.05 -3.82 -1.01
C01 A1H8M Y . 42.89 -10.09 -0.19
C02 A1H8M Y . 41.54 -10.79 0.16
C03 A1H8M Y . 40.78 -11.91 0.40
C04 A1H8M Y . 40.59 -13.46 0.60
C05 A1H8M Y . 40.18 -13.80 2.08
C6 A1H8M Y . 43.89 -7.88 -0.69
C1 A1H8M Y . 47.45 -6.51 -0.60
C2 A1H8M Y . 48.66 -5.61 -0.21
C3 A1H8M Y . 48.01 -4.34 -2.17
C4 A1H8M Y . 49.82 -5.86 -2.28
N21 A1H8M Y . 43.70 -8.62 1.61
N2 A1H8M Y . 49.13 -4.90 -1.40
O01 A1H8M Y . 43.01 -10.05 -1.57
O21 A1H8M Y . 45.59 -9.65 0.77
O2 A1H8M Y . 43.81 -6.47 -0.53
O1 A1H8M Y . 45.34 -6.26 -2.57
O3 A1H8M Y . 46.31 -5.79 -0.20
O4 A1H8M Y . 44.67 -4.18 -1.40
P A1H8M Y . 45.04 -5.63 -1.25
C06 A1H8M Y . 40.92 -15.05 2.68
C07 A1H8M Y . 39.98 -16.18 3.24
C08 A1H8M Y . 40.36 -16.70 4.67
C09 A1H8M Y . 39.62 -18.04 5.05
C10 A1H8M Y . 39.04 -18.11 6.50
C24 A1H8M Y . 45.77 -11.73 3.00
C25 A1H8M Y . 46.29 -12.98 3.74
C26 A1H8M Y . 45.50 -14.27 3.33
C27 A1H8M Y . 44.99 -15.08 4.56
C28 A1H8M Y . 44.45 -16.48 4.16
C29 A1H8M Y . 44.55 -17.48 5.34
C30 A1H8M Y . 43.57 -18.69 5.21
C31 A1H8M Y . 43.39 -19.44 6.56
C23 A1H8M Z . 20.41 -21.60 2.01
C22 A1H8M Z . 19.81 -20.15 1.94
C21 A1H8M Z . 20.69 -18.99 1.34
C7 A1H8M Z . 21.69 -17.81 -0.79
C5 A1H8M Z . 17.63 -11.57 -1.05
C01 A1H8M Z . 23.17 -18.03 -0.61
C02 A1H8M Z . 23.33 -19.56 -0.70
C03 A1H8M Z . 23.94 -20.77 -0.79
C04 A1H8M Z . 25.15 -21.75 -0.91
C05 A1H8M Z . 25.89 -21.36 -2.23
C6 A1H8M Z . 21.33 -16.43 -0.23
C1 A1H8M Z . 19.85 -12.52 -0.76
C2 A1H8M Z . 19.45 -12.56 -2.26
C3 A1H8M Z . 17.18 -12.85 -3.03
C4 A1H8M Z . 18.23 -10.72 -3.23
N21 A1H8M Z . 20.90 -18.86 -0.12
N2 A1H8M Z . 18.12 -11.92 -2.40
O01 A1H8M Z . 23.86 -17.30 -1.59
O21 A1H8M Z . 21.18 -18.21 2.08
O2 A1H8M Z . 19.94 -16.39 -0.30
O1 A1H8M Z . 18.92 -14.82 1.51
O3 A1H8M Z . 20.33 -13.80 -0.42
O4 A1H8M Z . 17.92 -14.80 -0.73
P A1H8M Z . 19.22 -14.93 0.04
C24 A1H8M Z . 19.38 -22.62 2.60
C25 A1H8M Z . 19.82 -24.13 2.70
C23 A1H8M AA . 27.88 -5.20 13.59
C22 A1H8M AA . 28.54 -3.80 13.76
C21 A1H8M AA . 28.54 -2.98 12.44
C7 A1H8M AA . 26.95 -2.00 10.57
C5 A1H8M AA . 31.60 1.31 11.97
C01 A1H8M AA . 26.70 -3.03 9.47
C02 A1H8M AA . 26.85 -4.45 10.01
C03 A1H8M AA . 26.40 -5.64 10.48
C04 A1H8M AA . 25.32 -6.67 10.93
C05 A1H8M AA . 26.05 -7.78 11.75
C6 A1H8M AA . 28.09 -1.03 10.20
C1 A1H8M AA . 29.56 1.70 10.36
C2 A1H8M AA . 30.59 2.84 10.48
C3 A1H8M AA . 30.32 3.08 12.84
C4 A1H8M AA . 32.45 3.52 11.83
N21 A1H8M AA . 27.23 -2.74 11.80
N2 A1H8M AA . 31.25 2.71 11.77
O01 A1H8M AA . 25.39 -2.95 9.03
O21 A1H8M AA . 29.55 -2.60 11.97
O2 A1H8M AA . 27.60 -0.13 9.23
O1 A1H8M AA . 26.79 2.12 8.36
O3 A1H8M AA . 28.25 2.20 10.47
O4 A1H8M AA . 25.79 1.38 10.27
P A1H8M AA . 27.10 1.41 9.62
C06 A1H8M AA . 26.80 -8.83 10.87
C07 A1H8M AA . 27.70 -9.79 11.74
C08 A1H8M AA . 29.07 -10.08 11.06
C09 A1H8M AA . 29.36 -11.63 10.92
C10 A1H8M AA . 29.74 -12.29 12.29
C11 A1H8M AA . 29.00 -13.64 12.52
C12 A1H8M AA . 29.53 -14.38 13.80
C13 A1H8M AA . 30.13 -15.77 13.48
C24 A1H8M AA . 28.41 -6.23 14.61
C25 A1H8M AA . 27.31 -7.22 15.11
C26 A1H8M AA . 27.41 -7.52 16.65
C27 A1H8M AA . 27.98 -8.93 17.00
C28 A1H8M AA . 26.94 -9.93 17.61
C29 A1H8M AA . 27.31 -10.35 19.08
C30 A1H8M AA . 27.51 -11.88 19.32
C23 A1H8M BA . 25.47 -0.12 26.78
C23 A1H8M BA . 28.58 -1.59 26.02
C22 A1H8M BA . 25.29 1.32 26.25
C22 A1H8M BA . 28.75 -0.80 24.69
C21 A1H8M BA . 26.57 2.18 26.34
C21 A1H8M BA . 29.54 0.50 24.93
C7 A1H8M BA . 29.15 2.38 25.93
C7 A1H8M BA . 29.70 2.78 25.99
C5 A1H8M BA . 29.59 9.51 28.06
C5 A1H8M BA . 29.50 9.51 28.05
C01 A1H8M BA . 29.43 2.90 27.34
C01 A1H8M BA . 29.28 3.43 27.31
C02 A1H8M BA . 30.48 2.04 28.07
C02 A1H8M BA . 29.07 2.38 28.42
C03 A1H8M BA . 31.65 1.94 28.76
C03 A1H8M BA . 28.99 1.95 29.72
C04 A1H8M BA . 32.83 1.23 29.53
C04 A1H8M BA . 28.75 0.84 30.80
C05 A1H8M BA . 32.29 -0.02 30.28
C05 A1H8M BA . 28.19 -0.47 30.12
C6 A1H8M BA . 29.08 3.52 24.89
C6 A1H8M BA . 29.39 3.72 24.81
C1 A1H8M BA . 27.19 7.81 25.95
C1 A1H8M BA . 27.15 7.83 25.96
C2 A1H8M BA . 28.27 7.80 27.06
C2 A1H8M BA . 28.31 7.74 26.97
C3 A1H8M BA . 28.85 9.77 25.78
C3 A1H8M BA . 28.83 9.78 25.75
C4 A1H8M BA . 30.54 8.19 26.35
C4 A1H8M BA . 30.58 8.27 26.36
N21 A1H8M BA . 27.88 1.63 25.89
N21 A1H8M BA . 28.96 1.55 25.77
N2 A1H8M BA . 29.30 8.83 26.81
N2 A1H8M BA . 29.29 8.83 26.77
O01 A1H8M BA . 29.99 4.17 27.33
O01 A1H8M BA . 30.28 4.32 27.69
O21 A1H8M BA . 26.47 3.28 26.76
O21 A1H8M BA . 30.60 0.67 24.43
O2 A1H8M BA . 28.46 4.67 25.43
O2 A1H8M BA . 28.87 4.95 25.30
O1 A1H8M BA . 27.62 5.23 23.08
O1 A1H8M BA . 27.59 5.24 23.11
O3 A1H8M BA . 27.72 7.20 24.80
O3 A1H8M BA . 27.55 7.24 24.74
O4 A1H8M BA . 26.02 5.27 24.90
O4 A1H8M BA . 26.28 5.03 25.17
P A1H8M BA . 27.42 5.59 24.52
P A1H8M BA . 27.53 5.60 24.56
C06 A1H8M BA . 32.52 0.05 31.83
C06 A1H8M BA . 27.01 -1.09 30.94
C07 A1H8M BA . 31.91 -1.19 32.56
C07 A1H8M BA . 27.05 -2.67 31.03
C08 A1H8M BA . 32.64 -1.52 33.90
C08 A1H8M BA . 26.28 -3.25 32.27
C09 A1H8M BA . 32.44 -3.02 34.33
C09 A1H8M BA . 26.01 -4.80 32.17
C24 A1H8M BA . 24.13 -0.76 27.26
C24 A1H8M BA . 29.39 -2.92 26.00
C25 A1H8M BA . 23.83 -2.11 26.57
C25 A1H8M BA . 28.47 -4.15 25.79
C26 A1H8M BA . 22.68 -2.91 27.26
C26 A1H8M BA . 27.15 -3.78 25.07
C27 A1H8M BA . 22.51 -4.34 26.65
C27 A1H8M BA . 26.03 -4.85 25.24
C23 A1H8M CA . 23.88 6.62 36.81
C22 A1H8M CA . 25.23 7.39 37.00
C21 A1H8M CA . 25.46 8.74 36.21
C7 A1H8M CA . 27.31 8.06 34.45
C5 A1H8M CA . 28.14 15.99 30.85
C01 A1H8M CA . 28.06 7.13 35.38
C02 A1H8M CA . 28.83 6.16 34.48
C03 A1H8M CA . 28.99 5.00 33.79
C04 A1H8M CA . 28.51 3.59 33.30
C6 A1H8M CA . 28.34 9.02 33.86
C1 A1H8M CA . 27.76 13.91 32.63
C2 A1H8M CA . 28.28 15.28 33.10
C3 A1H8M CA . 30.11 14.90 31.64
C4 A1H8M CA . 29.60 17.13 32.35
N21 A1H8M CA . 26.40 8.95 35.11
N2 A1H8M CA . 29.04 15.83 31.99
O01 A1H8M CA . 28.96 7.87 36.12
O21 A1H8M CA . 24.91 9.75 36.44
O2 A1H8M CA . 27.88 10.35 34.02
O1 A1H8M CA . 27.14 11.35 31.76
O3 A1H8M CA . 28.53 12.90 33.25
O4 A1H8M CA . 29.49 10.77 32.11
P A1H8M CA . 28.26 11.35 32.76
C24 A1H8M CA . 23.32 5.82 38.06
C25 A1H8M CA . 23.25 4.25 38.00
C26 A1H8M CA . 21.84 3.64 37.65
C27 A1H8M CA . 21.50 2.19 38.11
C28 A1H8M CA . 20.36 1.56 37.23
C29 A1H8M CA . 20.67 0.08 36.88
C30 A1H8M CA . 19.81 -0.42 35.68
C31 A1H8M CA . 20.68 -0.77 34.43
C23 A1H8M DA . 31.67 -3.24 21.23
C23 A1H8M DA . 30.56 -3.07 21.67
C22 A1H8M DA . 30.58 -2.14 21.15
C22 A1H8M DA . 30.24 -1.57 21.46
C21 A1H8M DA . 30.36 -1.35 19.83
C21 A1H8M DA . 30.52 -1.16 19.99
C7 A1H8M DA . 29.96 -1.48 17.26
C7 A1H8M DA . 29.89 -1.39 17.50
C5 A1H8M DA . 33.55 4.01 21.50
C5 A1H8M DA . 33.80 3.70 21.68
C01 A1H8M DA . 31.33 -1.61 16.60
C01 A1H8M DA . 31.30 -1.78 17.08
C02 A1H8M DA . 31.80 -3.07 16.81
C02 A1H8M DA . 31.39 -3.32 17.03
C03 A1H8M DA . 31.66 -4.33 17.32
C03 A1H8M DA . 31.80 -4.57 17.41
C04 A1H8M DA . 32.08 -5.82 17.57
C04 A1H8M DA . 31.83 -6.13 17.29
C05 A1H8M DA . 32.91 -5.93 18.89
C05 A1H8M DA . 32.16 -6.78 18.68
C6 A1H8M DA . 29.52 0.00 17.28
C6 A1H8M DA . 29.64 0.12 17.30
C1 A1H8M DA . 31.55 2.64 19.54
C1 A1H8M DA . 32.49 2.57 19.44
C2 A1H8M DA . 31.31 3.71 20.64
C2 A1H8M DA . 31.75 3.52 20.42
C3 A1H8M DA . 32.27 2.06 22.10
C3 A1H8M DA . 32.11 2.09 22.32
C4 A1H8M DA . 31.66 4.21 22.96
C4 A1H8M DA . 31.73 4.42 22.65
N21 A1H8M DA . 30.12 -2.09 18.58
N21 A1H8M DA . 29.68 -1.72 18.91
N2 A1H8M DA . 32.20 3.50 21.80
N2 A1H8M DA . 32.35 3.43 21.77
O01 A1H8M DA . 31.25 -1.32 15.24
O01 A1H8M DA . 31.57 -1.29 15.82
O21 A1H8M DA . 30.47 -0.18 19.84
O21 A1H8M DA . 31.41 -0.42 19.75
O2 A1H8M DA . 30.65 0.85 17.23
O2 A1H8M DA . 30.85 0.84 17.27
O1 A1H8M DA . 30.71 3.01 15.80
O1 A1H8M DA . 30.52 3.15 16.11
O3 A1H8M DA . 31.28 3.26 18.30
O3 A1H8M DA . 32.20 2.99 18.12
O4 A1H8M DA . 28.88 2.75 17.40
O4 A1H8M DA . 29.68 2.85 18.40
P A1H8M DA . 30.35 2.48 17.18
P A1H8M DA . 30.78 2.48 17.45
C06 A1H8M DA . 33.38 -7.40 19.15
C06 A1H8M DA . 32.71 -8.25 18.54
C07 A1H8M DA . 32.25 -8.45 18.86
C07 A1H8M DA . 31.79 -9.30 19.27
C08 A1H8M DA . 32.82 -9.86 18.48
C08 A1H8M DA . 31.02 -10.21 18.25
C09 A1H8M DA . 31.68 -10.91 18.25
C09 A1H8M DA . 31.69 -11.62 18.12
C24 A1H8M DA . 31.75 -3.69 22.71
C24 A1H8M DA . 29.40 -4.00 21.14
C25 A1H8M DA . 32.84 -4.78 22.94
C25 A1H8M DA . 28.36 -4.46 22.22
C26 A1H8M DA . 32.52 -6.06 22.13
C26 A1H8M DA . 27.38 -5.62 21.78
C27 A1H8M DA . 33.64 -7.13 22.32
C27 A1H8M DA . 27.22 -6.77 22.83
C28 A1H8M DA . 33.10 -8.45 22.92
C28 A1H8M DA . 26.00 -7.74 22.61
C29 A1H8M DA . 33.22 -9.63 21.89
C29 A1H8M DA . 26.12 -9.10 23.40
C30 A1H8M DA . 31.90 -10.44 21.77
C30 A1H8M DA . 24.82 -9.96 23.59
C31 A1H8M DA . 32.18 -11.95 21.49
C31 A1H8M DA . 25.05 -11.24 24.43
C23 A1H8M EA . 35.37 3.45 32.12
C22 A1H8M EA . 34.42 4.47 31.43
C21 A1H8M EA . 34.68 4.55 29.91
C7 A1H8M EA . 33.84 4.74 27.53
C5 A1H8M EA . 37.80 11.62 30.91
C01 A1H8M EA . 34.59 3.49 27.07
C02 A1H8M EA . 33.68 2.36 26.49
C03 A1H8M EA . 33.43 1.05 26.21
C04 A1H8M EA . 33.77 -0.49 26.24
C05 A1H8M EA . 32.73 -1.28 27.13
C6 A1H8M EA . 34.75 5.95 27.29
C1 A1H8M EA . 36.73 8.27 29.61
C2 A1H8M EA . 37.03 9.36 30.67
C3 A1H8M EA . 37.23 10.80 28.74
C4 A1H8M EA . 39.17 9.96 29.80
N21 A1H8M EA . 33.56 4.67 28.96
N2 A1H8M EA . 37.80 10.44 30.04
O01 A1H8M EA . 35.48 3.89 26.07
O21 A1H8M EA . 35.79 4.49 29.52
O2 A1H8M EA . 34.06 7.19 27.36
O1 A1H8M EA . 36.29 8.34 26.75
O3 A1H8M EA . 35.42 8.49 29.18
O4 A1H8M EA . 34.32 9.78 27.21
P A1H8M EA . 35.05 8.51 27.57
C06 A1H8M EA . 33.38 -2.35 28.08
C07 A1H8M EA . 32.80 -3.80 27.93
C08 A1H8M EA . 32.45 -4.51 29.28
C09 A1H8M EA . 32.19 -6.06 29.12
C10 A1H8M EA . 30.94 -6.64 29.88
C24 A1H8M EA . 35.40 2.09 31.36
C25 A1H8M EA . 35.81 0.91 32.28
C26 A1H8M EA . 35.97 -0.42 31.48
C27 A1H8M EA . 35.19 -1.61 32.11
C28 A1H8M EA . 35.57 -2.97 31.46
C29 A1H8M EA . 35.33 -4.15 32.46
C30 A1H8M EA . 35.17 -5.52 31.75
C31 A1H8M EA . 34.52 -6.59 32.69
C23 A1H8M FA . 21.60 -14.37 14.63
C22 A1H8M FA . 20.67 -13.19 14.18
C21 A1H8M FA . 21.21 -11.72 14.28
C7 A1H8M FA . 22.72 -9.83 13.25
C5 A1H8M FA . 17.61 -5.20 10.43
C01 A1H8M FA . 23.76 -9.63 14.32
C02 A1H8M FA . 24.51 -10.97 14.37
C03 A1H8M FA . 25.45 -11.90 14.69
C04 A1H8M FA . 26.76 -12.41 15.38
C05 A1H8M FA . 27.92 -11.52 14.81
C6 A1H8M FA . 21.61 -8.79 13.45
C1 A1H8M FA . 19.39 -5.49 12.06
C2 A1H8M FA . 19.99 -5.29 10.65
C3 A1H8M FA . 18.93 -6.07 8.61
C4 A1H8M FA . 19.00 -3.72 9.11
N21 A1H8M FA . 22.16 -11.19 13.28
N2 A1H8M FA . 18.88 -5.07 9.69
O01 A1H8M FA . 24.56 -8.52 13.99
O21 A1H8M FA . 20.82 -11.02 15.15
O2 A1H8M FA . 20.64 -9.15 12.51
O1 A1H8M FA . 18.25 -8.42 13.26
O3 A1H8M FA . 20.01 -6.61 12.64
O4 A1H8M FA . 18.85 -8.18 10.89
P A1H8M FA . 19.38 -8.09 12.30
C24 A1H8M FA . 20.90 -15.76 14.44
C25 A1H8M FA . 21.74 -17.05 14.81
C23 A1H8M GA . 13.91 0.32 28.20
C22 A1H8M GA . 13.74 1.77 28.74
C21 A1H8M GA . 14.21 2.84 27.71
C7 A1H8M GA . 13.81 3.71 25.26
C5 A1H8M GA . 15.05 7.83 29.26
C01 A1H8M GA . 14.67 2.94 24.25
C02 A1H8M GA . 15.00 1.54 24.78
C03 A1H8M GA . 14.84 0.19 24.87
C04 A1H8M GA . 14.20 -1.19 24.54
C05 A1H8M GA . 14.66 -2.19 25.65
C6 A1H8M GA . 14.48 5.03 25.69
C1 A1H8M GA . 14.39 7.96 26.71
C2 A1H8M GA . 14.61 9.29 27.45
C3 A1H8M GA . 12.96 8.88 29.10
C4 A1H8M GA . 14.90 10.16 29.67
N21 A1H8M GA . 13.56 2.82 26.40
N2 A1H8M GA . 14.38 9.06 28.86
O01 A1H8M GA . 13.96 2.73 23.08
O21 A1H8M GA . 15.07 3.60 27.99
O2 A1H8M GA . 14.35 5.95 24.63
O1 A1H8M GA . 13.42 7.98 23.40
O3 A1H8M GA . 13.20 8.00 25.97
O4 A1H8M GA . 11.87 6.56 24.26
P A1H8M GA . 13.18 7.12 24.58
C06 A1H8M GA . 16.12 -2.72 25.45
C07 A1H8M GA . 16.61 -3.55 26.69
C08 A1H8M GA . 18.11 -3.25 27.04
C09 A1H8M GA . 18.98 -4.56 27.12
C10 A1H8M GA . 18.70 -5.39 28.42
C11 A1H8M GA . 18.54 -6.91 28.15
C12 A1H8M GA . 18.44 -7.74 29.48
C13 A1H8M GA . 19.59 -8.78 29.62
C24 A1H8M GA . 14.08 -0.73 29.33
C25 A1H8M GA . 13.37 -2.08 29.04
C26 A1H8M GA . 12.65 -2.69 30.30
C27 A1H8M GA . 13.39 -3.91 30.94
C28 A1H8M GA . 12.67 -5.28 30.76
C29 A1H8M GA . 12.23 -5.91 32.13
C30 A1H8M GA . 12.81 -7.32 32.46
C23 A1H8M HA . 2.51 1.19 36.86
C23 A1H8M HA . 5.74 0.95 38.25
C22 A1H8M HA . 2.14 2.60 36.31
C22 A1H8M HA . 6.34 2.04 37.32
C21 A1H8M HA . 2.69 3.76 37.19
C21 A1H8M HA . 6.27 3.43 37.99
C7 A1H8M HA . 4.69 4.81 38.50
C7 A1H8M HA . 4.90 5.33 38.90
C5 A1H8M HA . 1.05 11.04 40.38
C5 A1H8M HA . 0.99 11.01 40.31
C01 A1H8M HA . 3.85 5.05 39.77
C01 A1H8M HA . 3.57 5.50 39.64
C02 A1H8M HA . 4.52 4.39 41.01
C02 A1H8M HA . 3.17 4.20 40.39
C03 A1H8M HA . 4.98 4.48 42.29
C03 A1H8M HA . 2.51 3.47 41.34
C04 A1H8M HA . 5.64 3.99 43.63
C04 A1H8M HA . 2.14 2.13 42.04
C05 A1H8M HA . 5.29 2.50 43.87
C05 A1H8M HA . 2.62 0.91 41.16
C6 A1H8M HA . 4.82 6.09 37.65
C6 A1H8M HA . 5.00 6.39 37.78
C1 A1H8M HA . 1.22 9.24 37.24
C1 A1H8M HA . 1.17 9.25 37.22
C2 A1H8M HA . 1.34 9.30 38.78
C2 A1H8M HA . 1.45 9.27 38.74
C3 A1H8M HA . 1.75 11.60 38.15
C3 A1H8M HA . 1.76 11.60 38.10
C4 A1H8M HA . 3.23 10.50 39.66
C4 A1H8M HA . 3.23 10.59 39.70
N21 A1H8M HA . 4.09 3.75 37.68
N21 A1H8M HA . 4.96 4.02 38.27
N2 A1H8M HA . 1.84 10.61 39.23
N2 A1H8M HA . 1.85 10.62 39.20
O01 A1H8M HA . 3.78 6.39 40.11
O01 A1H8M HA . 3.73 6.53 40.57
O21 A1H8M HA . 1.94 4.65 37.45
O21 A1H8M HA . 7.26 4.01 38.27
O2 A1H8M HA . 3.62 6.85 37.67
O2 A1H8M HA . 3.88 7.25 37.83
O1 A1H8M HA . 4.18 7.66 35.31
O1 A1H8M HA . 4.14 7.65 35.31
O3 A1H8M HA . 2.51 9.10 36.68
O3 A1H8M HA . 2.40 9.11 36.54
O4 A1H8M HA . 1.95 6.79 35.71
O4 A1H8M HA . 2.09 6.58 36.07
P A1H8M HA . 3.07 7.59 36.30
P A1H8M HA . 3.12 7.62 36.40
C06 A1H8M HA . 4.52 2.27 45.23
C06 A1H8M HA . 1.53 -0.21 41.06
C07 A1H8M HA . 4.11 0.77 45.41
C07 A1H8M HA . 2.10 -1.68 41.16
C08 A1H8M HA . 3.98 0.38 46.91
C08 A1H8M HA . 1.05 -2.74 41.63
C09 A1H8M HA . 4.16 -1.17 47.13
C09 A1H8M HA . 1.49 -4.23 41.41
C24 A1H8M HA . 1.51 0.10 36.39
C24 A1H8M HA . 6.83 -0.04 38.75
C25 A1H8M HA . 2.22 -1.08 35.67
C25 A1H8M HA . 6.77 -1.40 38.01
C26 A1H8M HA . 1.29 -2.32 35.49
C26 A1H8M HA . 6.10 -1.29 36.61
C27 A1H8M HA . 2.07 -3.56 34.92
C27 A1H8M HA . 5.60 -2.65 36.05
C23 A1H8M IA . -7.08 4.61 43.57
C22 A1H8M IA . -6.50 5.68 44.56
C21 A1H8M IA . -6.39 7.18 44.07
C7 A1H8M IA . -3.78 7.51 43.90
C5 A1H8M IA . -4.09 15.95 41.58
C01 A1H8M IA . -3.45 6.66 45.10
C02 A1H8M IA . -2.00 6.20 44.89
C03 A1H8M IA . -1.05 5.34 44.47
C04 A1H8M IA . -0.55 4.01 43.79
C6 A1H8M IA . -3.07 8.85 44.08
C1 A1H8M IA . -4.62 13.49 42.73
C2 A1H8M IA . -5.04 14.80 43.40
C3 A1H8M IA . -2.72 15.35 43.44
C4 A1H8M IA . -4.35 17.08 43.64
N21 A1H8M IA . -5.16 7.91 43.83
N2 A1H8M IA . -4.05 15.80 43.03
O01 A1H8M IA . -3.51 7.45 46.23
O21 A1H8M IA . -7.32 7.90 43.91
O2 A1H8M IA . -3.99 9.91 43.90
O1 A1H8M IA . -3.57 11.14 41.68
O3 A1H8M IA . -4.05 12.64 43.70
O4 A1H8M IA . -1.88 11.22 43.45
P A1H8M IA . -3.36 11.24 43.17
C24 A1H8M IA . -7.91 3.41 44.18
C25 A1H8M IA . -7.33 1.95 44.10
C26 A1H8M IA . -7.90 1.05 42.94
C27 A1H8M IA . -7.86 -0.50 43.10
C28 A1H8M IA . -7.92 -1.22 41.70
C29 A1H8M IA . -6.92 -2.42 41.63
C30 A1H8M IA . -6.65 -2.85 40.17
C31 A1H8M IA . -5.17 -2.63 39.74
C23 A1H8M JA . 11.38 1.47 36.50
C23 A1H8M JA . 10.27 1.18 36.14
C22 A1H8M JA . 10.23 2.18 35.75
C22 A1H8M JA . 9.60 2.53 35.76
C21 A1H8M JA . 10.55 3.15 34.57
C21 A1H8M JA . 10.51 3.34 34.80
C7 A1H8M JA . 11.83 3.51 32.33
C7 A1H8M JA . 11.60 3.52 32.47
C5 A1H8M JA . 9.82 8.67 37.85
C5 A1H8M JA . 10.00 8.41 38.15
C01 A1H8M JA . 13.23 3.96 32.69
C01 A1H8M JA . 13.01 3.68 33.05
C02 A1H8M JA . 14.01 2.70 33.16
C02 A1H8M JA . 13.68 2.29 33.07
C03 A1H8M JA . 14.09 1.37 33.48
C03 A1H8M JA . 14.21 1.17 33.65
C04 A1H8M JA . 14.80 0.06 33.95
C04 A1H8M JA . 14.92 -0.24 33.58
C05 A1H8M JA . 14.67 -0.10 35.50
C05 A1H8M JA . 14.57 -1.07 34.86
C6 A1H8M JA . 10.94 4.75 32.06
C6 A1H8M JA . 10.96 4.89 32.14
C1 A1H8M JA . 10.06 7.27 35.08
C1 A1H8M JA . 10.82 7.51 35.59
C2 A1H8M JA . 8.84 7.92 35.77
C2 A1H8M JA . 9.36 7.94 35.87
C3 A1H8M JA . 9.29 6.35 37.52
C3 A1H8M JA . 9.04 6.27 37.58
C4 A1H8M JA . 7.52 7.95 37.78
C4 A1H8M JA . 7.69 8.24 37.59
N21 A1H8M JA . 11.40 2.69 33.46
N21 A1H8M JA . 10.75 2.82 33.43
N2 A1H8M JA . 8.88 7.72 37.23
N2 A1H8M JA . 9.02 7.72 37.30
O01 A1H8M JA . 13.87 4.52 31.59
O01 A1H8M JA . 13.76 4.51 32.23
O21 A1H8M JA . 10.19 4.27 34.65
O21 A1H8M JA . 11.00 4.34 35.17
O2 A1H8M JA . 11.46 5.89 32.73
O2 A1H8M JA . 11.57 5.93 32.89
O1 A1H8M JA . 11.52 8.24 31.64
O1 A1H8M JA . 11.14 8.24 31.77
O3 A1H8M JA . 10.37 8.05 33.94
O3 A1H8M JA . 11.23 8.12 34.39
O4 A1H8M JA . 9.37 7.08 31.73
O4 A1H8M JA . 9.32 7.17 33.01
P A1H8M JA . 10.66 7.32 32.48
P A1H8M JA . 10.80 7.38 32.97
C06 A1H8M JA . 15.41 -1.38 36.01
C06 A1H8M JA . 15.60 -2.23 35.11
C07 A1H8M JA . 15.18 -2.63 35.08
C07 A1H8M JA . 14.92 -3.64 35.11
C08 A1H8M JA . 16.33 -3.67 35.16
C08 A1H8M JA . 15.31 -4.48 33.85
C09 A1H8M JA . 16.06 -4.93 34.26
C09 A1H8M JA . 16.42 -5.56 34.16
C24 A1H8M JA . 10.75 0.73 37.71
C24 A1H8M JA . 10.10 0.11 35.00
C25 A1H8M JA . 11.79 -0.02 38.57
C25 A1H8M JA . 8.91 -0.88 35.18
C26 A1H8M JA . 12.53 -1.11 37.76
C26 A1H8M JA . 8.90 -2.14 34.24
C27 A1H8M JA . 13.63 -1.80 38.63
C27 A1H8M JA . 8.60 -3.51 34.95
C28 A1H8M JA . 13.39 -3.33 38.75
C28 A1H8M JA . 8.22 -4.72 34.02
C29 A1H8M JA . 14.53 -4.14 38.04
C29 A1H8M JA . 8.36 -6.12 34.72
C30 A1H8M JA . 13.96 -5.26 37.12
C30 A1H8M JA . 7.65 -7.35 34.04
C31 A1H8M JA . 14.89 -6.51 37.09
C31 A1H8M JA . 7.80 -8.66 34.86
C23 A1H8M KA . 5.08 6.20 47.22
C22 A1H8M KA . 4.43 7.02 46.09
C21 A1H8M KA . 5.49 7.53 45.07
C7 A1H8M KA . 6.20 8.02 42.70
C5 A1H8M KA . 4.44 14.77 47.78
C01 A1H8M KA . 7.49 7.19 42.82
C02 A1H8M KA . 7.61 6.02 41.81
C03 A1H8M KA . 8.09 4.79 41.44
C04 A1H8M KA . 8.90 3.46 41.69
C05 A1H8M KA . 7.93 2.21 41.73
C6 A1H8M KA . 6.54 9.47 43.08
C1 A1H8M KA . 5.72 11.65 46.11
C2 A1H8M KA . 4.88 12.51 47.11
C3 A1H8M KA . 5.62 14.36 45.73
C4 A1H8M KA . 6.70 13.91 47.79
N21 A1H8M KA . 5.19 7.53 43.62
N2 A1H8M KA . 5.40 13.88 47.10
O01 A1H8M KA . 8.56 8.06 42.61
O21 A1H8M KA . 6.53 7.90 45.47
O2 A1H8M KA . 5.54 10.40 42.69
O1 A1H8M KA . 7.06 12.26 43.61
O3 A1H8M KA . 4.93 11.57 44.95
O4 A1H8M KA . 4.83 12.90 42.72
P A1H8M KA . 5.62 11.86 43.46
C06 A1H8M KA . 8.24 1.19 42.88
C07 A1H8M KA . 8.48 -0.29 42.41
C08 A1H8M KA . 7.68 -1.37 43.23
C09 A1H8M KA . 8.20 -2.84 42.97
C10 A1H8M KA . 7.07 -3.93 42.76
C24 A1H8M KA . 6.07 5.13 46.67
C25 A1H8M KA . 6.27 3.94 47.65
C26 A1H8M KA . 7.36 2.95 47.14
C27 A1H8M KA . 6.89 1.47 47.14
C28 A1H8M KA . 8.06 0.48 46.90
C29 A1H8M KA . 7.74 -0.92 47.52
C30 A1H8M KA . 8.58 -2.07 46.88
C31 A1H8M KA . 7.96 -3.47 47.21
C23 A1H8M LA . 12.28 -10.29 25.10
C22 A1H8M LA . 11.44 -9.37 24.17
C21 A1H8M LA . 11.21 -7.87 24.56
C7 A1H8M LA . 12.18 -5.43 24.71
C5 A1H8M LA . 8.42 -2.01 19.25
C01 A1H8M LA . 12.22 -5.18 26.20
C02 A1H8M LA . 13.24 -6.21 26.72
C03 A1H8M LA . 14.07 -6.86 27.57
C04 A1H8M LA . 14.80 -7.11 28.93
C05 A1H8M LA . 15.61 -5.81 29.22
C6 A1H8M LA . 10.88 -4.84 24.15
C1 A1H8M LA . 8.85 -2.13 21.65
C2 A1H8M LA . 10.03 -1.44 20.93
C3 A1H8M LA . 10.77 -1.98 18.70
C4 A1H8M LA . 9.64 0.08 19.10
N21 A1H8M LA . 12.28 -6.86 24.39
N2 A1H8M LA . 9.72 -1.33 19.49
O01 A1H8M LA . 12.56 -3.84 26.44
O21 A1H8M LA . 10.15 -7.54 24.99
O2 A1H8M LA . 10.87 -5.24 22.81
O1 A1H8M LA . 8.45 -5.46 21.88
O3 A1H8M LA . 9.38 -3.11 22.50
O4 A1H8M LA . 10.17 -4.50 20.42
P A1H8M LA . 9.68 -4.60 21.85
C24 A1H8M LA . 12.42 -11.74 24.53
C25 A1H8M LA . 13.29 -12.77 25.35
C23 A1H8M MA . -6.75 -2.18 30.63
C22 A1H8M MA . -7.73 -1.01 30.94
C21 A1H8M MA . -7.20 0.36 30.43
C7 A1H8M MA . -6.38 1.62 28.26
C5 A1H8M MA . -9.40 4.87 32.12
C01 A1H8M MA . -4.89 1.40 28.03
C02 A1H8M MA . -4.43 0.08 28.66
C03 A1H8M MA . -4.07 -1.23 28.64
C04 A1H8M MA . -3.82 -2.62 27.99
C05 A1H8M MA . -3.76 -3.67 29.15
C6 A1H8M MA . -6.66 2.94 29.01
C1 A1H8M MA . -8.43 5.39 29.73
C2 A1H8M MA . -9.21 6.51 30.43
C3 A1H8M MA . -11.21 5.25 30.66
C4 A1H8M MA . -10.64 6.88 32.32
N21 A1H8M MA . -6.90 0.46 28.99
N2 A1H8M MA . -10.12 5.90 31.38
O01 A1H8M MA . -4.62 1.27 26.68
O21 A1H8M MA . -7.05 1.26 31.17
O2 A1H8M MA . -6.47 4.00 28.10
O1 A1H8M MA . -7.19 5.90 26.56
O3 A1H8M MA . -8.86 5.24 28.40
O4 A1H8M MA . -8.26 3.91 26.24
P A1H8M MA . -7.73 4.75 27.32
C06 A1H8M MA . -2.41 -3.69 29.92
C07 A1H8M MA . -2.47 -4.59 31.21
C08 A1H8M MA . -1.72 -3.96 32.41
C09 A1H8M MA . -0.64 -4.93 33.04
C10 A1H8M MA . -1.30 -6.08 33.88
C11 A1H8M MA . -0.67 -7.47 33.58
C12 A1H8M MA . -1.20 -8.57 34.56
C13 A1H8M MA . -0.08 -9.23 35.40
C24 A1H8M MA . -6.90 -3.35 31.63
C25 A1H8M MA . -6.72 -4.75 30.96
C26 A1H8M MA . -7.74 -5.83 31.48
C27 A1H8M MA . -7.13 -6.88 32.46
C28 A1H8M MA . -7.02 -8.33 31.87
C29 A1H8M MA . -7.90 -9.36 32.67
C30 A1H8M MA . -7.14 -10.57 33.30
C23 A1H8M NA . -20.32 -6.79 30.12
C23 A1H8M NA . -18.73 -6.39 33.24
C22 A1H8M NA . -20.80 -5.48 29.46
C22 A1H8M NA . -18.17 -4.98 32.89
C21 A1H8M NA . -21.37 -4.44 30.46
C21 A1H8M NA . -19.15 -3.88 33.35
C7 A1H8M NA . -21.11 -3.19 32.74
C7 A1H8M NA . -21.38 -2.73 33.17
C5 A1H8M NA . -27.17 1.05 31.85
C5 A1H8M NA . -27.16 1.02 31.76
C01 A1H8M NA . -22.53 -3.51 33.20
C01 A1H8M NA . -22.83 -3.15 32.91
C02 A1H8M NA . -22.54 -4.21 34.57
C02 A1H8M NA . -23.06 -4.64 33.24
C03 A1H8M NA . -22.99 -4.29 35.86
C03 A1H8M NA . -23.82 -5.74 33.57
C04 A1H8M NA . -23.13 -4.86 37.33
C04 A1H8M NA . -23.98 -7.26 33.88
C05 A1H8M NA . -22.96 -6.40 37.30
C05 A1H8M NA . -22.67 -8.04 33.53
C6 A1H8M NA . -20.99 -1.76 32.15
C6 A1H8M NA . -21.04 -1.46 32.37
C1 A1H8M NA . -24.52 0.18 29.54
C1 A1H8M NA . -24.54 0.17 29.49
C2 A1H8M NA . -25.36 -0.10 30.81
C2 A1H8M NA . -25.25 -0.08 30.84
C3 A1H8M NA . -25.57 2.30 30.55
C3 A1H8M NA . -25.54 2.31 30.53
C4 A1H8M NA . -24.99 1.37 32.68
C4 A1H8M NA . -25.04 1.44 32.70
N21 A1H8M NA . -20.64 -4.15 31.73
N21 A1H8M NA . -20.47 -3.78 32.74
N2 A1H8M NA . -25.77 1.16 31.46
N2 A1H8M NA . -25.74 1.18 31.44
O01 A1H8M NA . -23.29 -2.37 33.40
O01 A1H8M NA . -23.65 -2.37 33.72
O21 A1H8M NA . -22.38 -3.91 30.19
O21 A1H8M NA . -18.83 -3.10 34.20
O2 A1H8M NA . -22.15 -1.43 31.40
O2 A1H8M NA . -22.20 -1.01 31.69
O1 A1H8M NA . -20.67 0.05 29.93
O1 A1H8M NA . -20.69 0.03 29.91
O3 A1H8M NA . -23.22 0.56 29.92
O3 A1H8M NA . -23.21 0.57 29.74
O4 A1H8M NA . -22.16 -1.51 28.83
O4 A1H8M NA . -22.21 -1.75 29.21
P A1H8M NA . -22.02 -0.58 29.99
P A1H8M NA . -22.05 -0.56 30.10
C06 A1H8M NA . -24.21 -7.16 37.86
C06 A1H8M NA . -22.95 -9.38 32.75
C07 A1H8M NA . -24.04 -8.71 37.76
C07 A1H8M NA . -22.05 -10.59 33.22
C08 A1H8M NA . -24.87 -9.47 38.84
C08 A1H8M NA . -22.68 -11.99 32.92
C09 A1H8M NA . -24.28 -10.91 39.13
C09 A1H8M NA . -21.66 -13.18 33.05
C24 A1H8M NA . -20.34 -8.00 29.13
C24 A1H8M NA . -17.87 -7.09 34.33
C25 A1H8M NA . -18.97 -8.71 29.03
C25 A1H8M NA . -16.97 -8.20 33.72
C26 A1H8M NA . -19.05 -10.09 28.31
C26 A1H8M NA . -16.66 -7.96 32.22
C27 A1H8M NA . -17.69 -10.86 28.37
C27 A1H8M NA . -16.18 -9.24 31.48
C23 A1H8M OA . -32.41 -8.07 29.22
C22 A1H8M OA . -32.99 -7.14 30.34
C21 A1H8M OA . -33.20 -5.61 30.02
C7 A1H8M OA . -31.36 -4.48 31.54
C5 A1H8M OA . -33.40 3.78 29.49
C01 A1H8M OA . -31.49 -5.44 32.69
C02 A1H8M OA . -30.16 -5.39 33.45
C03 A1H8M OA . -28.90 -5.80 33.73
C04 A1H8M OA . -27.66 -6.73 33.53
C6 A1H8M OA . -31.45 -3.07 32.12
C1 A1H8M OA . -33.53 1.08 30.06
C2 A1H8M OA . -34.72 2.01 30.31
C3 A1H8M OA . -33.30 3.19 31.79
C4 A1H8M OA . -35.24 4.27 30.91
N21 A1H8M OA . -32.45 -4.50 30.61
N2 A1H8M OA . -34.17 3.32 30.64
O01 A1H8M OA . -32.51 -5.01 33.52
O21 A1H8M OA . -34.03 -5.17 29.31
O2 A1H8M OA . -32.41 -2.32 31.39
O1 A1H8M OA . -31.27 -0.53 29.93
O3 A1H8M OA . -33.37 0.24 31.19
O4 A1H8M OA . -31.13 -0.37 32.37
P A1H8M OA . -32.03 -0.73 31.21
C24 A1H8M OA . -32.91 -9.57 29.18
C25 A1H8M OA . -31.90 -10.73 29.50
C26 A1H8M OA . -31.28 -11.46 28.25
C27 A1H8M OA . -30.75 -12.92 28.39
C28 A1H8M OA . -29.70 -13.27 27.29
C29 A1H8M OA . -28.50 -14.07 27.87
C30 A1H8M OA . -27.27 -14.05 26.91
C31 A1H8M OA . -26.05 -13.29 27.53
C23 A1H8M PA . -13.87 -3.81 35.46
C23 A1H8M PA . -14.35 -4.32 34.47
C22 A1H8M PA . -14.53 -3.33 34.13
C22 A1H8M PA . -15.12 -3.19 33.75
C21 A1H8M PA . -13.97 -2.05 33.43
C21 A1H8M PA . -14.21 -1.95 33.57
C7 A1H8M PA . -11.88 -0.81 32.50
C7 A1H8M PA . -12.13 -0.90 32.46
C5 A1H8M PA . -18.51 2.07 35.45
C5 A1H8M PA . -18.46 1.82 35.80
C01 A1H8M PA . -11.25 -0.06 33.66
C01 A1H8M PA . -11.52 -0.47 33.79
C02 A1H8M PA . -10.50 -1.10 34.53
C02 A1H8M PA . -10.53 -1.57 34.25
C03 A1H8M PA . -10.13 -2.39 34.83
C03 A1H8M PA . -10.05 -2.57 35.04
C04 A1H8M PA . -9.39 -3.49 35.66
C04 A1H8M PA . -8.98 -3.65 35.44
C05 A1H8M PA . -10.34 -4.05 36.76
C05 A1H8M PA . -9.67 -4.82 36.22
C6 A1H8M PA . -12.83 0.13 31.71
C6 A1H8M PA . -12.91 0.25 31.79
C1 A1H8M PA . -16.18 1.49 33.47
C1 A1H8M PA . -16.04 1.82 34.35
C2 A1H8M PA . -17.71 1.57 33.23
C2 A1H8M PA . -17.41 1.71 33.63
C3 A1H8M PA . -17.82 -0.16 34.88
C3 A1H8M PA . -18.01 -0.32 34.78
C4 A1H8M PA . -19.83 0.74 33.96
C4 A1H8M PA . -19.72 1.10 33.90
N21 A1H8M PA . -12.54 -1.97 33.09
N21 A1H8M PA . -13.04 -2.03 32.67
N2 A1H8M PA . -18.47 1.05 34.39
N2 A1H8M PA . -18.40 1.08 34.54
O01 A1H8M PA . -10.36 0.91 33.21
O01 A1H8M PA . -10.82 0.71 33.63
O21 A1H8M PA . -14.71 -1.15 33.23
O21 A1H8M PA . -14.45 -0.95 34.16
O2 A1H8M PA . -13.28 1.18 32.54
O2 A1H8M PA . -13.30 1.22 32.74
O1 A1H8M PA . -13.50 3.63 31.72
O1 A1H8M PA . -13.83 3.49 31.58
O3 A1H8M PA . -15.59 2.57 32.78
O3 A1H8M PA . -15.27 2.79 33.67
O4 A1H8M PA . -14.62 1.90 30.45
O4 A1H8M PA . -15.46 1.67 31.40
P A1H8M PA . -14.25 2.33 31.84
P A1H8M PA . -14.46 2.31 32.30
C06 A1H8M PA . -9.62 -5.14 37.64
C06 A1H8M PA . -8.64 -5.65 37.08
C07 A1H8M PA . -8.77 -6.14 36.78
C07 A1H8M PA . -8.58 -7.16 36.65
C08 A1H8M PA . -7.59 -6.77 37.58
C08 A1H8M PA . -7.24 -7.52 35.93
C09 A1H8M PA . -6.79 -7.82 36.73
C09 A1H8M PA . -6.24 -8.26 36.88
C24 A1H8M PA . -14.76 -4.97 35.99
C24 A1H8M PA . -13.39 -5.10 33.49
C25 A1H8M PA . -14.23 -5.55 37.33
C25 A1H8M PA . -13.98 -6.42 32.88
C26 A1H8M PA . -12.82 -6.15 37.18
C26 A1H8M PA . -12.94 -7.36 32.16
C27 A1H8M PA . -12.28 -6.67 38.55
C27 A1H8M PA . -13.07 -8.88 32.53
C28 A1H8M PA . -11.94 -8.18 38.51
C28 A1H8M PA . -12.32 -9.89 31.58
C29 A1H8M PA . -10.41 -8.43 38.68
C29 A1H8M PA . -12.10 -11.32 32.22
C30 A1H8M PA . -9.84 -9.41 37.61
C30 A1H8M PA . -11.75 -12.50 31.26
C31 A1H8M PA . -8.69 -10.28 38.20
C31 A1H8M PA . -11.62 -13.87 31.99
C23 A1H8M QA . -26.46 -3.83 39.73
C22 A1H8M QA . -26.58 -2.99 38.44
C21 A1H8M QA . -25.42 -1.97 38.30
C7 A1H8M QA . -23.70 -0.75 36.92
C5 A1H8M QA . -30.50 3.78 39.68
C01 A1H8M QA . -22.54 -1.16 37.84
C02 A1H8M QA . -21.41 -1.97 37.14
C03 A1H8M QA . -20.38 -2.88 37.17
C04 A1H8M QA . -19.46 -3.93 37.88
C05 A1H8M QA . -19.69 -5.38 37.31
C6 A1H8M QA . -24.24 0.60 37.42
C1 A1H8M QA . -27.43 1.67 39.23
C2 A1H8M QA . -28.94 1.98 39.48
C3 A1H8M QA . -28.30 4.23 38.85
C4 A1H8M QA . -28.57 3.65 41.13
N21 A1H8M QA . -24.78 -1.72 37.00
N2 A1H8M QA . -29.09 3.41 39.78
O01 A1H8M QA . -21.99 0.01 38.35
O21 A1H8M QA . -25.06 -1.42 39.28
O2 A1H8M QA . -25.07 1.25 36.48
O1 A1H8M QA . -25.24 3.21 38.14
O3 A1H8M QA . -27.28 1.63 37.84
O4 A1H8M QA . -26.55 3.35 36.03
P A1H8M QA . -26.03 2.45 37.12
C06 A1H8M QA . -19.76 -6.50 38.41
C07 A1H8M QA . -18.75 -7.70 38.20
C08 A1H8M QA . -19.38 -9.12 38.35
C09 A1H8M QA . -18.32 -10.27 38.47
C10 A1H8M QA . -18.58 -11.55 37.62
C24 A1H8M QA . -25.03 -4.40 39.94
C25 A1H8M QA . -25.01 -5.66 40.83
C26 A1H8M QA . -23.56 -6.14 41.14
C27 A1H8M QA . -23.35 -7.65 40.85
C28 A1H8M QA . -21.98 -8.16 41.41
C29 A1H8M QA . -22.04 -9.69 41.70
C30 A1H8M QA . -20.64 -10.36 41.74
C31 A1H8M QA . -20.73 -11.92 41.61
C23 A1H8M RA . -2.06 -11.75 27.28
C22 A1H8M RA . -2.46 -10.93 26.01
C21 A1H8M RA . -3.44 -9.70 26.17
C7 A1H8M RA . -3.76 -7.19 26.88
C5 A1H8M RA . -4.53 -3.86 20.26
C01 A1H8M RA . -4.70 -7.30 28.06
C02 A1H8M RA . -3.88 -8.08 29.11
C03 A1H8M RA . -3.54 -8.62 30.30
C04 A1H8M RA . -3.74 -8.95 31.82
C05 A1H8M RA . -3.81 -7.58 32.55
C6 A1H8M RA . -4.59 -6.91 25.62
C1 A1H8M RA . -5.59 -4.41 22.38
C2 A1H8M RA . -4.59 -3.25 22.57
C3 A1H8M RA . -2.53 -3.01 21.30
C4 A1H8M RA . -4.38 -1.54 20.89
N21 A1H8M RA . -2.95 -8.41 26.71
N2 A1H8M RA . -4.00 -2.91 21.25
O01 A1H8M RA . -5.11 -6.02 28.45
O21 A1H8M RA . -4.57 -9.81 25.83
O2 A1H8M RA . -3.66 -6.97 24.58
O1 A1H8M RA . -4.74 -7.67 22.32
O3 A1H8M RA . -5.34 -5.36 23.38
O4 A1H8M RA . -3.03 -5.92 22.28
P A1H8M RA . -4.18 -6.50 23.07
C24 A1H8M RA . -1.08 -12.92 26.94
C25 A1H8M RA . -0.55 -13.80 28.14
C23 A1H8M SA . -22.01 -11.22 19.46
C22 A1H8M SA . -23.33 -10.50 19.07
C21 A1H8M SA . -23.16 -8.95 19.00
C7 A1H8M SA . -21.78 -7.03 17.84
C5 A1H8M SA . -27.44 -5.84 18.88
C01 A1H8M SA . -20.50 -6.74 18.61
C02 A1H8M SA . -20.05 -7.97 19.39
C03 A1H8M SA . -19.29 -9.07 19.61
C04 A1H8M SA . -18.18 -10.13 19.27
C05 A1H8M SA . -18.43 -11.36 20.21
C6 A1H8M SA . -22.93 -6.07 18.22
C1 A1H8M SA . -25.53 -4.50 17.64
C2 A1H8M SA . -26.94 -3.86 17.68
C3 A1H8M SA . -28.01 -5.68 16.61
C4 A1H8M SA . -29.21 -4.39 18.24
N21 A1H8M SA . -22.15 -8.44 18.09
N2 A1H8M SA . -27.91 -4.92 17.85
O01 A1H8M SA . -19.47 -6.47 17.73
O21 A1H8M SA . -23.84 -8.25 19.68
O2 A1H8M SA . -22.65 -4.82 17.63
O1 A1H8M SA . -22.98 -2.92 15.97
O3 A1H8M SA . -25.01 -4.45 16.35
O4 A1H8M SA . -22.81 -5.00 15.07
P A1H8M SA . -23.38 -4.32 16.23
C06 A1H8M SA . -17.91 -11.15 21.68
C07 A1H8M SA . -18.36 -12.31 22.63
C08 A1H8M SA . -18.78 -11.78 24.05
C09 A1H8M SA . -18.01 -12.50 25.21
C10 A1H8M SA . -18.53 -13.96 25.46
C11 A1H8M SA . -17.38 -14.99 25.63
C12 A1H8M SA . -17.92 -16.40 26.06
C13 A1H8M SA . -17.36 -16.87 27.43
C24 A1H8M SA . -22.25 -12.58 20.15
C25 A1H8M SA . -21.20 -13.67 19.76
C26 A1H8M SA . -21.82 -15.08 19.53
C27 A1H8M SA . -21.55 -16.11 20.68
C28 A1H8M SA . -20.59 -17.28 20.30
C29 A1H8M SA . -21.29 -18.68 20.37
C30 A1H8M SA . -20.66 -19.72 21.34
C23 A1H8M TA . -29.64 -19.41 10.51
C23 A1H8M TA . -30.50 -19.29 13.94
C22 A1H8M TA . -30.10 -18.18 9.69
C22 A1H8M TA . -30.43 -17.75 14.01
C21 A1H8M TA . -31.49 -17.63 10.11
C21 A1H8M TA . -31.82 -17.12 13.74
C7 A1H8M TA . -33.12 -16.92 12.02
C7 A1H8M TA . -33.75 -16.69 12.18
C5 A1H8M TA . -38.53 -14.60 7.46
C5 A1H8M TA . -38.46 -14.60 7.40
C01 A1H8M TA . -34.28 -17.76 11.47
C01 A1H8M TA . -34.46 -17.44 11.06
C02 A1H8M TA . -34.83 -18.73 12.55
C02 A1H8M TA . -34.26 -18.97 11.18
C03 A1H8M TA . -35.88 -19.24 13.25
C03 A1H8M TA . -34.58 -20.29 10.96
C04 A1H8M TA . -36.62 -20.14 14.31
C04 A1H8M TA . -34.30 -21.82 11.11
C05 A1H8M TA . -35.90 -21.52 14.41
C05 A1H8M TA . -32.85 -22.06 11.68
C6 A1H8M TA . -33.23 -15.43 11.63
C6 A1H8M TA . -33.51 -15.22 11.76
C1 A1H8M TA . -34.95 -14.07 7.36
C1 A1H8M TA . -34.94 -14.08 7.30
C2 A1H8M TA . -36.19 -14.87 7.81
C2 A1H8M TA . -36.14 -14.83 7.91
C3 A1H8M TA . -37.10 -12.66 7.47
C3 A1H8M TA . -37.07 -12.63 7.47
C4 A1H8M TA . -37.58 -13.85 9.48
C4 A1H8M TA . -37.66 -13.80 9.46
N21 A1H8M TA . -31.82 -17.44 11.54
N21 A1H8M TA . -32.44 -17.28 12.42
N2 A1H8M TA . -37.34 -13.98 8.05
N2 A1H8M TA . -37.32 -13.96 8.05
O01 A1H8M TA . -35.38 -16.97 11.15
O01 A1H8M TA . -35.82 -17.15 11.16
O21 A1H8M TA . -32.26 -17.37 9.24
O21 A1H8M TA . -32.37 -16.51 14.59
O2 A1H8M TA . -33.75 -15.29 10.31
O2 A1H8M TA . -34.11 -14.99 10.50
O1 A1H8M TA . -32.38 -13.14 10.10
O1 A1H8M TA . -32.38 -13.16 10.06
O3 A1H8M TA . -34.39 -13.42 8.47
O3 A1H8M TA . -34.28 -13.37 8.34
O4 A1H8M TA . -32.21 -14.77 8.31
O4 A1H8M TA . -32.37 -15.09 8.58
P A1H8M TA . -33.14 -14.13 9.30
P A1H8M TA . -33.24 -14.15 9.36
C06 A1H8M TA . -36.84 -22.73 14.05
C06 A1H8M TA . -32.09 -23.20 10.91
C07 A1H8M TA . -36.07 -24.09 14.09
C07 A1H8M TA . -31.26 -24.16 11.85
C08 A1H8M TA . -37.01 -25.29 14.41
C08 A1H8M TA . -31.01 -25.58 11.23
C09 A1H8M TA . -36.21 -26.51 15.01
C09 A1H8M TA . -29.91 -26.41 11.98
C24 A1H8M TA . -28.63 -20.30 9.74
C24 A1H8M TA . -30.26 -19.95 15.33
C25 A1H8M TA . -27.31 -20.52 10.55
C25 A1H8M TA . -28.84 -20.56 15.44
C26 A1H8M TA . -26.42 -21.66 9.94
C26 A1H8M TA . -27.83 -19.90 14.46
C27 A1H8M TA . -25.19 -21.99 10.85
C27 A1H8M TA . -26.56 -20.76 14.21
C23 A1H8M UA . -37.27 -23.99 2.18
C22 A1H8M UA . -38.71 -23.56 2.68
C21 A1H8M UA . -39.24 -22.13 2.28
C7 A1H8M UA . -39.24 -20.89 4.62
C5 A1H8M UA . -42.65 -13.38 1.67
C01 A1H8M UA . -39.65 -22.09 5.42
C02 A1H8M UA . -39.17 -21.82 6.86
C03 A1H8M UA . -38.28 -21.90 7.87
C04 A1H8M UA . -36.92 -22.34 8.52
C6 A1H8M UA . -40.19 -19.76 4.99
C1 A1H8M UA . -42.04 -16.05 2.05
C2 A1H8M UA . -43.39 -15.60 1.48
C3 A1H8M UA . -43.70 -14.43 3.53
C4 A1H8M UA . -44.97 -13.81 1.61
N21 A1H8M UA . -39.47 -21.02 3.21
N2 A1H8M UA . -43.68 -14.31 2.07
O01 A1H8M UA . -41.03 -22.19 5.42
O21 A1H8M UA . -39.58 -21.81 1.20
O2 A1H8M UA . -40.73 -19.17 3.82
O1 A1H8M UA . -39.74 -16.84 3.39
O3 A1H8M UA . -42.26 -17.05 3.02
O4 A1H8M UA . -41.13 -17.22 5.37
P A1H8M UA . -40.96 -17.55 3.91
C24 A1H8M UA . -37.04 -25.51 1.84
C25 A1H8M UA . -36.06 -26.35 2.74
C26 A1H8M UA . -34.61 -26.56 2.17
C27 A1H8M UA . -33.76 -27.78 2.63
C28 A1H8M UA . -32.23 -27.54 2.43
C29 A1H8M UA . -31.40 -28.05 3.65
C30 A1H8M UA . -29.98 -27.45 3.69
C31 A1H8M UA . -29.75 -26.53 4.93
C23 A1H8M VA . -29.31 -15.98 18.70
C23 A1H8M VA . -28.87 -16.36 17.65
C22 A1H8M VA . -29.19 -15.41 17.27
C22 A1H8M VA . -29.42 -15.37 16.59
C21 A1H8M VA . -28.85 -13.91 17.06
C21 A1H8M VA . -29.14 -13.91 17.01
C7 A1H8M VA . -27.28 -11.92 17.65
C7 A1H8M VA . -27.40 -12.07 17.46
C5 A1H8M VA . -34.85 -11.92 15.72
C5 A1H8M VA . -34.92 -12.22 16.03
C01 A1H8M VA . -27.80 -11.31 18.94
C01 A1H8M VA . -27.91 -11.80 18.87
C02 A1H8M VA . -27.37 -12.26 20.09
C02 A1H8M VA . -27.06 -12.62 19.87
C03 A1H8M VA . -26.81 -13.40 20.58
C03 A1H8M VA . -26.80 -13.59 20.79
C04 A1H8M VA . -26.33 -14.40 21.69
C04 A1H8M VA . -25.87 -14.37 21.79
C05 A1H8M VA . -27.45 -15.46 21.95
C05 A1H8M VA . -26.37 -15.84 21.96
C6 A1H8M VA . -27.86 -11.14 16.44
C6 A1H8M VA . -28.01 -11.07 16.45
C1 A1H8M VA . -31.80 -11.30 15.67
C1 A1H8M VA . -32.34 -11.15 16.44
C2 A1H8M VA . -32.78 -11.62 14.51
C2 A1H8M VA . -32.85 -11.50 15.01
C3 A1H8M VA . -33.17 -13.65 15.74
C3 A1H8M VA . -33.18 -13.83 15.54
C4 A1H8M VA . -34.41 -13.20 13.73
C4 A1H8M VA . -34.43 -12.82 13.76
N21 A1H8M VA . -27.66 -13.32 17.71
N21 A1H8M VA . -27.75 -13.43 17.07
N2 A1H8M VA . -33.81 -12.60 14.94
N2 A1H8M VA . -33.85 -12.59 15.09
O01 A1H8M VA . -27.26 -10.04 19.14
O01 A1H8M VA . -27.77 -10.46 19.19
O21 A1H8M VA . -29.61 -13.24 16.44
O21 A1H8M VA . -30.04 -13.20 17.32
O2 A1H8M VA . -29.07 -10.50 16.80
O2 A1H8M VA . -29.21 -10.52 16.93
O1 A1H8M VA . -29.66 -8.11 16.00
O1 A1H8M VA . -29.77 -8.31 15.68
O3 A1H8M VA . -31.38 -9.96 15.49
O3 A1H8M VA . -31.77 -9.87 16.39
O4 A1H8M VA . -29.07 -9.75 14.31
O4 A1H8M VA . -30.13 -10.43 14.51
P A1H8M VA . -29.78 -9.57 15.62
P A1H8M VA . -30.20 -9.75 15.85
C06 A1H8M VA . -27.05 -16.45 23.10
C06 A1H8M VA . -25.83 -16.50 23.29
C07 A1H8M VA . -25.56 -16.92 22.98
C07 A1H8M VA . -24.95 -17.78 23.00
C08 A1H8M VA . -24.95 -17.35 24.35
C08 A1H8M VA . -23.45 -17.55 23.29
C09 A1H8M VA . -23.47 -17.87 24.21
C09 A1H8M VA . -23.00 -18.16 24.68
C24 A1H8M VA . -29.82 -17.44 18.57
C24 A1H8M VA . -27.32 -16.57 17.49
C25 A1H8M VA . -30.01 -18.14 19.94
C25 A1H8M VA . -26.88 -17.82 16.67
C26 A1H8M VA . -28.68 -18.23 20.72
C26 A1H8M VA . -25.35 -18.21 16.77
C27 A1H8M VA . -28.90 -18.87 22.13
C27 A1H8M VA . -25.09 -19.74 16.99
C28 A1H8M VA . -28.06 -20.16 22.32
C28 A1H8M VA . -23.62 -20.24 16.73
C29 A1H8M VA . -26.97 -19.97 23.43
C29 A1H8M VA . -23.29 -21.64 17.38
C30 A1H8M VA . -25.57 -20.46 22.97
C30 A1H8M VA . -22.02 -22.41 16.86
C31 A1H8M VA . -24.75 -21.07 24.15
C31 A1H8M VA . -21.85 -23.81 17.52
C23 A1H8M WA . -40.82 -20.76 14.05
C22 A1H8M WA . -40.45 -19.71 12.96
C21 A1H8M WA . -39.94 -18.39 13.59
C7 A1H8M WA . -38.35 -16.42 13.60
C5 A1H8M WA . -46.57 -14.91 11.40
C01 A1H8M WA . -37.91 -16.67 15.04
C02 A1H8M WA . -36.39 -16.93 15.23
C03 A1H8M WA . -35.32 -17.46 15.90
C04 A1H8M WA . -34.67 -18.32 17.06
C05 A1H8M WA . -33.97 -19.61 16.48
C6 A1H8M WA . -39.55 -15.45 13.64
C1 A1H8M WA . -43.30 -15.84 13.01
C2 A1H8M WA . -44.63 -16.06 12.24
C3 A1H8M WA . -44.66 -13.64 12.15
C4 A1H8M WA . -45.98 -14.79 13.75
N21 A1H8M WA . -38.81 -17.66 12.98
N2 A1H8M WA . -45.46 -14.86 12.37
O01 A1H8M WA . -38.26 -15.54 15.78
O21 A1H8M WA . -40.46 -17.99 14.58
O2 A1H8M WA . -39.83 -14.87 12.38
O1 A1H8M WA . -41.67 -13.50 13.54
O3 A1H8M WA . -42.35 -15.50 12.03
O4 A1H8M WA . -41.42 -13.26 11.09
P A1H8M WA . -41.35 -14.20 12.25
C06 A1H8M WA . -34.23 -20.92 17.29
C07 A1H8M WA . -32.93 -21.67 17.78
C08 A1H8M WA . -32.93 -23.22 17.49
C09 A1H8M WA . -31.81 -23.98 18.28
C10 A1H8M WA . -31.01 -25.06 17.45
C24 A1H8M WA . -39.69 -20.90 15.12
C25 A1H8M WA . -39.72 -22.27 15.83
C26 A1H8M WA . -38.69 -22.35 16.99
C27 A1H8M WA . -37.79 -23.62 16.92
C28 A1H8M WA . -36.95 -23.82 18.21
C29 A1H8M WA . -36.58 -25.32 18.41
C30 A1H8M WA . -35.35 -25.53 19.34
C31 A1H8M WA . -34.76 -26.97 19.20
C23 A1H8M XA . -13.05 -17.89 19.91
C22 A1H8M XA . -12.91 -16.96 18.66
C21 A1H8M XA . -14.16 -16.14 18.17
C7 A1H8M XA . -15.75 -14.07 18.50
C5 A1H8M XA . -13.68 -9.68 12.84
C01 A1H8M XA . -17.08 -14.74 18.80
C02 A1H8M XA . -16.82 -15.46 20.14
C03 A1H8M XA . -17.07 -16.14 21.29
C04 A1H8M XA . -17.97 -16.86 22.34
C05 A1H8M XA . -18.98 -15.78 22.85
C6 A1H8M XA . -15.72 -13.77 16.99
C1 A1H8M XA . -15.47 -11.00 13.82
C2 A1H8M XA . -15.30 -9.67 14.60
C3 A1H8M XA . -13.19 -8.54 14.91
C4 A1H8M XA . -14.81 -7.63 13.41
N21 A1H8M XA . -14.62 -14.93 18.87
N2 A1H8M XA . -14.25 -8.87 13.94
O01 A1H8M XA . -18.08 -13.76 18.84
O21 A1H8M XA . -14.72 -16.50 17.19
O2 A1H8M XA . -14.42 -13.30 16.78
O1 A1H8M XA . -13.61 -13.75 14.34
O3 A1H8M XA . -15.52 -12.04 14.76
O4 A1H8M XA . -13.01 -11.61 15.38
P A1H8M XA . -14.09 -12.67 15.28
C24 A1H8M XA . -11.70 -18.59 20.28
C25 A1H8M XA . -11.70 -19.53 21.54
C23 A1H8M YA . -22.91 -21.50 1.23
C22 A1H8M YA . -23.90 -21.14 0.08
C21 A1H8M YA . -24.33 -19.65 0.12
C7 A1H8M YA . -23.39 -17.19 0.08
C5 A1H8M YA . -28.50 -18.01 -2.70
C01 A1H8M YA . -23.03 -16.71 1.49
C02 A1H8M YA . -22.70 -17.90 2.39
C03 A1H8M YA . -21.86 -18.74 3.06
C04 A1H8M YA . -20.48 -19.32 3.50
C05 A1H8M YA . -20.74 -20.75 4.08
C6 A1H8M YA . -24.80 -16.73 -0.35
C1 A1H8M YA . -26.91 -15.92 -2.46
C2 A1H8M YA . -28.18 -15.75 -3.32
C3 A1H8M YA . -27.63 -17.51 -4.83
C4 A1H8M YA . -29.93 -17.05 -4.32
N21 A1H8M YA . -23.25 -18.65 0.06
N2 A1H8M YA . -28.57 -17.07 -3.80
O01 A1H8M YA . -21.88 -15.94 1.46
O21 A1H8M YA . -25.46 -19.36 0.21
O2 A1H8M YA . -24.72 -15.35 -0.64
O1 A1H8M YA . -24.71 -13.30 -2.16
O3 A1H8M YA . -25.80 -15.41 -3.14
O4 A1H8M YA . -23.26 -14.96 -2.73
P A1H8M YA . -24.61 -14.78 -2.20
C06 A1H8M YA . -21.30 -20.74 5.54
C07 A1H8M YA . -21.76 -22.17 6.00
C08 A1H8M YA . -23.08 -22.14 6.83
C09 A1H8M YA . -22.94 -22.86 8.22
C10 A1H8M YA . -22.91 -24.42 8.09
C11 A1H8M YA . -21.79 -25.07 8.96
C12 A1H8M YA . -21.90 -26.63 8.97
C13 A1H8M YA . -22.13 -27.22 10.38
C24 A1H8M YA . -22.97 -23.00 1.62
C25 A1H8M YA . -21.57 -23.60 1.99
C26 A1H8M YA . -21.35 -25.04 1.43
C27 A1H8M YA . -21.45 -26.19 2.49
C28 A1H8M YA . -20.09 -26.88 2.82
C29 A1H8M YA . -20.10 -28.41 2.43
C30 A1H8M YA . -19.83 -29.42 3.60
C23 A1H8M ZA . -20.00 -29.27 -10.47
C23 A1H8M ZA . -22.67 -30.21 -8.36
C22 A1H8M ZA . -20.31 -28.07 -11.41
C22 A1H8M ZA . -23.25 -28.78 -8.27
C21 A1H8M ZA . -21.75 -28.07 -11.97
C21 A1H8M ZA . -24.32 -28.55 -9.36
C7 A1H8M ZA . -24.31 -28.35 -11.51
C7 A1H8M ZA . -24.95 -28.36 -11.80
C5 A1H8M ZA . -26.39 -26.75 -18.49
C5 A1H8M ZA . -26.30 -26.71 -18.50
C01 A1H8M ZA . -24.50 -29.34 -12.67
C01 A1H8M ZA . -24.52 -29.01 -13.11
C02 A1H8M ZA . -25.16 -30.66 -12.19
C02 A1H8M ZA . -23.86 -30.39 -12.88
C03 A1H8M ZA . -26.14 -31.61 -12.30
C03 A1H8M ZA . -23.47 -31.65 -13.24
C04 A1H8M ZA . -26.94 -32.91 -11.94
C04 A1H8M ZA . -22.77 -33.02 -12.93
C05 A1H8M ZA . -25.96 -34.00 -11.40
C05 A1H8M ZA . -21.97 -32.95 -11.58
C6 A1H8M ZA . -24.73 -26.91 -11.91
C6 A1H8M ZA . -25.09 -26.83 -11.98
C1 A1H8M ZA . -23.96 -25.17 -16.32
C1 A1H8M ZA . -23.92 -25.16 -16.35
C2 A1H8M ZA . -24.81 -26.39 -16.74
C2 A1H8M ZA . -24.85 -26.36 -16.64
C3 A1H8M ZA . -26.09 -24.53 -17.60
C3 A1H8M ZA . -26.09 -24.50 -17.58
C4 A1H8M ZA . -27.18 -26.24 -16.33
C4 A1H8M ZA . -27.24 -26.22 -16.40
N21 A1H8M ZA . -22.91 -28.33 -11.07
N21 A1H8M ZA . -23.93 -28.58 -10.77
N2 A1H8M ZA . -26.11 -25.96 -17.29
N2 A1H8M ZA . -26.11 -25.93 -17.28
O01 A1H8M ZA . -25.40 -28.87 -13.62
O01 A1H8M ZA . -25.65 -29.17 -13.90
O21 A1H8M ZA . -21.90 -27.86 -13.12
O21 A1H8M ZA . -25.45 -28.35 -9.06
O2 A1H8M ZA . -24.37 -26.63 -13.25
O2 A1H8M ZA . -24.86 -26.50 -13.34
O1 A1H8M ZA . -24.10 -24.18 -12.57
O1 A1H8M ZA . -24.06 -24.19 -12.59
O3 A1H8M ZA . -24.47 -24.66 -15.10
O3 A1H8M ZA . -24.33 -24.55 -15.13
O4 A1H8M ZA . -22.30 -25.22 -13.83
O4 A1H8M ZA . -22.45 -25.63 -13.73
P A1H8M ZA . -23.78 -25.14 -13.67
P A1H8M ZA . -23.89 -25.20 -13.68
C06 A1H8M ZA . -25.97 -35.31 -12.26
C06 A1H8M ZA . -20.55 -33.60 -11.69
C07 A1H8M ZA . -24.92 -36.35 -11.73
C07 A1H8M ZA . -20.14 -34.46 -10.43
C08 A1H8M ZA . -25.33 -37.81 -12.06
C08 A1H8M ZA . -19.06 -35.55 -10.73
C09 A1H8M ZA . -24.65 -38.85 -11.09
C09 A1H8M ZA . -18.40 -36.16 -9.44
C24 A1H8M ZA . -18.48 -29.60 -10.41
C24 A1H8M ZA . -23.07 -31.07 -7.13
C25 A1H8M ZA . -17.93 -29.61 -8.97
C25 A1H8M ZA . -21.88 -31.24 -6.14
C26 A1H8M ZA . -16.51 -30.25 -8.85
C26 A1H8M ZA . -20.84 -30.09 -6.26
C27 A1H8M ZA . -16.04 -30.40 -7.38
C27 A1H8M ZA . -19.45 -30.46 -5.65
C23 A1H8M AB . -18.82 -33.82 -21.71
C22 A1H8M AB . -20.29 -33.97 -22.24
C21 A1H8M AB . -21.00 -32.71 -22.90
C7 A1H8M AB . -22.84 -32.11 -21.10
C5 A1H8M AB . -26.38 -25.48 -25.59
C01 A1H8M AB . -23.14 -33.54 -20.72
C02 A1H8M AB . -23.74 -33.48 -19.31
C03 A1H8M AB . -23.68 -33.53 -17.96
C04 A1H8M AB . -22.91 -33.67 -16.60
C6 A1H8M AB . -24.17 -31.43 -21.42
C1 A1H8M AB . -25.16 -27.87 -24.89
C2 A1H8M AB . -25.96 -27.72 -26.19
C3 A1H8M AB . -27.82 -27.21 -24.81
C4 A1H8M AB . -27.85 -26.57 -27.11
N21 A1H8M AB . -22.12 -31.97 -22.33
N2 A1H8M AB . -27.01 -26.75 -25.93
O01 A1H8M AB . -24.09 -34.04 -21.60
O21 A1H8M AB . -20.73 -32.26 -23.95
O2 A1H8M AB . -24.08 -30.78 -22.67
O1 A1H8M AB . -24.01 -28.22 -22.39
O3 A1H8M AB . -25.51 -29.09 -24.27
O4 A1H8M AB . -26.02 -29.46 -21.74
P A1H8M AB . -24.91 -29.36 -22.76
C24 A1H8M AB . -17.88 -35.08 -21.82
C25 A1H8M AB . -17.39 -35.78 -20.50
C26 A1H8M AB . -15.93 -35.40 -20.02
C27 A1H8M AB . -15.13 -36.39 -19.12
C28 A1H8M AB . -14.02 -35.66 -18.30
C29 A1H8M AB . -13.95 -36.18 -16.84
C30 A1H8M AB . -13.18 -35.20 -15.91
C31 A1H8M AB . -14.10 -34.57 -14.81
C23 A1H8M BB . -25.88 -27.91 -3.94
C23 A1H8M BB . -24.80 -27.89 -4.48
C22 A1H8M BB . -25.15 -27.01 -4.98
C22 A1H8M BB . -24.95 -26.89 -5.66
C21 A1H8M BB . -25.37 -25.47 -4.95
C21 A1H8M BB . -25.55 -25.55 -5.16
C7 A1H8M BB . -25.35 -23.30 -3.51
C7 A1H8M BB . -25.28 -23.43 -3.73
C5 A1H8M BB . -29.62 -25.11 -9.79
C5 A1H8M BB . -29.74 -25.48 -9.60
C01 A1H8M BB . -26.71 -23.19 -2.84
C01 A1H8M BB . -26.57 -23.67 -2.95
C02 A1H8M BB . -26.72 -24.22 -1.67
C02 A1H8M BB . -26.23 -24.41 -1.64
C03 A1H8M BB . -26.16 -25.22 -0.92
C03 A1H8M BB . -26.21 -25.45 -0.76
C04 A1H8M BB . -26.12 -26.27 0.24
C04 A1H8M BB . -25.83 -26.12 0.61
C05 A1H8M BB . -26.66 -27.64 -0.26
C05 A1H8M BB . -25.74 -27.67 0.44
C6 A1H8M BB . -25.34 -22.47 -4.81
C6 A1H8M BB . -25.48 -22.46 -4.90
C1 A1H8M BB . -27.65 -23.61 -7.91
C1 A1H8M BB . -28.54 -23.82 -7.65
C2 A1H8M BB . -27.55 -23.93 -9.42
C2 A1H8M BB . -27.95 -23.96 -9.08
C3 A1H8M BB . -27.78 -26.21 -8.70
C3 A1H8M BB . -27.60 -26.33 -8.86
C4 A1H8M BB . -27.65 -25.70 -11.04
C4 A1H8M BB . -27.84 -25.36 -11.03
N21 A1H8M BB . -25.12 -24.73 -3.69
N21 A1H8M BB . -24.76 -24.70 -4.25
N2 A1H8M BB . -28.16 -25.24 -9.73
N2 A1H8M BB . -28.29 -25.28 -9.64
O01 A1H8M BB . -26.93 -21.91 -2.35
O01 A1H8M BB . -27.15 -22.46 -2.64
O21 A1H8M BB . -25.80 -24.93 -5.91
O21 A1H8M BB . -26.64 -25.24 -5.50
O2 A1H8M BB . -26.66 -22.32 -5.31
O2 A1H8M BB . -26.84 -22.41 -5.29
O1 A1H8M BB . -27.53 -20.10 -6.32
O1 A1H8M BB . -27.33 -20.24 -6.64
O3 A1H8M BB . -27.75 -22.21 -7.78
O3 A1H8M BB . -28.59 -22.44 -7.33
O4 A1H8M BB . -25.49 -21.05 -7.25
O4 A1H8M BB . -26.11 -22.04 -7.75
P A1H8M BB . -26.84 -21.40 -6.68
P A1H8M BB . -27.20 -21.74 -6.76
C06 A1H8M BB . -26.66 -28.71 0.89
C06 A1H8M BB . -25.88 -28.43 1.81
C07 A1H8M BB . -25.35 -28.67 1.75
C07 A1H8M BB . -24.61 -29.29 2.15
C08 A1H8M BB . -25.56 -29.20 3.20
C08 A1H8M BB . -23.79 -28.69 3.34
C09 A1H8M BB . -24.22 -29.21 4.02
C09 A1H8M BB . -24.05 -29.45 4.68
C24 A1H8M BB . -25.60 -29.38 -4.36
C24 A1H8M BB . -23.52 -27.58 -3.61
C25 A1H8M BB . -26.29 -30.41 -3.41
C25 A1H8M BB . -22.24 -28.41 -3.97
C26 A1H8M BB . -25.76 -30.28 -1.96
C26 A1H8M BB . -21.07 -28.35 -2.93
C27 A1H8M BB . -26.50 -31.27 -1.01
C27 A1H8M BB . -20.43 -29.73 -2.57
C28 A1H8M BB . -25.53 -32.26 -0.32
C28 A1H8M BB . -19.03 -29.69 -1.84
C29 A1H8M BB . -25.47 -32.02 1.22
C29 A1H8M BB . -18.65 -31.04 -1.12
C30 A1H8M BB . -24.01 -31.95 1.76
C30 A1H8M BB . -17.15 -31.25 -0.71
C31 A1H8M BB . -23.89 -32.54 3.19
C31 A1H8M BB . -16.88 -32.65 -0.07
C23 A1H8M CB . -29.56 -34.67 -14.79
C22 A1H8M CB . -29.05 -33.34 -15.41
C21 A1H8M CB . -29.55 -32.11 -14.61
C7 A1H8M CB . -29.18 -29.82 -13.61
C5 A1H8M CB . -34.33 -30.35 -20.52
C01 A1H8M CB . -29.61 -30.26 -12.21
C02 A1H8M CB . -28.53 -30.08 -11.10
C03 A1H8M CB . -27.96 -30.42 -9.90
C04 A1H8M CB . -27.85 -31.30 -8.60
C05 A1H8M CB . -26.51 -32.13 -8.59
C6 A1H8M CB . -30.41 -29.28 -14.34
C1 A1H8M CB . -32.57 -30.61 -17.21
C2 A1H8M CB . -33.00 -31.04 -18.64
C3 A1H8M CB . -33.88 -28.79 -18.75
C4 A1H8M CB . -35.32 -30.62 -18.34
N21 A1H8M CB . -28.66 -30.95 -14.37
N2 A1H8M CB . -34.13 -30.20 -19.07
O01 A1H8M CB . -30.72 -29.49 -11.87
O21 A1H8M CB . -30.65 -32.13 -14.18
O2 A1H8M CB . -30.09 -28.54 -15.51
O1 A1H8M CB . -32.62 -28.10 -15.78
O3 A1H8M CB . -31.45 -29.79 -17.37
O4 A1H8M CB . -31.09 -27.23 -17.53
P A1H8M CB . -31.36 -28.34 -16.57
C06 A1H8M CB . -26.69 -33.62 -8.11
C07 A1H8M CB . -25.76 -34.04 -6.92
C08 A1H8M CB . -25.01 -35.40 -7.11
C09 A1H8M CB . -24.38 -35.96 -5.79
C10 A1H8M CB . -22.91 -36.52 -5.92
C24 A1H8M CB . -29.33 -34.72 -13.25
C25 A1H8M CB . -29.25 -36.17 -12.71
C26 A1H8M CB . -29.16 -36.20 -11.15
C27 A1H8M CB . -27.99 -37.09 -10.64
C28 A1H8M CB . -28.07 -37.33 -9.10
C29 A1H8M CB . -27.36 -38.65 -8.70
C30 A1H8M CB . -26.95 -38.70 -7.20
C31 A1H8M CB . -25.89 -39.82 -6.93
C23 A1H8M DB . -14.24 -25.11 7.29
C22 A1H8M DB . -13.76 -23.92 6.41
C21 A1H8M DB . -14.67 -23.42 5.23
C7 A1H8M DB . -16.79 -22.06 4.45
C5 A1H8M DB . -13.65 -16.05 1.36
C01 A1H8M DB . -17.66 -23.15 3.86
C02 A1H8M DB . -17.99 -24.04 5.07
C03 A1H8M DB . -18.59 -25.02 5.80
C04 A1H8M DB . -19.58 -26.20 6.05
C05 A1H8M DB . -21.01 -25.62 5.80
C6 A1H8M DB . -16.00 -21.41 3.32
C1 A1H8M DB . -15.01 -18.03 1.00
C2 A1H8M DB . -15.85 -16.93 1.69
C3 A1H8M DB . -14.95 -15.33 3.27
C4 A1H8M DB . -15.58 -14.62 1.07
N21 A1H8M DB . -15.87 -22.59 5.49
N2 A1H8M DB . -15.00 -15.73 1.85
O01 A1H8M DB . -18.78 -22.55 3.25
O21 A1H8M DB . -14.36 -23.69 4.12
O2 A1H8M DB . -15.11 -20.54 3.96
O1 A1H8M DB . -12.93 -20.14 2.60
O3 A1H8M DB . -15.21 -19.23 1.70
O4 A1H8M DB . -13.93 -18.23 3.77
P A1H8M DB . -14.24 -19.51 3.01
C24 A1H8M DB . -13.23 -25.45 8.43
C25 A1H8M DB . -13.61 -26.61 9.43
#